data_9DTS
#
_entry.id   9DTS
#
_cell.length_a   66.110
_cell.length_b   87.314
_cell.length_c   93.159
_cell.angle_alpha   95.220
_cell.angle_beta   105.290
_cell.angle_gamma   108.350
#
_symmetry.space_group_name_H-M   'P 1'
#
loop_
_entity.id
_entity.type
_entity.pdbx_description
1 polymer 'Eukaryotic initiation factor 4A-I'
2 polymer "RNA (5'-R(P*AP*GP*AP*GP*AP*GP*AP*G)-3')"
3 non-polymer 'MAGNESIUM ION'
4 non-polymer 'PHOSPHOAMINOPHOSPHONIC ACID-ADENYLATE ESTER'
5 non-polymer "(3aR,4R,5S,5aR,10bR)-3a-hydroxy-N,8,10-trimethoxy-5a-(4-methoxyphenyl)-N,2-dimethyl-5-phenyl-3a,4,5,5a-tetrahydro-1H-[1]benzofuro[3',2':1,5]cyclopenta[1,2-d]imidazole-4-carboxamide"
6 water water
#
loop_
_entity_poly.entity_id
_entity_poly.type
_entity_poly.pdbx_seq_one_letter_code
_entity_poly.pdbx_strand_id
1 'polypeptide(L)'
;SSGVIESNWNEIVDSFDDMNLSESLLRGIYAYGFEKPSAIQQRAILPCIKGYDVIAQAQSGTGKTATFAISILQQIELDL
KATQALVLAPTRELAQQIQKVVMALGDYMGASCHACIGGTNVRAEVQKLQMEAPHIIVGTPGRVFDMLNRRYLSPKYIKM
FVLDEADEMLSRGFKDQIYDIFQKLNSNTQVVLLSATMPSDVLEVTKKFMRDPIRILVKKEELTLEGIRQFYINVEREEW
KLDTLCDLYETLTITQAVIFINTRRKVDWLTEKMHARDFTVSAMHGDMDQKERDVIMREFRSGSSRVLITTDLLARGIDV
QQVSLVINYDLPTNRENYIHRIGRGGRFGRKGVAINMVTEEDKRTLRDIETFYNTSIEEMPLNVADLI
;
A,B,C,D
2 'polyribonucleotide' AGAGAGAGAG W,X,Y,Z
#
loop_
_chem_comp.id
_chem_comp.type
_chem_comp.name
_chem_comp.formula
A RNA linking ADENOSINE-5'-MONOPHOSPHATE 'C10 H14 N5 O7 P'
A1BB1 non-polymer (3aR,4R,5S,5aR,10bR)-3a-hydroxy-N,8,10-trimethoxy-5a-(4-methoxyphenyl)-N,2-dimethyl-5-phenyl-3a,4,5,5a-tetrahydro-1H-[1]benzofuro[3',2':1,5]cyclopenta[1,2-d]imidazole-4-carboxamide 'C31 H33 N3 O7'
ANP non-polymer 'PHOSPHOAMINOPHOSPHONIC ACID-ADENYLATE ESTER' 'C10 H17 N6 O12 P3'
G RNA linking GUANOSINE-5'-MONOPHOSPHATE 'C10 H14 N5 O8 P'
MG non-polymer 'MAGNESIUM ION' 'Mg 2'
#
# COMPACT_ATOMS: atom_id res chain seq x y z
N GLU A 11 27.05 0.72 -29.31
CA GLU A 11 26.12 1.13 -28.26
C GLU A 11 24.97 1.97 -28.78
N ILE A 12 25.17 2.59 -29.94
CA ILE A 12 24.14 3.35 -30.64
C ILE A 12 24.13 2.86 -32.07
N VAL A 13 23.01 2.32 -32.51
CA VAL A 13 22.89 1.68 -33.82
C VAL A 13 21.65 2.24 -34.47
N ASP A 14 21.82 3.11 -35.46
CA ASP A 14 20.75 3.95 -35.97
C ASP A 14 20.00 3.33 -37.14
N SER A 15 20.24 2.07 -37.46
CA SER A 15 19.53 1.37 -38.53
C SER A 15 19.15 -0.05 -38.12
N PHE A 16 17.89 -0.41 -38.34
CA PHE A 16 17.49 -1.80 -38.14
C PHE A 16 18.37 -2.74 -38.96
N ASP A 17 18.89 -2.27 -40.09
CA ASP A 17 19.72 -3.08 -40.97
C ASP A 17 21.07 -3.45 -40.36
N ASP A 18 21.47 -2.76 -39.27
CA ASP A 18 22.78 -2.93 -38.64
C ASP A 18 22.69 -3.64 -37.30
N MET A 19 21.59 -4.33 -37.03
CA MET A 19 21.37 -5.01 -35.75
C MET A 19 21.50 -6.53 -35.86
N ASN A 20 21.85 -7.05 -37.04
CA ASN A 20 22.07 -8.48 -37.22
C ASN A 20 20.78 -9.27 -37.00
N LEU A 21 19.66 -8.70 -37.43
CA LEU A 21 18.36 -9.34 -37.32
C LEU A 21 18.14 -10.30 -38.50
N SER A 22 17.35 -11.34 -38.25
CA SER A 22 17.02 -12.27 -39.33
C SER A 22 16.22 -11.58 -40.42
N GLU A 23 16.28 -12.13 -41.65
CA GLU A 23 15.62 -11.48 -42.77
C GLU A 23 14.12 -11.42 -42.57
N SER A 24 13.54 -12.46 -41.97
CA SER A 24 12.08 -12.49 -41.76
C SER A 24 11.66 -11.46 -40.72
N LEU A 25 12.46 -11.29 -39.69
CA LEU A 25 12.18 -10.24 -38.68
C LEU A 25 12.24 -8.86 -39.30
N LEU A 26 13.32 -8.57 -40.04
CA LEU A 26 13.37 -7.30 -40.76
C LEU A 26 12.21 -7.15 -41.71
N ARG A 27 11.79 -8.21 -42.42
CA ARG A 27 10.64 -8.02 -43.31
C ARG A 27 9.42 -7.59 -42.52
N GLY A 28 9.23 -8.19 -41.35
CA GLY A 28 8.09 -7.84 -40.54
C GLY A 28 8.17 -6.42 -39.97
N ILE A 29 9.35 -6.00 -39.54
CA ILE A 29 9.55 -4.61 -39.05
C ILE A 29 9.17 -3.61 -40.14
N TYR A 30 9.74 -3.80 -41.35
CA TYR A 30 9.44 -2.87 -42.43
C TYR A 30 7.99 -2.93 -42.88
N ALA A 31 7.36 -4.13 -42.89
CA ALA A 31 5.96 -4.22 -43.28
C ALA A 31 5.03 -3.50 -42.33
N TYR A 32 5.39 -3.40 -41.04
CA TYR A 32 4.55 -2.75 -40.03
C TYR A 32 4.59 -1.24 -40.20
N GLY A 33 5.59 -0.74 -40.94
CA GLY A 33 5.72 0.67 -41.24
C GLY A 33 6.83 1.40 -40.51
N PHE A 34 7.68 0.70 -39.76
CA PHE A 34 8.85 1.34 -39.18
C PHE A 34 9.88 1.56 -40.28
N GLU A 35 10.65 2.61 -40.13
CA GLU A 35 11.73 2.83 -41.09
C GLU A 35 13.08 2.97 -40.42
N LYS A 36 13.17 3.72 -39.32
CA LYS A 36 14.41 3.90 -38.58
C LYS A 36 14.08 3.71 -37.11
N PRO A 37 14.98 3.13 -36.34
CA PRO A 37 14.68 2.90 -34.93
C PRO A 37 14.61 4.20 -34.14
N SER A 38 13.75 4.18 -33.13
CA SER A 38 13.67 5.27 -32.17
C SER A 38 14.94 5.34 -31.32
N ALA A 39 15.08 6.42 -30.54
CA ALA A 39 16.27 6.55 -29.72
C ALA A 39 16.43 5.37 -28.77
N ILE A 40 15.35 4.96 -28.12
CA ILE A 40 15.49 3.86 -27.18
C ILE A 40 15.80 2.56 -27.92
N GLN A 41 15.23 2.36 -29.10
CA GLN A 41 15.52 1.15 -29.89
C GLN A 41 17.00 1.06 -30.27
N GLN A 42 17.62 2.22 -30.59
CA GLN A 42 19.02 2.27 -30.99
C GLN A 42 19.96 1.92 -29.83
N ARG A 43 19.49 2.08 -28.60
CA ARG A 43 20.29 1.78 -27.42
C ARG A 43 19.99 0.41 -26.81
N ALA A 44 18.73 -0.02 -26.82
CA ALA A 44 18.38 -1.15 -25.98
C ALA A 44 18.18 -2.46 -26.72
N ILE A 45 17.89 -2.44 -28.02
CA ILE A 45 17.58 -3.71 -28.68
C ILE A 45 18.77 -4.67 -28.58
N LEU A 46 19.97 -4.16 -28.89
CA LEU A 46 21.13 -5.08 -28.98
C LEU A 46 21.55 -5.68 -27.65
N PRO A 47 21.66 -4.95 -26.55
CA PRO A 47 21.96 -5.64 -25.30
C PRO A 47 20.88 -6.63 -24.89
N CYS A 48 19.61 -6.35 -25.23
CA CYS A 48 18.57 -7.35 -24.97
C CYS A 48 18.79 -8.60 -25.83
N ILE A 49 19.03 -8.42 -27.12
CA ILE A 49 19.28 -9.60 -27.98
C ILE A 49 20.42 -10.44 -27.43
N LYS A 50 21.46 -9.79 -26.90
CA LYS A 50 22.67 -10.46 -26.44
C LYS A 50 22.49 -11.16 -25.11
N GLY A 51 21.37 -11.00 -24.42
CA GLY A 51 21.13 -11.76 -23.22
C GLY A 51 21.38 -11.02 -21.91
N TYR A 52 21.75 -9.74 -21.94
CA TYR A 52 21.98 -8.97 -20.74
C TYR A 52 20.64 -8.66 -20.05
N ASP A 53 20.67 -8.64 -18.71
CA ASP A 53 19.59 -7.99 -17.96
C ASP A 53 19.65 -6.48 -18.23
N VAL A 54 18.49 -5.88 -18.51
CA VAL A 54 18.43 -4.52 -18.99
C VAL A 54 17.29 -3.80 -18.28
N ILE A 55 17.54 -2.57 -17.87
CA ILE A 55 16.53 -1.64 -17.42
C ILE A 55 16.48 -0.52 -18.45
N ALA A 56 15.36 -0.41 -19.12
CA ALA A 56 15.21 0.50 -20.25
C ALA A 56 14.14 1.50 -19.93
N GLN A 57 14.53 2.74 -19.71
CA GLN A 57 13.60 3.84 -19.52
C GLN A 57 13.67 4.82 -20.69
N ALA A 58 12.51 5.30 -21.12
CA ALA A 58 12.45 6.29 -22.17
C ALA A 58 11.09 6.97 -22.11
N GLN A 59 11.03 8.16 -22.73
CA GLN A 59 9.84 8.97 -22.75
C GLN A 59 8.64 8.22 -23.31
N SER A 60 7.45 8.62 -22.87
CA SER A 60 6.21 8.04 -23.37
C SER A 60 6.15 8.13 -24.89
N GLY A 61 5.71 7.04 -25.52
CA GLY A 61 5.45 7.03 -26.93
C GLY A 61 6.67 6.93 -27.81
N THR A 62 7.80 6.50 -27.29
CA THR A 62 9.05 6.48 -28.08
C THR A 62 9.37 5.10 -28.62
N GLY A 63 8.51 4.12 -28.36
CA GLY A 63 8.68 2.78 -28.92
C GLY A 63 9.23 1.69 -28.03
N LYS A 64 8.91 1.70 -26.72
CA LYS A 64 9.44 0.66 -25.84
C LYS A 64 8.84 -0.71 -26.18
N THR A 65 7.61 -0.79 -26.67
CA THR A 65 7.04 -2.09 -27.04
C THR A 65 7.90 -2.82 -28.06
N ALA A 66 8.20 -2.16 -29.18
CA ALA A 66 9.00 -2.84 -30.20
C ALA A 66 10.41 -3.10 -29.73
N THR A 67 10.93 -2.31 -28.78
CA THR A 67 12.24 -2.60 -28.22
C THR A 67 12.30 -4.02 -27.64
N PHE A 68 11.31 -4.40 -26.81
CA PHE A 68 11.39 -5.74 -26.30
C PHE A 68 10.83 -6.74 -27.31
N ALA A 69 9.85 -6.33 -28.12
CA ALA A 69 9.28 -7.27 -29.07
C ALA A 69 10.35 -7.75 -30.06
N ILE A 70 11.06 -6.81 -30.66
CA ILE A 70 12.09 -7.20 -31.62
C ILE A 70 13.17 -8.04 -30.93
N SER A 71 13.59 -7.67 -29.72
CA SER A 71 14.63 -8.46 -29.06
C SER A 71 14.18 -9.90 -28.77
N ILE A 72 12.93 -10.10 -28.29
CA ILE A 72 12.46 -11.44 -28.01
C ILE A 72 12.39 -12.26 -29.30
N LEU A 73 11.83 -11.66 -30.35
CA LEU A 73 11.65 -12.36 -31.61
C LEU A 73 12.98 -12.84 -32.15
N GLN A 74 14.02 -12.01 -32.05
CA GLN A 74 15.31 -12.39 -32.61
C GLN A 74 15.90 -13.58 -31.88
N GLN A 75 15.59 -13.75 -30.58
CA GLN A 75 16.08 -14.83 -29.75
C GLN A 75 15.30 -16.14 -29.88
N ILE A 76 14.14 -16.15 -30.51
CA ILE A 76 13.29 -17.34 -30.49
C ILE A 76 13.95 -18.43 -31.33
N GLU A 77 14.01 -19.64 -30.79
CA GLU A 77 14.35 -20.84 -31.57
C GLU A 77 13.04 -21.38 -32.15
N LEU A 78 12.79 -21.07 -33.43
CA LEU A 78 11.48 -21.32 -34.00
C LEU A 78 11.15 -22.81 -34.02
N ASP A 79 12.16 -23.66 -34.24
CA ASP A 79 11.91 -25.10 -34.30
C ASP A 79 11.69 -25.72 -32.93
N LEU A 80 11.93 -24.99 -31.85
CA LEU A 80 11.66 -25.48 -30.49
C LEU A 80 10.21 -25.16 -30.16
N LYS A 81 9.38 -26.20 -30.04
CA LYS A 81 7.95 -26.01 -29.82
C LYS A 81 7.70 -25.91 -28.31
N ALA A 82 8.21 -24.83 -27.73
CA ALA A 82 8.06 -24.60 -26.32
C ALA A 82 8.06 -23.09 -26.10
N THR A 83 7.55 -22.72 -24.93
CA THR A 83 7.49 -21.32 -24.53
C THR A 83 8.87 -20.86 -24.07
N GLN A 84 9.38 -19.78 -24.69
CA GLN A 84 10.73 -19.32 -24.52
C GLN A 84 10.83 -17.92 -23.93
N ALA A 85 9.70 -17.18 -23.90
CA ALA A 85 9.68 -15.81 -23.42
C ALA A 85 8.32 -15.49 -22.81
N LEU A 86 8.35 -14.75 -21.69
CA LEU A 86 7.13 -14.36 -20.97
C LEU A 86 7.19 -12.85 -20.73
N VAL A 87 6.14 -12.15 -21.17
CA VAL A 87 5.98 -10.71 -20.99
C VAL A 87 4.79 -10.49 -20.07
N LEU A 88 4.97 -9.69 -19.03
CA LEU A 88 3.86 -9.32 -18.17
C LEU A 88 3.56 -7.84 -18.29
N ALA A 89 2.28 -7.51 -18.25
CA ALA A 89 1.76 -6.16 -18.26
C ALA A 89 0.72 -6.01 -17.18
N PRO A 90 0.50 -4.78 -16.68
CA PRO A 90 -0.44 -4.61 -15.55
C PRO A 90 -1.90 -4.69 -15.89
N THR A 91 -2.30 -4.50 -17.15
CA THR A 91 -3.68 -4.55 -17.51
C THR A 91 -3.92 -5.47 -18.70
N ARG A 92 -5.15 -5.91 -18.77
CA ARG A 92 -5.58 -6.79 -19.87
C ARG A 92 -5.53 -6.05 -21.20
N GLU A 93 -5.93 -4.76 -21.21
CA GLU A 93 -5.96 -4.03 -22.47
C GLU A 93 -4.55 -3.85 -22.98
N LEU A 94 -3.60 -3.59 -22.06
CA LEU A 94 -2.22 -3.39 -22.49
C LEU A 94 -1.65 -4.70 -22.98
N ALA A 95 -1.88 -5.81 -22.26
CA ALA A 95 -1.41 -7.10 -22.73
C ALA A 95 -1.92 -7.43 -24.11
N GLN A 96 -3.22 -7.20 -24.37
CA GLN A 96 -3.79 -7.49 -25.69
C GLN A 96 -3.08 -6.67 -26.76
N GLN A 97 -2.84 -5.39 -26.46
CA GLN A 97 -2.16 -4.51 -27.41
C GLN A 97 -0.74 -4.98 -27.71
N ILE A 98 0.03 -5.35 -26.69
CA ILE A 98 1.39 -5.87 -26.90
C ILE A 98 1.36 -7.13 -27.75
N GLN A 99 0.42 -8.03 -27.47
CA GLN A 99 0.35 -9.29 -28.24
C GLN A 99 0.16 -9.01 -29.74
N LYS A 100 -0.64 -8.02 -30.07
CA LYS A 100 -0.87 -7.71 -31.48
C LYS A 100 0.41 -7.16 -32.12
N VAL A 101 1.16 -6.33 -31.39
CA VAL A 101 2.40 -5.78 -31.92
C VAL A 101 3.40 -6.90 -32.15
N VAL A 102 3.50 -7.83 -31.20
CA VAL A 102 4.47 -8.89 -31.30
C VAL A 102 4.10 -9.77 -32.48
N MET A 103 2.81 -10.07 -32.63
CA MET A 103 2.36 -10.91 -33.74
C MET A 103 2.65 -10.24 -35.08
N ALA A 104 2.41 -8.93 -35.17
CA ALA A 104 2.67 -8.20 -36.41
C ALA A 104 4.15 -8.18 -36.73
N LEU A 105 5.00 -7.85 -35.75
CA LEU A 105 6.45 -7.80 -36.04
C LEU A 105 7.00 -9.17 -36.41
N GLY A 106 6.40 -10.26 -35.93
CA GLY A 106 6.91 -11.60 -36.20
C GLY A 106 6.11 -12.31 -37.29
N ASP A 107 5.34 -11.55 -38.06
CA ASP A 107 4.39 -12.15 -39.02
C ASP A 107 5.09 -13.06 -40.05
N TYR A 108 6.19 -12.61 -40.60
CA TYR A 108 7.00 -13.41 -41.55
C TYR A 108 7.81 -14.53 -40.89
N MET A 109 7.98 -14.57 -39.55
CA MET A 109 8.72 -15.62 -38.88
C MET A 109 7.87 -16.80 -38.44
N GLY A 110 6.56 -16.66 -38.36
CA GLY A 110 5.81 -17.71 -37.70
C GLY A 110 6.22 -17.99 -36.25
N ALA A 111 6.60 -16.96 -35.51
CA ALA A 111 6.64 -17.11 -34.05
C ALA A 111 5.21 -17.08 -33.53
N SER A 112 4.91 -17.96 -32.59
CA SER A 112 3.58 -18.00 -31.97
C SER A 112 3.60 -17.11 -30.73
N CYS A 113 2.57 -16.29 -30.57
CA CYS A 113 2.43 -15.39 -29.43
C CYS A 113 1.00 -15.49 -28.93
N HIS A 114 0.85 -15.86 -27.66
CA HIS A 114 -0.44 -16.16 -27.03
C HIS A 114 -0.64 -15.20 -25.88
N ALA A 115 -1.84 -14.61 -25.82
CA ALA A 115 -2.24 -13.76 -24.69
C ALA A 115 -2.81 -14.61 -23.57
N CYS A 116 -2.23 -14.49 -22.39
CA CYS A 116 -2.62 -15.21 -21.18
C CYS A 116 -3.13 -14.16 -20.20
N ILE A 117 -4.44 -13.88 -20.29
CA ILE A 117 -5.04 -12.74 -19.62
C ILE A 117 -6.39 -13.09 -18.99
N GLY A 118 -6.68 -12.43 -17.87
CA GLY A 118 -7.95 -12.63 -17.21
C GLY A 118 -9.10 -12.15 -18.07
N GLY A 119 -10.29 -12.54 -17.64
CA GLY A 119 -11.51 -12.18 -18.34
C GLY A 119 -11.75 -12.94 -19.62
N THR A 120 -10.89 -13.91 -19.96
CA THR A 120 -11.10 -14.75 -21.14
C THR A 120 -11.54 -16.11 -20.66
N ASN A 121 -12.11 -16.90 -21.57
CA ASN A 121 -12.66 -18.17 -21.15
C ASN A 121 -11.53 -19.14 -20.83
N VAL A 122 -11.51 -19.65 -19.59
CA VAL A 122 -10.36 -20.45 -19.15
C VAL A 122 -10.33 -21.81 -19.84
N ARG A 123 -11.50 -22.43 -20.01
CA ARG A 123 -11.53 -23.74 -20.65
C ARG A 123 -10.94 -23.65 -22.05
N ALA A 124 -11.30 -22.60 -22.80
CA ALA A 124 -10.76 -22.45 -24.15
C ALA A 124 -9.26 -22.25 -24.15
N GLU A 125 -8.73 -21.48 -23.18
CA GLU A 125 -7.28 -21.32 -23.09
C GLU A 125 -6.61 -22.64 -22.73
N VAL A 126 -7.18 -23.36 -21.76
CA VAL A 126 -6.62 -24.65 -21.38
C VAL A 126 -6.60 -25.60 -22.57
N GLN A 127 -7.64 -25.58 -23.38
CA GLN A 127 -7.67 -26.48 -24.53
C GLN A 127 -6.61 -26.09 -25.55
N LYS A 128 -6.36 -24.79 -25.72
CA LYS A 128 -5.29 -24.37 -26.60
C LYS A 128 -3.93 -24.75 -26.04
N LEU A 129 -3.70 -24.53 -24.72
CA LEU A 129 -2.40 -24.81 -24.15
C LEU A 129 -2.13 -26.30 -23.92
N GLN A 130 -3.18 -27.11 -23.76
CA GLN A 130 -3.00 -28.56 -23.75
C GLN A 130 -2.38 -29.06 -25.04
N MET A 131 -2.66 -28.38 -26.15
CA MET A 131 -2.29 -28.80 -27.49
C MET A 131 -0.99 -28.15 -27.97
N GLU A 132 -0.83 -26.85 -27.72
CA GLU A 132 0.30 -26.07 -28.23
C GLU A 132 1.06 -25.40 -27.10
N ALA A 133 2.37 -25.25 -27.28
CA ALA A 133 3.20 -24.44 -26.37
C ALA A 133 3.61 -23.16 -27.12
N PRO A 134 2.90 -22.05 -26.95
CA PRO A 134 3.25 -20.84 -27.69
C PRO A 134 4.69 -20.42 -27.38
N HIS A 135 5.39 -19.92 -28.41
CA HIS A 135 6.77 -19.46 -28.24
C HIS A 135 6.86 -18.30 -27.24
N ILE A 136 5.90 -17.38 -27.29
CA ILE A 136 5.91 -16.13 -26.55
C ILE A 136 4.57 -16.00 -25.84
N ILE A 137 4.60 -15.78 -24.54
CA ILE A 137 3.41 -15.50 -23.78
C ILE A 137 3.41 -14.05 -23.42
N VAL A 138 2.31 -13.34 -23.70
CA VAL A 138 2.09 -11.99 -23.21
C VAL A 138 0.89 -12.08 -22.27
N GLY A 139 1.07 -11.65 -21.05
CA GLY A 139 -0.02 -11.83 -20.12
C GLY A 139 -0.08 -10.86 -18.94
N THR A 140 -1.16 -11.02 -18.18
CA THR A 140 -1.33 -10.33 -16.90
C THR A 140 -1.02 -11.31 -15.76
N PRO A 141 -0.65 -10.83 -14.58
CA PRO A 141 -0.05 -11.74 -13.58
C PRO A 141 -0.99 -12.81 -13.06
N GLY A 142 -2.23 -12.47 -12.82
CA GLY A 142 -3.17 -13.44 -12.28
C GLY A 142 -3.36 -14.68 -13.12
N ARG A 143 -3.59 -14.52 -14.42
CA ARG A 143 -3.88 -15.66 -15.28
C ARG A 143 -2.61 -16.44 -15.56
N VAL A 144 -1.48 -15.71 -15.64
CA VAL A 144 -0.19 -16.36 -15.83
C VAL A 144 0.15 -17.25 -14.65
N PHE A 145 0.04 -16.72 -13.43
CA PHE A 145 0.31 -17.52 -12.22
C PHE A 145 -0.61 -18.74 -12.19
N ASP A 146 -1.92 -18.53 -12.45
CA ASP A 146 -2.90 -19.62 -12.56
C ASP A 146 -2.42 -20.71 -13.52
N MET A 147 -2.06 -20.33 -14.75
CA MET A 147 -1.67 -21.32 -15.76
C MET A 147 -0.35 -22.00 -15.43
N LEU A 148 0.58 -21.28 -14.77
CA LEU A 148 1.79 -21.93 -14.28
C LEU A 148 1.47 -22.96 -13.19
N ASN A 149 0.58 -22.61 -12.24
CA ASN A 149 0.28 -23.54 -11.16
C ASN A 149 -0.37 -24.82 -11.70
N ARG A 150 -1.29 -24.67 -12.67
CA ARG A 150 -1.95 -25.83 -13.22
C ARG A 150 -1.13 -26.56 -14.28
N ARG A 151 0.09 -26.09 -14.54
CA ARG A 151 1.05 -26.72 -15.44
C ARG A 151 0.59 -26.72 -16.88
N TYR A 152 -0.27 -25.80 -17.27
CA TYR A 152 -0.57 -25.63 -18.68
C TYR A 152 0.42 -24.72 -19.36
N LEU A 153 1.12 -23.88 -18.60
CA LEU A 153 2.27 -23.14 -19.07
C LEU A 153 3.51 -23.72 -18.43
N SER A 154 4.48 -24.07 -19.23
CA SER A 154 5.68 -24.60 -18.64
C SER A 154 6.81 -23.56 -18.65
N PRO A 155 7.56 -23.43 -17.55
CA PRO A 155 8.70 -22.50 -17.52
C PRO A 155 10.02 -23.12 -17.95
N LYS A 156 9.98 -24.40 -18.34
CA LYS A 156 11.20 -25.14 -18.60
C LYS A 156 12.13 -24.42 -19.56
N TYR A 157 11.60 -23.85 -20.63
CA TYR A 157 12.41 -23.23 -21.65
C TYR A 157 12.28 -21.71 -21.69
N ILE A 158 11.66 -21.12 -20.68
CA ILE A 158 11.52 -19.68 -20.63
C ILE A 158 12.88 -19.09 -20.26
N LYS A 159 13.48 -18.38 -21.19
CA LYS A 159 14.79 -17.80 -21.03
C LYS A 159 14.76 -16.27 -20.97
N MET A 160 13.59 -15.65 -21.16
N MET A 160 13.63 -15.65 -21.31
CA MET A 160 13.45 -14.20 -21.20
CA MET A 160 13.49 -14.24 -21.07
C MET A 160 12.17 -13.80 -20.47
C MET A 160 12.20 -13.96 -20.31
N PHE A 161 12.29 -12.99 -19.40
CA PHE A 161 11.15 -12.49 -18.61
C PHE A 161 11.13 -10.98 -18.74
N VAL A 162 10.04 -10.42 -19.27
CA VAL A 162 9.93 -8.98 -19.53
C VAL A 162 8.83 -8.40 -18.67
N LEU A 163 9.13 -7.33 -17.98
CA LEU A 163 8.13 -6.58 -17.20
C LEU A 163 7.95 -5.25 -17.90
N ASP A 164 6.81 -5.06 -18.59
CA ASP A 164 6.48 -3.74 -19.12
C ASP A 164 5.80 -2.96 -17.99
N GLU A 165 5.89 -1.65 -18.05
CA GLU A 165 5.43 -0.80 -16.97
C GLU A 165 5.99 -1.27 -15.64
N ALA A 166 7.31 -1.45 -15.63
CA ALA A 166 7.97 -2.23 -14.60
C ALA A 166 7.86 -1.59 -13.23
N ASP A 167 7.79 -0.27 -13.17
CA ASP A 167 7.68 0.39 -11.86
C ASP A 167 6.31 0.17 -11.27
N GLU A 168 5.26 0.06 -12.09
CA GLU A 168 3.97 -0.37 -11.55
C GLU A 168 3.99 -1.84 -11.15
N MET A 169 4.66 -2.70 -11.93
CA MET A 169 4.72 -4.15 -11.64
C MET A 169 5.50 -4.45 -10.37
N LEU A 170 6.30 -3.52 -9.92
CA LEU A 170 7.11 -3.71 -8.71
C LEU A 170 6.61 -2.83 -7.56
N SER A 171 5.37 -2.34 -7.67
CA SER A 171 4.64 -1.58 -6.67
C SER A 171 3.97 -2.51 -5.67
N ARG A 172 3.52 -1.96 -4.54
CA ARG A 172 2.95 -2.78 -3.48
C ARG A 172 1.83 -3.71 -3.97
N GLY A 173 0.97 -3.26 -4.87
CA GLY A 173 -0.12 -4.10 -5.34
C GLY A 173 0.30 -5.26 -6.21
N PHE A 174 1.43 -5.14 -6.91
CA PHE A 174 1.85 -6.11 -7.91
C PHE A 174 3.13 -6.83 -7.55
N LYS A 175 3.97 -6.26 -6.66
CA LYS A 175 5.30 -6.81 -6.45
C LYS A 175 5.24 -8.26 -6.00
N ASP A 176 4.33 -8.59 -5.08
CA ASP A 176 4.23 -9.96 -4.61
C ASP A 176 3.75 -10.89 -5.73
N GLN A 177 2.89 -10.41 -6.65
CA GLN A 177 2.44 -11.25 -7.77
C GLN A 177 3.62 -11.59 -8.69
N ILE A 178 4.45 -10.60 -8.96
CA ILE A 178 5.59 -10.76 -9.85
C ILE A 178 6.61 -11.68 -9.21
N TYR A 179 6.81 -11.55 -7.90
CA TYR A 179 7.72 -12.43 -7.15
C TYR A 179 7.26 -13.87 -7.20
N ASP A 180 5.95 -14.11 -7.02
CA ASP A 180 5.42 -15.47 -7.10
C ASP A 180 5.67 -16.10 -8.47
N ILE A 181 5.49 -15.32 -9.56
CA ILE A 181 5.73 -15.83 -10.90
C ILE A 181 7.21 -16.05 -11.11
N PHE A 182 8.03 -15.10 -10.65
CA PHE A 182 9.47 -15.17 -10.80
C PHE A 182 10.03 -16.43 -10.17
N GLN A 183 9.47 -16.88 -9.03
CA GLN A 183 10.02 -18.07 -8.34
C GLN A 183 9.81 -19.36 -9.14
N LYS A 184 8.88 -19.38 -10.09
CA LYS A 184 8.63 -20.52 -10.98
C LYS A 184 9.65 -20.62 -12.12
N LEU A 185 10.44 -19.58 -12.37
CA LEU A 185 11.29 -19.53 -13.55
C LEU A 185 12.70 -20.03 -13.23
N ASN A 186 13.39 -20.52 -14.26
CA ASN A 186 14.76 -20.98 -14.08
C ASN A 186 15.69 -19.90 -13.55
N SER A 187 16.69 -20.33 -12.78
CA SER A 187 17.58 -19.36 -12.15
C SER A 187 18.36 -18.54 -13.18
N ASN A 188 18.56 -19.05 -14.38
CA ASN A 188 19.36 -18.30 -15.35
C ASN A 188 18.56 -17.34 -16.25
N THR A 189 17.27 -17.13 -15.97
CA THR A 189 16.44 -16.38 -16.91
C THR A 189 16.86 -14.91 -17.04
N GLN A 190 16.95 -14.42 -18.26
CA GLN A 190 17.19 -13.00 -18.51
C GLN A 190 15.96 -12.15 -18.14
N VAL A 191 16.20 -11.00 -17.52
CA VAL A 191 15.13 -10.10 -17.07
C VAL A 191 15.31 -8.75 -17.75
N VAL A 192 14.23 -8.24 -18.35
CA VAL A 192 14.20 -6.93 -18.98
C VAL A 192 13.02 -6.16 -18.42
N LEU A 193 13.31 -4.94 -17.96
CA LEU A 193 12.36 -4.01 -17.37
C LEU A 193 12.29 -2.77 -18.24
N LEU A 194 11.08 -2.30 -18.54
CA LEU A 194 10.86 -1.07 -19.31
C LEU A 194 9.76 -0.23 -18.69
N SER A 195 9.94 1.10 -18.71
CA SER A 195 8.93 2.07 -18.29
C SER A 195 9.36 3.48 -18.64
N ALA A 196 8.38 4.38 -18.72
CA ALA A 196 8.69 5.80 -18.79
C ALA A 196 9.18 6.33 -17.46
N THR A 197 8.83 5.68 -16.34
CA THR A 197 9.20 6.12 -15.00
C THR A 197 9.88 5.00 -14.22
N MET A 198 10.97 5.37 -13.52
CA MET A 198 11.80 4.41 -12.81
C MET A 198 12.34 5.07 -11.52
N PRO A 199 11.54 5.17 -10.47
CA PRO A 199 12.03 5.81 -9.25
C PRO A 199 13.18 5.04 -8.60
N SER A 200 13.95 5.78 -7.78
CA SER A 200 15.10 5.18 -7.14
C SER A 200 14.70 4.02 -6.23
N ASP A 201 13.52 4.06 -5.60
CA ASP A 201 13.09 2.95 -4.74
C ASP A 201 12.77 1.67 -5.54
N VAL A 202 12.21 1.81 -6.73
CA VAL A 202 12.03 0.65 -7.60
C VAL A 202 13.38 0.13 -8.07
N LEU A 203 14.32 1.05 -8.35
CA LEU A 203 15.65 0.65 -8.80
C LEU A 203 16.37 -0.17 -7.75
N GLU A 204 16.16 0.15 -6.46
CA GLU A 204 16.78 -0.64 -5.41
C GLU A 204 16.18 -2.04 -5.35
N VAL A 205 14.87 -2.18 -5.61
CA VAL A 205 14.26 -3.51 -5.62
C VAL A 205 14.82 -4.37 -6.74
N THR A 206 15.28 -3.77 -7.84
CA THR A 206 15.81 -4.57 -8.93
C THR A 206 17.15 -5.22 -8.60
N LYS A 207 17.90 -4.68 -7.63
CA LYS A 207 19.15 -5.29 -7.23
C LYS A 207 18.94 -6.66 -6.62
N LYS A 208 17.72 -6.97 -6.21
CA LYS A 208 17.39 -8.23 -5.58
C LYS A 208 17.24 -9.38 -6.57
N PHE A 209 16.97 -9.07 -7.86
CA PHE A 209 16.71 -10.13 -8.82
C PHE A 209 17.32 -9.93 -10.20
N MET A 210 17.98 -8.82 -10.46
CA MET A 210 18.65 -8.61 -11.73
C MET A 210 20.15 -8.68 -11.54
N ARG A 211 20.84 -9.30 -12.50
CA ARG A 211 22.28 -9.53 -12.45
C ARG A 211 22.97 -8.42 -13.23
N ASP A 212 23.52 -7.46 -12.47
CA ASP A 212 24.32 -6.32 -12.92
C ASP A 212 23.78 -5.72 -14.23
N PRO A 213 22.53 -5.30 -14.24
CA PRO A 213 21.89 -4.94 -15.51
C PRO A 213 22.52 -3.72 -16.17
N ILE A 214 22.34 -3.66 -17.47
CA ILE A 214 22.55 -2.43 -18.22
C ILE A 214 21.42 -1.44 -17.95
N ARG A 215 21.79 -0.27 -17.48
CA ARG A 215 20.82 0.77 -17.13
C ARG A 215 20.83 1.81 -18.23
N ILE A 216 19.68 2.01 -18.87
CA ILE A 216 19.47 3.12 -19.80
C ILE A 216 18.39 3.97 -19.14
N LEU A 217 18.79 5.07 -18.50
CA LEU A 217 17.90 5.79 -17.63
C LEU A 217 17.83 7.25 -18.06
N VAL A 218 16.73 7.91 -17.70
CA VAL A 218 16.44 9.27 -18.11
C VAL A 218 16.06 10.09 -16.88
N LYS A 219 16.74 11.22 -16.67
CA LYS A 219 16.44 12.08 -15.53
C LYS A 219 15.00 12.54 -15.60
N LYS A 220 14.39 12.69 -14.42
CA LYS A 220 12.98 13.07 -14.37
C LYS A 220 12.75 14.41 -15.04
N GLU A 221 13.74 15.33 -15.00
CA GLU A 221 13.57 16.64 -15.61
C GLU A 221 13.62 16.60 -17.12
N GLU A 222 13.89 15.43 -17.71
CA GLU A 222 13.91 15.23 -19.15
C GLU A 222 12.77 14.35 -19.65
N LEU A 223 11.85 13.93 -18.79
CA LEU A 223 10.79 13.02 -19.21
C LEU A 223 9.66 13.71 -19.97
N THR A 224 9.39 14.98 -19.68
CA THR A 224 8.20 15.60 -20.26
C THR A 224 8.43 15.86 -21.75
N LEU A 225 7.41 15.54 -22.55
CA LEU A 225 7.49 15.72 -23.99
C LEU A 225 7.27 17.19 -24.35
N GLU A 226 8.00 17.66 -25.38
CA GLU A 226 7.84 19.03 -25.85
C GLU A 226 6.55 19.22 -26.65
N GLY A 227 6.11 18.17 -27.35
CA GLY A 227 4.91 18.25 -28.15
C GLY A 227 3.61 18.14 -27.37
N ILE A 228 3.67 17.92 -26.05
CA ILE A 228 2.47 17.79 -25.23
C ILE A 228 2.35 19.07 -24.42
N ARG A 229 1.50 19.97 -24.86
CA ARG A 229 1.37 21.22 -24.14
C ARG A 229 0.49 20.98 -22.92
N GLN A 230 0.97 21.38 -21.74
CA GLN A 230 0.23 21.15 -20.52
C GLN A 230 -0.41 22.45 -20.04
N PHE A 231 -1.69 22.39 -19.73
CA PHE A 231 -2.44 23.53 -19.23
C PHE A 231 -3.14 23.17 -17.93
N TYR A 232 -3.64 24.20 -17.24
CA TYR A 232 -4.52 24.00 -16.10
C TYR A 232 -5.72 24.94 -16.22
N ILE A 233 -6.78 24.59 -15.50
CA ILE A 233 -7.97 25.41 -15.43
C ILE A 233 -8.32 25.55 -13.97
N ASN A 234 -8.41 26.79 -13.50
CA ASN A 234 -8.83 27.07 -12.14
C ASN A 234 -10.33 26.83 -12.04
N VAL A 235 -10.70 25.76 -11.34
CA VAL A 235 -12.08 25.37 -11.13
C VAL A 235 -12.50 25.73 -9.71
N GLU A 236 -11.55 25.79 -8.79
CA GLU A 236 -11.79 26.31 -7.42
C GLU A 236 -12.63 25.38 -6.56
N ARG A 237 -13.78 24.93 -7.04
CA ARG A 237 -14.64 24.00 -6.32
C ARG A 237 -14.84 22.73 -7.14
N GLU A 238 -14.79 21.59 -6.46
CA GLU A 238 -15.03 20.32 -7.12
C GLU A 238 -16.41 20.29 -7.77
N GLU A 239 -17.40 20.94 -7.14
CA GLU A 239 -18.76 20.92 -7.67
C GLU A 239 -18.86 21.64 -8.99
N TRP A 240 -17.83 22.36 -9.39
CA TRP A 240 -17.83 23.11 -10.64
C TRP A 240 -17.12 22.38 -11.77
N LYS A 241 -16.52 21.23 -11.47
CA LYS A 241 -15.78 20.51 -12.51
C LYS A 241 -16.72 20.07 -13.61
N LEU A 242 -17.92 19.57 -13.26
CA LEU A 242 -18.84 19.03 -14.27
C LEU A 242 -19.18 20.08 -15.32
N ASP A 243 -19.55 21.30 -14.87
CA ASP A 243 -19.86 22.35 -15.85
C ASP A 243 -18.64 22.77 -16.65
N THR A 244 -17.46 22.75 -16.04
CA THR A 244 -16.24 23.02 -16.81
C THR A 244 -16.04 21.97 -17.89
N LEU A 245 -16.19 20.69 -17.52
CA LEU A 245 -16.06 19.66 -18.54
C LEU A 245 -17.07 19.92 -19.67
N CYS A 246 -18.33 20.15 -19.31
CA CYS A 246 -19.35 20.36 -20.33
C CYS A 246 -18.97 21.54 -21.22
N ASP A 247 -18.42 22.60 -20.63
CA ASP A 247 -17.97 23.74 -21.43
C ASP A 247 -16.84 23.36 -22.38
N LEU A 248 -15.88 22.56 -21.90
CA LEU A 248 -14.77 22.11 -22.76
C LEU A 248 -15.25 21.17 -23.87
N TYR A 249 -16.30 20.40 -23.64
CA TYR A 249 -16.85 19.59 -24.72
C TYR A 249 -17.28 20.48 -25.88
N GLU A 250 -17.99 21.56 -25.59
CA GLU A 250 -18.54 22.42 -26.63
C GLU A 250 -17.51 23.39 -27.20
N THR A 251 -16.48 23.73 -26.42
CA THR A 251 -15.51 24.73 -26.89
C THR A 251 -14.44 24.09 -27.76
N LEU A 252 -13.90 22.96 -27.31
CA LEU A 252 -12.65 22.44 -27.86
C LEU A 252 -12.88 21.71 -29.18
N THR A 253 -11.90 21.84 -30.07
CA THR A 253 -11.85 21.05 -31.29
C THR A 253 -11.56 19.59 -30.93
N ILE A 254 -12.24 18.68 -31.60
CA ILE A 254 -12.47 17.34 -31.09
C ILE A 254 -11.94 16.36 -32.13
N THR A 255 -10.73 15.83 -31.90
CA THR A 255 -10.36 14.55 -32.53
C THR A 255 -10.82 13.43 -31.62
N GLN A 256 -9.94 12.98 -30.72
CA GLN A 256 -10.33 12.04 -29.66
C GLN A 256 -9.67 12.48 -28.35
N ALA A 257 -10.39 12.27 -27.25
CA ALA A 257 -9.93 12.71 -25.94
C ALA A 257 -10.08 11.59 -24.90
N VAL A 258 -9.21 11.59 -23.90
CA VAL A 258 -9.37 10.71 -22.74
C VAL A 258 -9.48 11.57 -21.50
N ILE A 259 -10.44 11.24 -20.66
CA ILE A 259 -10.72 11.99 -19.43
C ILE A 259 -10.46 11.04 -18.27
N PHE A 260 -9.49 11.37 -17.41
CA PHE A 260 -9.10 10.55 -16.29
C PHE A 260 -9.74 10.98 -14.99
N ILE A 261 -10.18 9.97 -14.25
CA ILE A 261 -10.95 10.01 -13.00
C ILE A 261 -10.25 9.02 -12.06
N ASN A 262 -10.14 9.38 -10.78
CA ASN A 262 -9.36 8.54 -9.87
C ASN A 262 -10.06 7.28 -9.35
N THR A 263 -11.41 7.18 -9.42
CA THR A 263 -12.12 6.02 -8.90
C THR A 263 -13.11 5.52 -9.93
N ARG A 264 -13.39 4.21 -9.87
CA ARG A 264 -14.41 3.63 -10.72
C ARG A 264 -15.76 4.26 -10.41
N ARG A 265 -16.05 4.42 -9.11
CA ARG A 265 -17.31 5.03 -8.69
C ARG A 265 -17.54 6.37 -9.39
N LYS A 266 -16.53 7.22 -9.41
CA LYS A 266 -16.70 8.53 -10.03
C LYS A 266 -16.76 8.46 -11.55
N VAL A 267 -16.13 7.46 -12.18
CA VAL A 267 -16.37 7.27 -13.61
C VAL A 267 -17.85 7.02 -13.88
N ASP A 268 -18.46 6.15 -13.08
CA ASP A 268 -19.87 5.84 -13.28
C ASP A 268 -20.70 7.08 -13.04
N TRP A 269 -20.36 7.84 -12.00
CA TRP A 269 -21.11 9.06 -11.67
C TRP A 269 -21.07 10.06 -12.81
N LEU A 270 -19.86 10.34 -13.30
CA LEU A 270 -19.67 11.35 -14.32
C LEU A 270 -20.30 10.94 -15.63
N THR A 271 -20.17 9.66 -15.98
CA THR A 271 -20.76 9.17 -17.23
C THR A 271 -22.28 9.38 -17.24
N GLU A 272 -22.95 9.03 -16.15
CA GLU A 272 -24.38 9.27 -16.07
C GLU A 272 -24.68 10.76 -16.16
N LYS A 273 -23.92 11.61 -15.45
CA LYS A 273 -24.16 13.06 -15.51
C LYS A 273 -24.05 13.60 -16.94
N MET A 274 -23.03 13.15 -17.67
CA MET A 274 -22.86 13.61 -19.04
C MET A 274 -23.98 13.11 -19.95
N HIS A 275 -24.38 11.83 -19.80
CA HIS A 275 -25.45 11.29 -20.63
C HIS A 275 -26.77 12.02 -20.36
N ALA A 276 -27.04 12.31 -19.08
CA ALA A 276 -28.26 13.04 -18.73
C ALA A 276 -28.33 14.38 -19.43
N ARG A 277 -27.19 14.99 -19.67
CA ARG A 277 -27.08 16.29 -20.31
C ARG A 277 -26.88 16.18 -21.81
N ASP A 278 -27.12 15.00 -22.37
CA ASP A 278 -27.10 14.77 -23.82
C ASP A 278 -25.71 14.93 -24.42
N PHE A 279 -24.67 14.59 -23.66
CA PHE A 279 -23.31 14.55 -24.17
C PHE A 279 -22.95 13.12 -24.53
N THR A 280 -22.26 12.96 -25.66
CA THR A 280 -21.94 11.61 -26.12
C THR A 280 -20.55 11.22 -25.59
N VAL A 281 -20.51 10.23 -24.70
CA VAL A 281 -19.24 9.79 -24.11
C VAL A 281 -19.31 8.29 -23.88
N SER A 282 -18.16 7.66 -23.86
CA SER A 282 -18.09 6.28 -23.42
C SER A 282 -17.22 6.22 -22.17
N ALA A 283 -17.30 5.08 -21.48
CA ALA A 283 -16.66 4.94 -20.17
C ALA A 283 -16.09 3.55 -20.03
N MET A 284 -14.97 3.45 -19.33
CA MET A 284 -14.40 2.14 -19.07
C MET A 284 -13.69 2.16 -17.74
N HIS A 285 -13.85 1.07 -17.00
CA HIS A 285 -13.08 0.84 -15.77
C HIS A 285 -13.08 -0.66 -15.43
N GLY A 286 -12.35 -1.00 -14.39
CA GLY A 286 -12.01 -2.40 -14.10
C GLY A 286 -13.10 -3.24 -13.50
N ASP A 287 -14.24 -2.65 -13.13
CA ASP A 287 -15.35 -3.40 -12.59
C ASP A 287 -16.37 -3.74 -13.65
N MET A 288 -16.16 -3.32 -14.89
CA MET A 288 -17.00 -3.70 -16.02
C MET A 288 -16.68 -5.12 -16.45
N ASP A 289 -17.69 -5.84 -16.96
CA ASP A 289 -17.49 -7.16 -17.57
C ASP A 289 -16.43 -7.04 -18.65
N GLN A 290 -15.54 -8.03 -18.78
CA GLN A 290 -14.52 -7.95 -19.82
C GLN A 290 -15.11 -7.86 -21.23
N LYS A 291 -16.28 -8.47 -21.47
CA LYS A 291 -16.90 -8.30 -22.79
C LYS A 291 -17.17 -6.84 -23.06
N GLU A 292 -17.62 -6.10 -22.03
CA GLU A 292 -17.90 -4.68 -22.19
CA GLU A 292 -17.89 -4.67 -22.16
C GLU A 292 -16.60 -3.89 -22.34
N ARG A 293 -15.57 -4.19 -21.51
CA ARG A 293 -14.28 -3.54 -21.70
C ARG A 293 -13.78 -3.72 -23.15
N ASP A 294 -13.84 -4.94 -23.68
CA ASP A 294 -13.30 -5.19 -25.01
C ASP A 294 -14.02 -4.38 -26.08
N VAL A 295 -15.35 -4.29 -25.98
CA VAL A 295 -16.13 -3.54 -26.96
C VAL A 295 -15.82 -2.05 -26.89
N ILE A 296 -15.81 -1.50 -25.66
CA ILE A 296 -15.54 -0.08 -25.46
C ILE A 296 -14.16 0.25 -26.02
N MET A 297 -13.16 -0.57 -25.71
CA MET A 297 -11.82 -0.30 -26.19
C MET A 297 -11.81 -0.35 -27.70
N ARG A 298 -12.46 -1.34 -28.28
CA ARG A 298 -12.49 -1.50 -29.73
C ARG A 298 -13.17 -0.30 -30.39
N GLU A 299 -14.29 0.17 -29.80
CA GLU A 299 -15.02 1.31 -30.38
C GLU A 299 -14.25 2.62 -30.24
N PHE A 300 -13.42 2.76 -29.20
CA PHE A 300 -12.57 3.94 -29.13
C PHE A 300 -11.43 3.88 -30.14
N ARG A 301 -10.86 2.69 -30.36
CA ARG A 301 -9.78 2.55 -31.34
C ARG A 301 -10.25 2.87 -32.77
N SER A 302 -11.48 2.57 -33.08
CA SER A 302 -11.99 2.75 -34.43
C SER A 302 -12.50 4.16 -34.69
N GLY A 303 -12.62 4.99 -33.66
CA GLY A 303 -13.20 6.31 -33.81
C GLY A 303 -14.71 6.38 -33.64
N SER A 304 -15.37 5.23 -33.50
CA SER A 304 -16.82 5.26 -33.27
C SER A 304 -17.13 6.08 -32.03
N SER A 305 -16.26 6.05 -31.02
CA SER A 305 -16.39 6.89 -29.83
C SER A 305 -15.19 7.81 -29.75
N ARG A 306 -15.42 9.09 -29.50
CA ARG A 306 -14.36 10.06 -29.55
C ARG A 306 -13.92 10.54 -28.19
N VAL A 307 -14.71 10.32 -27.14
CA VAL A 307 -14.44 10.81 -25.79
C VAL A 307 -14.65 9.66 -24.81
N LEU A 308 -13.60 9.29 -24.11
CA LEU A 308 -13.61 8.16 -23.18
C LEU A 308 -13.33 8.62 -21.76
N ILE A 309 -14.24 8.30 -20.81
CA ILE A 309 -14.03 8.56 -19.39
C ILE A 309 -13.50 7.27 -18.76
N THR A 310 -12.36 7.35 -18.07
CA THR A 310 -11.72 6.14 -17.60
C THR A 310 -10.92 6.40 -16.33
N THR A 311 -10.59 5.31 -15.67
CA THR A 311 -9.65 5.34 -14.56
C THR A 311 -8.22 5.15 -15.07
N ASP A 312 -7.29 4.97 -14.15
CA ASP A 312 -5.92 4.66 -14.50
C ASP A 312 -5.75 3.26 -15.11
N LEU A 313 -6.83 2.51 -15.25
CA LEU A 313 -6.85 1.34 -16.14
C LEU A 313 -6.17 1.66 -17.47
N LEU A 314 -6.46 2.83 -18.05
CA LEU A 314 -5.89 3.19 -19.33
C LEU A 314 -4.78 4.24 -19.24
N ALA A 315 -4.16 4.44 -18.04
CA ALA A 315 -3.13 5.46 -17.90
C ALA A 315 -1.79 5.00 -18.46
N ARG A 316 -1.52 3.69 -18.44
CA ARG A 316 -0.21 3.19 -18.84
C ARG A 316 -0.28 2.45 -20.16
N GLY A 317 0.59 2.82 -21.08
CA GLY A 317 0.91 2.03 -22.26
C GLY A 317 -0.04 2.08 -23.44
N ILE A 318 -1.32 2.34 -23.19
CA ILE A 318 -2.34 2.32 -24.23
C ILE A 318 -1.98 3.31 -25.34
N ASP A 319 -2.09 2.85 -26.56
CA ASP A 319 -1.62 3.60 -27.73
C ASP A 319 -2.79 3.76 -28.67
N VAL A 320 -3.42 4.94 -28.68
CA VAL A 320 -4.47 5.30 -29.66
C VAL A 320 -3.95 6.55 -30.35
N GLN A 321 -3.48 6.40 -31.58
CA GLN A 321 -2.71 7.49 -32.21
C GLN A 321 -3.55 8.75 -32.35
N GLN A 322 -4.86 8.61 -32.54
CA GLN A 322 -5.72 9.77 -32.77
C GLN A 322 -6.03 10.57 -31.51
N VAL A 323 -5.59 10.12 -30.32
CA VAL A 323 -5.84 10.89 -29.11
C VAL A 323 -4.91 12.08 -29.11
N SER A 324 -5.49 13.30 -29.10
CA SER A 324 -4.71 14.52 -29.01
C SER A 324 -5.01 15.34 -27.76
N LEU A 325 -5.89 14.86 -26.89
CA LEU A 325 -6.32 15.63 -25.72
C LEU A 325 -6.46 14.68 -24.54
N VAL A 326 -5.75 14.98 -23.45
CA VAL A 326 -5.98 14.34 -22.16
C VAL A 326 -6.48 15.36 -21.15
N ILE A 327 -7.58 15.03 -20.48
CA ILE A 327 -8.13 15.85 -19.41
C ILE A 327 -7.98 15.09 -18.09
N ASN A 328 -7.22 15.65 -17.17
CA ASN A 328 -7.17 15.17 -15.78
C ASN A 328 -8.28 15.90 -15.06
N TYR A 329 -9.46 15.27 -15.03
CA TYR A 329 -10.61 15.80 -14.31
C TYR A 329 -10.38 15.70 -12.82
N ASP A 330 -9.81 14.58 -12.37
CA ASP A 330 -9.12 14.44 -11.10
C ASP A 330 -7.61 14.52 -11.32
N LEU A 331 -6.93 15.21 -10.44
CA LEU A 331 -5.49 15.18 -10.52
C LEU A 331 -4.94 13.85 -9.99
N PRO A 332 -3.88 13.33 -10.60
CA PRO A 332 -3.29 12.10 -10.03
C PRO A 332 -2.56 12.50 -8.74
N THR A 333 -2.74 11.68 -7.71
CA THR A 333 -1.97 11.86 -6.48
C THR A 333 -0.52 11.44 -6.67
N ASN A 334 -0.30 10.36 -7.42
CA ASN A 334 1.02 9.79 -7.66
C ASN A 334 1.74 10.55 -8.78
N ARG A 335 2.98 10.99 -8.52
CA ARG A 335 3.72 11.79 -9.49
C ARG A 335 3.91 11.02 -10.80
N GLU A 336 4.30 9.76 -10.69
CA GLU A 336 4.66 8.97 -11.87
C GLU A 336 3.47 8.82 -12.80
N ASN A 337 2.28 8.60 -12.22
CA ASN A 337 1.03 8.49 -12.95
C ASN A 337 0.74 9.69 -13.84
N TYR A 338 1.13 10.88 -13.40
CA TYR A 338 0.88 12.08 -14.20
C TYR A 338 1.54 11.97 -15.57
N ILE A 339 2.77 11.50 -15.60
CA ILE A 339 3.53 11.38 -16.85
C ILE A 339 2.85 10.40 -17.80
N HIS A 340 2.43 9.25 -17.27
CA HIS A 340 1.79 8.21 -18.08
C HIS A 340 0.48 8.71 -18.62
N ARG A 341 -0.32 9.38 -17.79
CA ARG A 341 -1.59 9.87 -18.26
C ARG A 341 -1.44 10.81 -19.44
N ILE A 342 -0.63 11.87 -19.29
CA ILE A 342 -0.61 12.87 -20.37
C ILE A 342 0.02 12.29 -21.62
N GLY A 343 0.85 11.25 -21.48
CA GLY A 343 1.42 10.50 -22.56
C GLY A 343 0.43 9.70 -23.40
N ARG A 344 -0.84 9.61 -23.00
CA ARG A 344 -1.83 9.00 -23.91
C ARG A 344 -2.09 9.89 -25.12
N GLY A 345 -1.89 11.22 -25.01
CA GLY A 345 -1.85 12.09 -26.16
C GLY A 345 -0.41 12.16 -26.70
N GLY A 346 -0.26 12.78 -27.87
CA GLY A 346 1.09 13.04 -28.39
C GLY A 346 1.98 11.84 -28.65
N ARG A 347 1.43 10.77 -29.23
CA ARG A 347 2.21 9.55 -29.43
C ARG A 347 3.23 9.72 -30.57
N PHE A 348 4.38 9.06 -30.39
CA PHE A 348 5.52 9.11 -31.33
C PHE A 348 5.75 10.52 -31.90
N GLY A 349 5.82 11.50 -31.00
CA GLY A 349 6.14 12.84 -31.41
C GLY A 349 4.97 13.67 -31.91
N ARG A 350 3.77 13.12 -31.98
CA ARG A 350 2.59 13.88 -32.36
C ARG A 350 2.40 15.08 -31.39
N LYS A 351 1.48 15.95 -31.76
CA LYS A 351 1.22 17.21 -31.07
C LYS A 351 -0.01 17.00 -30.19
N GLY A 352 0.10 17.33 -28.91
CA GLY A 352 -0.96 17.02 -27.99
C GLY A 352 -1.20 18.11 -26.97
N VAL A 353 -2.30 17.96 -26.25
CA VAL A 353 -2.67 18.88 -25.19
C VAL A 353 -3.08 18.08 -23.97
N ALA A 354 -2.69 18.55 -22.80
CA ALA A 354 -3.16 17.99 -21.54
C ALA A 354 -3.72 19.13 -20.73
N ILE A 355 -4.92 18.94 -20.20
CA ILE A 355 -5.62 19.97 -19.43
C ILE A 355 -5.91 19.41 -18.04
N ASN A 356 -5.42 20.11 -17.01
CA ASN A 356 -5.62 19.72 -15.63
C ASN A 356 -6.69 20.58 -15.00
N MET A 357 -7.68 19.95 -14.38
CA MET A 357 -8.75 20.65 -13.68
C MET A 357 -8.36 20.70 -12.22
N VAL A 358 -8.24 21.92 -11.66
CA VAL A 358 -7.62 22.11 -10.34
C VAL A 358 -8.52 22.98 -9.47
N THR A 359 -8.89 22.45 -8.31
CA THR A 359 -9.55 23.23 -7.28
C THR A 359 -8.49 24.01 -6.49
N GLU A 360 -8.92 24.60 -5.39
CA GLU A 360 -8.00 25.23 -4.46
C GLU A 360 -7.06 24.21 -3.84
N GLU A 361 -7.63 23.12 -3.31
CA GLU A 361 -6.81 22.06 -2.71
C GLU A 361 -5.92 21.34 -3.73
N ASP A 362 -6.23 21.42 -5.02
CA ASP A 362 -5.43 20.71 -6.01
C ASP A 362 -4.15 21.45 -6.39
N LYS A 363 -4.20 22.79 -6.43
CA LYS A 363 -3.11 23.55 -7.06
C LYS A 363 -1.81 23.48 -6.28
N ARG A 364 -1.82 22.98 -5.04
CA ARG A 364 -0.57 22.53 -4.44
C ARG A 364 -0.03 21.33 -5.19
N THR A 365 -0.82 20.24 -5.23
CA THR A 365 -0.40 19.02 -5.93
C THR A 365 0.15 19.34 -7.30
N LEU A 366 -0.46 20.31 -7.99
CA LEU A 366 0.00 20.75 -9.29
C LEU A 366 1.39 21.37 -9.22
N ARG A 367 1.63 22.25 -8.23
CA ARG A 367 2.94 22.87 -8.10
CA ARG A 367 2.94 22.87 -8.10
C ARG A 367 4.03 21.84 -7.81
N ASP A 368 3.72 20.85 -6.96
CA ASP A 368 4.69 19.78 -6.73
C ASP A 368 4.99 19.01 -8.03
N ILE A 369 3.96 18.74 -8.85
CA ILE A 369 4.23 18.08 -10.12
C ILE A 369 5.13 18.96 -10.99
N GLU A 370 4.82 20.25 -11.05
CA GLU A 370 5.66 21.15 -11.84
C GLU A 370 7.11 21.12 -11.35
N THR A 371 7.32 21.11 -10.03
CA THR A 371 8.66 21.18 -9.50
C THR A 371 9.40 19.86 -9.71
N PHE A 372 8.69 18.74 -9.53
CA PHE A 372 9.33 17.44 -9.67
C PHE A 372 9.85 17.24 -11.08
N TYR A 373 9.02 17.54 -12.08
CA TYR A 373 9.39 17.34 -13.47
C TYR A 373 10.00 18.57 -14.11
N ASN A 374 10.15 19.66 -13.35
CA ASN A 374 10.88 20.82 -13.85
C ASN A 374 10.21 21.35 -15.10
N THR A 375 8.90 21.36 -15.08
CA THR A 375 8.07 21.72 -16.21
C THR A 375 7.32 23.00 -15.89
N SER A 376 6.46 23.39 -16.81
CA SER A 376 5.65 24.58 -16.63
C SER A 376 4.26 24.22 -17.15
N ILE A 377 3.24 24.51 -16.36
CA ILE A 377 1.85 24.24 -16.74
C ILE A 377 1.11 25.57 -16.76
N GLU A 378 0.62 25.96 -17.93
CA GLU A 378 0.08 27.29 -18.17
C GLU A 378 -1.43 27.31 -18.01
N GLU A 379 -1.97 28.48 -17.69
CA GLU A 379 -3.41 28.62 -17.66
C GLU A 379 -3.94 28.46 -19.09
N MET A 380 -5.02 27.74 -19.22
CA MET A 380 -5.61 27.51 -20.54
C MET A 380 -6.23 28.82 -21.03
N PRO A 381 -5.95 29.25 -22.27
CA PRO A 381 -6.64 30.42 -22.83
C PRO A 381 -8.16 30.29 -22.77
N LEU A 382 -8.83 31.43 -22.62
CA LEU A 382 -10.29 31.42 -22.63
C LEU A 382 -10.82 31.22 -24.05
N ASN A 383 -11.87 30.42 -24.17
CA ASN A 383 -12.64 30.24 -25.42
C ASN A 383 -11.75 29.97 -26.63
N VAL A 384 -10.53 29.50 -26.45
CA VAL A 384 -9.67 29.14 -27.58
C VAL A 384 -9.96 27.68 -27.93
N ALA A 385 -10.51 27.46 -29.13
CA ALA A 385 -10.92 26.11 -29.52
C ALA A 385 -9.69 25.24 -29.82
N ASP A 386 -8.77 25.73 -30.64
CA ASP A 386 -7.56 25.01 -31.00
C ASP A 386 -6.42 25.54 -30.14
N LEU A 387 -6.05 24.78 -29.11
CA LEU A 387 -4.95 25.21 -28.25
C LEU A 387 -3.62 24.81 -28.86
N ILE A 388 -3.45 23.53 -29.23
CA ILE A 388 -2.25 23.05 -29.92
C ILE A 388 -2.54 21.73 -30.64
N ASN B 8 -10.69 -45.23 18.70
CA ASN B 8 -9.43 -45.98 18.85
C ASN B 8 -8.22 -45.28 18.19
N TRP B 9 -8.16 -43.96 18.31
CA TRP B 9 -7.01 -43.19 17.82
C TRP B 9 -6.80 -42.01 18.76
N ASN B 10 -5.62 -41.94 19.39
CA ASN B 10 -5.38 -40.93 20.42
C ASN B 10 -4.54 -39.74 19.95
N GLU B 11 -3.90 -39.81 18.79
CA GLU B 11 -3.03 -38.71 18.39
C GLU B 11 -3.86 -37.47 18.11
N ILE B 12 -3.42 -36.34 18.68
CA ILE B 12 -4.05 -35.04 18.47
C ILE B 12 -2.96 -34.07 18.04
N VAL B 13 -3.17 -33.41 16.90
CA VAL B 13 -2.18 -32.49 16.35
C VAL B 13 -2.81 -31.12 16.23
N ASP B 14 -2.33 -30.15 16.98
CA ASP B 14 -3.12 -28.91 17.11
C ASP B 14 -2.65 -27.75 16.23
N SER B 15 -1.74 -27.97 15.31
CA SER B 15 -1.30 -26.96 14.35
C SER B 15 -1.15 -27.60 12.97
N PHE B 16 -1.52 -26.84 11.93
CA PHE B 16 -1.31 -27.35 10.57
C PHE B 16 0.20 -27.53 10.28
N ASP B 17 1.04 -26.71 10.92
CA ASP B 17 2.48 -26.72 10.72
C ASP B 17 3.14 -27.95 11.33
N ASP B 18 2.44 -28.66 12.20
CA ASP B 18 2.93 -29.92 12.79
C ASP B 18 2.40 -31.18 12.09
N MET B 19 1.65 -31.08 10.98
CA MET B 19 1.17 -32.27 10.32
C MET B 19 1.98 -32.68 9.10
N ASN B 20 3.22 -32.13 8.94
CA ASN B 20 4.14 -32.59 7.90
C ASN B 20 3.53 -32.44 6.50
N LEU B 21 2.87 -31.30 6.23
CA LEU B 21 2.25 -31.06 4.94
C LEU B 21 3.21 -30.34 4.01
N SER B 22 3.00 -30.50 2.73
CA SER B 22 3.84 -29.82 1.76
C SER B 22 3.64 -28.31 1.85
N GLU B 23 4.68 -27.57 1.45
CA GLU B 23 4.69 -26.11 1.52
C GLU B 23 3.54 -25.50 0.74
N SER B 24 3.24 -26.02 -0.46
CA SER B 24 2.17 -25.43 -1.26
C SER B 24 0.79 -25.77 -0.72
N LEU B 25 0.64 -26.92 -0.04
CA LEU B 25 -0.64 -27.24 0.62
C LEU B 25 -0.85 -26.35 1.84
N LEU B 26 0.20 -26.12 2.65
CA LEU B 26 0.04 -25.16 3.75
C LEU B 26 -0.30 -23.77 3.22
N ARG B 27 0.34 -23.34 2.13
CA ARG B 27 0.02 -22.04 1.59
C ARG B 27 -1.45 -21.93 1.24
N GLY B 28 -2.00 -22.98 0.65
CA GLY B 28 -3.41 -22.95 0.32
C GLY B 28 -4.32 -22.92 1.53
N ILE B 29 -3.97 -23.65 2.57
CA ILE B 29 -4.76 -23.68 3.81
C ILE B 29 -4.84 -22.27 4.40
N TYR B 30 -3.69 -21.62 4.54
CA TYR B 30 -3.66 -20.29 5.15
C TYR B 30 -4.25 -19.23 4.23
N ALA B 31 -4.03 -19.37 2.90
CA ALA B 31 -4.63 -18.42 1.95
C ALA B 31 -6.14 -18.52 1.91
N TYR B 32 -6.68 -19.72 2.19
CA TYR B 32 -8.13 -19.93 2.27
C TYR B 32 -8.76 -19.25 3.47
N GLY B 33 -7.99 -19.04 4.53
CA GLY B 33 -8.47 -18.34 5.72
C GLY B 33 -8.42 -19.15 6.98
N PHE B 34 -7.97 -20.41 6.90
CA PHE B 34 -7.89 -21.23 8.08
C PHE B 34 -6.69 -20.79 8.89
N GLU B 35 -6.75 -21.03 10.19
CA GLU B 35 -5.64 -20.66 11.06
C GLU B 35 -5.16 -21.84 11.91
N LYS B 36 -6.08 -22.53 12.56
CA LYS B 36 -5.82 -23.67 13.43
C LYS B 36 -6.78 -24.79 13.01
N PRO B 37 -6.36 -26.03 13.10
CA PRO B 37 -7.29 -27.16 12.82
C PRO B 37 -8.40 -27.23 13.87
N SER B 38 -9.61 -27.52 13.39
CA SER B 38 -10.75 -27.88 14.24
C SER B 38 -10.47 -29.20 14.94
N ALA B 39 -11.33 -29.53 15.92
CA ALA B 39 -11.12 -30.75 16.71
C ALA B 39 -11.11 -32.01 15.83
N ILE B 40 -12.02 -32.10 14.86
CA ILE B 40 -12.02 -33.29 14.02
C ILE B 40 -10.78 -33.31 13.13
N GLN B 41 -10.31 -32.14 12.68
CA GLN B 41 -9.09 -32.08 11.86
C GLN B 41 -7.86 -32.50 12.67
N GLN B 42 -7.83 -32.11 13.93
CA GLN B 42 -6.73 -32.44 14.82
C GLN B 42 -6.59 -33.94 15.03
N ARG B 43 -7.67 -34.69 14.89
CA ARG B 43 -7.72 -36.11 15.16
C ARG B 43 -7.70 -36.98 13.90
N ALA B 44 -8.28 -36.51 12.79
CA ALA B 44 -8.55 -37.38 11.65
C ALA B 44 -7.63 -37.17 10.45
N ILE B 45 -7.03 -35.98 10.28
CA ILE B 45 -6.21 -35.74 9.08
C ILE B 45 -4.99 -36.68 9.04
N LEU B 46 -4.31 -36.83 10.18
CA LEU B 46 -3.09 -37.63 10.18
C LEU B 46 -3.35 -39.08 9.85
N PRO B 47 -4.28 -39.78 10.49
CA PRO B 47 -4.51 -41.17 10.09
C PRO B 47 -4.97 -41.29 8.65
N CYS B 48 -5.75 -40.32 8.12
CA CYS B 48 -6.08 -40.40 6.71
C CYS B 48 -4.83 -40.23 5.83
N ILE B 49 -3.94 -39.31 6.16
CA ILE B 49 -2.74 -39.12 5.34
C ILE B 49 -1.90 -40.42 5.36
N LYS B 50 -1.85 -41.10 6.52
CA LYS B 50 -1.03 -42.29 6.69
C LYS B 50 -1.62 -43.53 6.03
N GLY B 51 -2.82 -43.42 5.44
CA GLY B 51 -3.34 -44.49 4.64
C GLY B 51 -4.33 -45.42 5.31
N TYR B 52 -4.62 -45.21 6.59
CA TYR B 52 -5.58 -46.06 7.29
C TYR B 52 -7.00 -45.90 6.72
N ASP B 53 -7.79 -46.97 6.81
CA ASP B 53 -9.24 -46.84 6.62
C ASP B 53 -9.75 -46.12 7.85
N VAL B 54 -10.59 -45.10 7.65
CA VAL B 54 -11.06 -44.27 8.75
C VAL B 54 -12.56 -44.05 8.67
N ILE B 55 -13.22 -44.12 9.81
CA ILE B 55 -14.56 -43.60 10.02
C ILE B 55 -14.42 -42.37 10.89
N ALA B 56 -14.80 -41.19 10.36
CA ALA B 56 -14.66 -39.92 11.06
C ALA B 56 -16.03 -39.28 11.24
N GLN B 57 -16.47 -39.18 12.48
CA GLN B 57 -17.74 -38.55 12.84
C GLN B 57 -17.46 -37.28 13.64
N ALA B 58 -18.18 -36.22 13.31
CA ALA B 58 -18.09 -35.00 14.11
C ALA B 58 -19.35 -34.17 13.91
N GLN B 59 -19.57 -33.24 14.86
CA GLN B 59 -20.75 -32.37 14.84
C GLN B 59 -20.82 -31.57 13.54
N SER B 60 -22.05 -31.16 13.18
CA SER B 60 -22.23 -30.37 11.97
C SER B 60 -21.39 -29.10 12.05
N GLY B 61 -20.86 -28.72 10.89
CA GLY B 61 -20.18 -27.46 10.74
C GLY B 61 -18.83 -27.37 11.43
N THR B 62 -18.16 -28.50 11.68
CA THR B 62 -16.86 -28.46 12.36
C THR B 62 -15.66 -28.78 11.46
N GLY B 63 -15.89 -28.90 10.16
CA GLY B 63 -14.78 -28.89 9.22
C GLY B 63 -14.44 -30.27 8.67
N LYS B 64 -15.43 -31.12 8.46
CA LYS B 64 -15.17 -32.46 7.87
C LYS B 64 -14.74 -32.34 6.42
N THR B 65 -15.21 -31.31 5.66
CA THR B 65 -14.75 -31.24 4.26
C THR B 65 -13.24 -31.11 4.19
N ALA B 66 -12.71 -30.14 4.95
CA ALA B 66 -11.27 -29.90 4.91
C ALA B 66 -10.51 -31.09 5.48
N THR B 67 -11.10 -31.82 6.42
CA THR B 67 -10.45 -33.04 6.91
C THR B 67 -10.04 -33.97 5.75
N PHE B 68 -10.98 -34.33 4.88
CA PHE B 68 -10.62 -35.20 3.77
C PHE B 68 -9.95 -34.48 2.60
N ALA B 69 -10.24 -33.20 2.38
CA ALA B 69 -9.57 -32.49 1.31
C ALA B 69 -8.06 -32.42 1.57
N ILE B 70 -7.65 -31.93 2.78
CA ILE B 70 -6.22 -31.83 3.13
C ILE B 70 -5.55 -33.20 3.03
N SER B 71 -6.23 -34.24 3.50
CA SER B 71 -5.69 -35.60 3.51
C SER B 71 -5.45 -36.12 2.10
N ILE B 72 -6.42 -35.91 1.20
CA ILE B 72 -6.26 -36.28 -0.19
C ILE B 72 -5.12 -35.53 -0.84
N LEU B 73 -5.09 -34.20 -0.67
CA LEU B 73 -4.13 -33.37 -1.38
C LEU B 73 -2.71 -33.78 -0.99
N GLN B 74 -2.50 -34.08 0.28
CA GLN B 74 -1.13 -34.43 0.70
C GLN B 74 -0.66 -35.74 0.07
N GLN B 75 -1.58 -36.61 -0.33
CA GLN B 75 -1.22 -37.90 -0.88
C GLN B 75 -1.06 -37.87 -2.40
N ILE B 76 -1.49 -36.80 -3.07
CA ILE B 76 -1.49 -36.79 -4.53
C ILE B 76 -0.05 -36.80 -5.05
N GLU B 77 0.20 -37.64 -6.04
CA GLU B 77 1.44 -37.52 -6.80
C GLU B 77 1.17 -36.52 -7.93
N LEU B 78 1.70 -35.31 -7.81
CA LEU B 78 1.29 -34.24 -8.69
C LEU B 78 1.83 -34.38 -10.10
N ASP B 79 2.93 -35.10 -10.28
CA ASP B 79 3.46 -35.37 -11.60
C ASP B 79 2.85 -36.60 -12.26
N LEU B 80 1.92 -37.29 -11.62
CA LEU B 80 1.23 -38.40 -12.24
C LEU B 80 -0.08 -37.88 -12.82
N LYS B 81 -0.20 -37.91 -14.14
CA LYS B 81 -1.41 -37.40 -14.80
C LYS B 81 -2.47 -38.52 -14.85
N ALA B 82 -2.94 -38.87 -13.66
CA ALA B 82 -3.97 -39.90 -13.48
C ALA B 82 -4.82 -39.54 -12.26
N THR B 83 -6.03 -40.07 -12.24
CA THR B 83 -6.97 -39.91 -11.12
C THR B 83 -6.55 -40.80 -9.97
N GLN B 84 -6.35 -40.19 -8.84
CA GLN B 84 -5.84 -40.84 -7.66
C GLN B 84 -6.80 -40.85 -6.47
N ALA B 85 -7.89 -40.07 -6.51
CA ALA B 85 -8.79 -40.02 -5.36
C ALA B 85 -10.18 -39.77 -5.90
N LEU B 86 -11.16 -40.41 -5.26
CA LEU B 86 -12.56 -40.32 -5.66
C LEU B 86 -13.40 -40.04 -4.44
N VAL B 87 -14.13 -38.91 -4.47
CA VAL B 87 -15.01 -38.50 -3.39
C VAL B 87 -16.42 -38.53 -3.93
N LEU B 88 -17.31 -39.19 -3.19
CA LEU B 88 -18.74 -39.24 -3.52
C LEU B 88 -19.56 -38.51 -2.47
N ALA B 89 -20.58 -37.80 -2.94
CA ALA B 89 -21.51 -37.08 -2.10
C ALA B 89 -22.91 -37.39 -2.63
N PRO B 90 -23.95 -37.24 -1.79
CA PRO B 90 -25.28 -37.65 -2.23
C PRO B 90 -26.02 -36.64 -3.08
N THR B 91 -25.57 -35.42 -3.19
CA THR B 91 -26.26 -34.43 -3.99
C THR B 91 -25.29 -33.66 -4.86
N ARG B 92 -25.83 -33.17 -5.98
CA ARG B 92 -25.05 -32.37 -6.92
C ARG B 92 -24.59 -31.07 -6.28
N GLU B 93 -25.44 -30.44 -5.45
CA GLU B 93 -25.04 -29.20 -4.81
C GLU B 93 -23.89 -29.41 -3.88
N LEU B 94 -23.95 -30.46 -3.07
CA LEU B 94 -22.88 -30.74 -2.13
C LEU B 94 -21.60 -31.09 -2.88
N ALA B 95 -21.70 -31.90 -3.95
CA ALA B 95 -20.50 -32.25 -4.72
C ALA B 95 -19.85 -31.00 -5.34
N GLN B 96 -20.66 -30.06 -5.84
CA GLN B 96 -20.10 -28.84 -6.38
C GLN B 96 -19.39 -28.03 -5.29
N GLN B 97 -20.00 -27.96 -4.11
CA GLN B 97 -19.44 -27.23 -3.00
C GLN B 97 -18.11 -27.83 -2.59
N ILE B 98 -18.04 -29.16 -2.49
CA ILE B 98 -16.81 -29.84 -2.08
C ILE B 98 -15.72 -29.61 -3.11
N GLN B 99 -16.07 -29.71 -4.39
CA GLN B 99 -15.07 -29.47 -5.42
C GLN B 99 -14.42 -28.10 -5.25
N LYS B 100 -15.21 -27.07 -4.92
CA LYS B 100 -14.61 -25.72 -4.80
C LYS B 100 -13.64 -25.66 -3.64
N VAL B 101 -13.95 -26.35 -2.53
CA VAL B 101 -13.08 -26.39 -1.38
C VAL B 101 -11.78 -27.06 -1.73
N VAL B 102 -11.84 -28.28 -2.31
CA VAL B 102 -10.63 -28.99 -2.68
C VAL B 102 -9.78 -28.17 -3.63
N MET B 103 -10.44 -27.53 -4.61
CA MET B 103 -9.72 -26.75 -5.61
C MET B 103 -9.00 -25.58 -4.95
N ALA B 104 -9.67 -24.92 -3.99
CA ALA B 104 -9.05 -23.79 -3.27
C ALA B 104 -7.86 -24.24 -2.44
N LEU B 105 -8.04 -25.29 -1.63
CA LEU B 105 -6.94 -25.77 -0.79
C LEU B 105 -5.76 -26.26 -1.62
N GLY B 106 -5.99 -26.79 -2.80
CA GLY B 106 -4.88 -27.27 -3.61
C GLY B 106 -4.42 -26.30 -4.67
N ASP B 107 -4.92 -25.07 -4.66
CA ASP B 107 -4.73 -24.16 -5.78
C ASP B 107 -3.25 -23.90 -6.01
N TYR B 108 -2.48 -23.74 -4.93
CA TYR B 108 -1.08 -23.43 -5.11
C TYR B 108 -0.24 -24.63 -5.48
N MET B 109 -0.81 -25.84 -5.35
CA MET B 109 -0.12 -27.12 -5.56
C MET B 109 -0.12 -27.56 -7.01
N GLY B 110 -1.10 -27.09 -7.76
CA GLY B 110 -1.37 -27.61 -9.08
C GLY B 110 -2.09 -28.95 -9.07
N ALA B 111 -2.92 -29.21 -8.08
CA ALA B 111 -3.70 -30.43 -8.05
C ALA B 111 -4.98 -30.18 -8.83
N SER B 112 -5.32 -31.06 -9.75
CA SER B 112 -6.56 -30.93 -10.49
C SER B 112 -7.71 -31.64 -9.78
N CYS B 113 -8.88 -31.00 -9.80
CA CYS B 113 -10.08 -31.49 -9.13
C CYS B 113 -11.27 -31.19 -10.04
N HIS B 114 -11.95 -32.24 -10.41
CA HIS B 114 -13.05 -32.25 -11.38
C HIS B 114 -14.33 -32.73 -10.72
N ALA B 115 -15.40 -31.96 -10.89
CA ALA B 115 -16.72 -32.40 -10.44
C ALA B 115 -17.34 -33.28 -11.52
N CYS B 116 -17.73 -34.51 -11.14
CA CYS B 116 -18.36 -35.50 -12.02
C CYS B 116 -19.79 -35.70 -11.50
N ILE B 117 -20.73 -34.88 -12.03
CA ILE B 117 -22.06 -34.79 -11.43
C ILE B 117 -23.13 -34.82 -12.51
N GLY B 118 -24.30 -35.34 -12.13
CA GLY B 118 -25.42 -35.33 -13.04
C GLY B 118 -25.85 -33.90 -13.36
N GLY B 119 -26.63 -33.82 -14.44
CA GLY B 119 -27.18 -32.54 -14.86
C GLY B 119 -26.22 -31.62 -15.56
N THR B 120 -25.00 -32.06 -15.82
CA THR B 120 -24.08 -31.24 -16.58
C THR B 120 -24.05 -31.82 -17.99
N ASN B 121 -23.48 -31.05 -18.92
CA ASN B 121 -23.35 -31.50 -20.31
C ASN B 121 -22.35 -32.66 -20.40
N VAL B 122 -22.87 -33.85 -20.78
CA VAL B 122 -22.07 -35.08 -20.80
C VAL B 122 -20.98 -35.02 -21.87
N ARG B 123 -21.33 -34.55 -23.08
CA ARG B 123 -20.32 -34.43 -24.13
C ARG B 123 -19.17 -33.52 -23.72
N ALA B 124 -19.48 -32.40 -23.05
CA ALA B 124 -18.43 -31.51 -22.56
C ALA B 124 -17.53 -32.23 -21.58
N GLU B 125 -18.15 -33.01 -20.68
CA GLU B 125 -17.38 -33.77 -19.68
C GLU B 125 -16.51 -34.82 -20.35
N VAL B 126 -17.06 -35.55 -21.30
CA VAL B 126 -16.26 -36.58 -21.96
C VAL B 126 -15.06 -35.97 -22.64
N GLN B 127 -15.26 -34.81 -23.29
CA GLN B 127 -14.16 -34.20 -24.05
C GLN B 127 -13.06 -33.75 -23.10
N LYS B 128 -13.46 -33.24 -21.95
CA LYS B 128 -12.49 -32.84 -20.94
C LYS B 128 -11.73 -34.05 -20.40
N LEU B 129 -12.46 -35.12 -20.04
CA LEU B 129 -11.83 -36.32 -19.51
C LEU B 129 -10.99 -37.03 -20.57
N GLN B 130 -11.35 -36.90 -21.84
CA GLN B 130 -10.51 -37.48 -22.88
C GLN B 130 -9.16 -36.80 -22.96
N MET B 131 -9.10 -35.51 -22.63
CA MET B 131 -7.87 -34.74 -22.72
C MET B 131 -6.99 -34.83 -21.48
N GLU B 132 -7.57 -35.02 -20.29
CA GLU B 132 -6.75 -34.97 -19.07
C GLU B 132 -7.44 -35.74 -17.96
N ALA B 133 -6.73 -36.63 -17.31
CA ALA B 133 -7.30 -37.34 -16.18
C ALA B 133 -7.11 -36.48 -14.96
N PRO B 134 -8.18 -35.98 -14.34
CA PRO B 134 -8.02 -35.12 -13.16
C PRO B 134 -7.52 -35.91 -11.96
N HIS B 135 -6.68 -35.28 -11.16
CA HIS B 135 -6.10 -35.97 -10.01
C HIS B 135 -7.19 -36.43 -9.05
N ILE B 136 -8.17 -35.58 -8.81
CA ILE B 136 -9.18 -35.81 -7.82
C ILE B 136 -10.52 -35.66 -8.50
N ILE B 137 -11.39 -36.65 -8.33
CA ILE B 137 -12.78 -36.56 -8.79
C ILE B 137 -13.65 -36.38 -7.56
N VAL B 138 -14.58 -35.42 -7.61
CA VAL B 138 -15.62 -35.27 -6.61
C VAL B 138 -16.92 -35.40 -7.37
N GLY B 139 -17.75 -36.37 -7.02
CA GLY B 139 -18.91 -36.62 -7.84
C GLY B 139 -20.13 -37.14 -7.11
N THR B 140 -21.20 -37.34 -7.87
CA THR B 140 -22.38 -38.02 -7.41
C THR B 140 -22.42 -39.42 -8.06
N PRO B 141 -23.09 -40.39 -7.45
CA PRO B 141 -22.87 -41.80 -7.88
C PRO B 141 -23.30 -42.12 -9.29
N GLY B 142 -24.40 -41.59 -9.79
CA GLY B 142 -24.85 -42.02 -11.13
C GLY B 142 -23.87 -41.59 -12.22
N ARG B 143 -23.44 -40.33 -12.20
CA ARG B 143 -22.52 -39.88 -13.23
C ARG B 143 -21.17 -40.53 -13.09
N VAL B 144 -20.70 -40.71 -11.87
CA VAL B 144 -19.42 -41.39 -11.69
C VAL B 144 -19.49 -42.81 -12.26
N PHE B 145 -20.53 -43.55 -11.92
CA PHE B 145 -20.66 -44.95 -12.41
C PHE B 145 -20.72 -44.97 -13.93
N ASP B 146 -21.46 -44.04 -14.53
CA ASP B 146 -21.54 -43.92 -16.00
C ASP B 146 -20.16 -43.64 -16.59
N MET B 147 -19.41 -42.69 -16.00
CA MET B 147 -18.09 -42.37 -16.53
C MET B 147 -17.09 -43.52 -16.35
N LEU B 148 -17.21 -44.31 -15.26
CA LEU B 148 -16.35 -45.48 -15.10
C LEU B 148 -16.75 -46.56 -16.11
N ASN B 149 -18.03 -46.80 -16.28
CA ASN B 149 -18.48 -47.81 -17.24
C ASN B 149 -17.93 -47.48 -18.64
N ARG B 150 -18.02 -46.22 -19.04
CA ARG B 150 -17.56 -45.84 -20.36
C ARG B 150 -16.06 -45.68 -20.44
N ARG B 151 -15.32 -45.91 -19.36
CA ARG B 151 -13.85 -45.82 -19.32
C ARG B 151 -13.29 -44.41 -19.58
N TYR B 152 -14.09 -43.37 -19.40
CA TYR B 152 -13.52 -42.02 -19.40
C TYR B 152 -12.90 -41.67 -18.07
N LEU B 153 -13.36 -42.30 -16.98
CA LEU B 153 -12.65 -42.28 -15.71
C LEU B 153 -11.98 -43.65 -15.55
N SER B 154 -10.72 -43.68 -15.20
CA SER B 154 -10.00 -44.93 -14.96
C SER B 154 -9.77 -45.14 -13.48
N PRO B 155 -10.02 -46.33 -12.94
CA PRO B 155 -9.72 -46.58 -11.53
C PRO B 155 -8.31 -47.07 -11.25
N LYS B 156 -7.47 -47.14 -12.29
CA LYS B 156 -6.19 -47.85 -12.19
C LYS B 156 -5.33 -47.30 -11.07
N TYR B 157 -5.32 -45.98 -10.87
CA TYR B 157 -4.48 -45.32 -9.90
C TYR B 157 -5.26 -44.70 -8.75
N ILE B 158 -6.57 -44.98 -8.65
CA ILE B 158 -7.36 -44.47 -7.53
C ILE B 158 -6.99 -45.22 -6.26
N LYS B 159 -6.37 -44.52 -5.32
CA LYS B 159 -5.94 -45.14 -4.08
C LYS B 159 -6.73 -44.69 -2.89
N MET B 160 -7.65 -43.74 -3.08
N MET B 160 -7.63 -43.72 -3.05
CA MET B 160 -8.46 -43.20 -2.01
CA MET B 160 -8.41 -43.20 -1.92
C MET B 160 -9.90 -43.14 -2.49
C MET B 160 -9.85 -42.98 -2.38
N PHE B 161 -10.80 -43.52 -1.60
CA PHE B 161 -12.24 -43.53 -1.90
C PHE B 161 -12.90 -42.95 -0.67
N VAL B 162 -13.58 -41.81 -0.84
CA VAL B 162 -14.14 -41.06 0.27
C VAL B 162 -15.64 -40.99 0.08
N LEU B 163 -16.38 -41.36 1.08
CA LEU B 163 -17.82 -41.13 1.17
C LEU B 163 -18.13 -40.02 2.15
N ASP B 164 -18.53 -38.85 1.65
CA ASP B 164 -19.08 -37.84 2.56
C ASP B 164 -20.55 -38.16 2.79
N GLU B 165 -21.12 -37.66 3.91
CA GLU B 165 -22.51 -38.01 4.31
C GLU B 165 -22.68 -39.52 4.23
N ALA B 166 -21.68 -40.24 4.82
CA ALA B 166 -21.53 -41.68 4.60
C ALA B 166 -22.75 -42.50 5.00
N ASP B 167 -23.47 -42.08 6.05
CA ASP B 167 -24.63 -42.87 6.46
C ASP B 167 -25.77 -42.76 5.45
N GLU B 168 -25.92 -41.60 4.80
CA GLU B 168 -26.85 -41.49 3.66
C GLU B 168 -26.36 -42.28 2.46
N MET B 169 -25.05 -42.26 2.19
CA MET B 169 -24.48 -43.01 1.08
C MET B 169 -24.60 -44.52 1.29
N LEU B 170 -24.80 -44.98 2.53
CA LEU B 170 -24.96 -46.38 2.85
C LEU B 170 -26.41 -46.73 3.20
N SER B 171 -27.36 -45.82 2.96
CA SER B 171 -28.78 -46.07 3.14
C SER B 171 -29.34 -46.88 1.99
N ARG B 172 -30.59 -47.29 2.13
CA ARG B 172 -31.18 -48.21 1.15
C ARG B 172 -31.10 -47.67 -0.27
N GLY B 173 -31.37 -46.37 -0.46
CA GLY B 173 -31.41 -45.81 -1.80
C GLY B 173 -30.05 -45.73 -2.47
N PHE B 174 -28.99 -45.71 -1.68
CA PHE B 174 -27.66 -45.44 -2.20
C PHE B 174 -26.71 -46.61 -2.09
N LYS B 175 -26.89 -47.52 -1.13
CA LYS B 175 -25.82 -48.48 -0.85
C LYS B 175 -25.44 -49.33 -2.06
N ASP B 176 -26.41 -49.72 -2.89
CA ASP B 176 -26.06 -50.53 -4.05
C ASP B 176 -25.34 -49.71 -5.10
N GLN B 177 -25.64 -48.40 -5.18
CA GLN B 177 -24.87 -47.53 -6.07
C GLN B 177 -23.41 -47.48 -5.68
N ILE B 178 -23.14 -47.26 -4.39
CA ILE B 178 -21.80 -47.19 -3.84
C ILE B 178 -21.09 -48.53 -4.03
N TYR B 179 -21.80 -49.64 -3.82
CA TYR B 179 -21.23 -50.97 -4.00
C TYR B 179 -20.80 -51.16 -5.44
N ASP B 180 -21.67 -50.80 -6.39
CA ASP B 180 -21.33 -50.93 -7.81
C ASP B 180 -20.07 -50.13 -8.18
N ILE B 181 -19.88 -48.93 -7.59
CA ILE B 181 -18.69 -48.15 -7.89
C ILE B 181 -17.48 -48.77 -7.21
N PHE B 182 -17.66 -49.21 -5.96
CA PHE B 182 -16.57 -49.76 -5.19
C PHE B 182 -16.01 -50.99 -5.87
N GLN B 183 -16.88 -51.84 -6.45
CA GLN B 183 -16.42 -53.04 -7.13
C GLN B 183 -15.49 -52.74 -8.31
N LYS B 184 -15.47 -51.53 -8.83
CA LYS B 184 -14.54 -51.16 -9.88
C LYS B 184 -13.15 -50.76 -9.38
N LEU B 185 -12.99 -50.51 -8.10
CA LEU B 185 -11.71 -50.05 -7.56
C LEU B 185 -10.76 -51.19 -7.22
N ASN B 186 -9.48 -50.86 -7.17
CA ASN B 186 -8.43 -51.78 -6.76
C ASN B 186 -8.66 -52.29 -5.34
N SER B 187 -8.19 -53.53 -5.09
CA SER B 187 -8.36 -54.10 -3.76
C SER B 187 -7.65 -53.29 -2.67
N ASN B 188 -6.56 -52.60 -2.98
CA ASN B 188 -5.83 -51.92 -1.92
C ASN B 188 -6.39 -50.51 -1.62
N THR B 189 -7.53 -50.16 -2.16
CA THR B 189 -7.95 -48.76 -2.04
C THR B 189 -8.30 -48.40 -0.59
N GLN B 190 -7.80 -47.24 -0.13
CA GLN B 190 -8.14 -46.71 1.18
C GLN B 190 -9.55 -46.18 1.16
N VAL B 191 -10.28 -46.41 2.23
CA VAL B 191 -11.67 -45.96 2.34
C VAL B 191 -11.81 -45.05 3.56
N VAL B 192 -12.38 -43.86 3.35
CA VAL B 192 -12.63 -42.90 4.41
C VAL B 192 -14.10 -42.52 4.39
N LEU B 193 -14.75 -42.64 5.54
CA LEU B 193 -16.18 -42.32 5.68
C LEU B 193 -16.35 -41.14 6.65
N LEU B 194 -17.19 -40.17 6.30
CA LEU B 194 -17.42 -39.04 7.16
C LEU B 194 -18.89 -38.70 7.21
N SER B 195 -19.37 -38.35 8.40
CA SER B 195 -20.70 -37.81 8.61
C SER B 195 -20.84 -37.35 10.05
N ALA B 196 -21.79 -36.43 10.26
CA ALA B 196 -22.21 -36.06 11.60
C ALA B 196 -22.95 -37.20 12.26
N THR B 197 -23.60 -38.08 11.47
CA THR B 197 -24.35 -39.20 12.00
C THR B 197 -23.86 -40.55 11.44
N MET B 198 -23.70 -41.52 12.35
CA MET B 198 -23.30 -42.89 12.05
C MET B 198 -24.13 -43.87 12.87
N PRO B 199 -25.28 -44.30 12.37
CA PRO B 199 -26.08 -45.32 13.10
C PRO B 199 -25.38 -46.67 13.18
N SER B 200 -25.82 -47.48 14.17
CA SER B 200 -25.18 -48.77 14.41
C SER B 200 -25.34 -49.71 13.21
N ASP B 201 -26.51 -49.70 12.58
CA ASP B 201 -26.74 -50.54 11.39
C ASP B 201 -25.81 -50.12 10.26
N VAL B 202 -25.56 -48.81 10.13
CA VAL B 202 -24.59 -48.34 9.14
C VAL B 202 -23.18 -48.77 9.51
N LEU B 203 -22.81 -48.68 10.79
CA LEU B 203 -21.47 -49.10 11.19
C LEU B 203 -21.22 -50.56 10.88
N GLU B 204 -22.26 -51.40 10.98
CA GLU B 204 -22.11 -52.83 10.66
C GLU B 204 -21.87 -53.03 9.16
N VAL B 205 -22.59 -52.29 8.31
CA VAL B 205 -22.38 -52.39 6.87
C VAL B 205 -20.93 -52.10 6.49
N THR B 206 -20.22 -51.28 7.28
CA THR B 206 -18.88 -50.87 6.84
C THR B 206 -17.90 -52.03 6.82
N LYS B 207 -18.16 -53.10 7.58
CA LYS B 207 -17.22 -54.22 7.59
C LYS B 207 -17.13 -54.88 6.23
N LYS B 208 -18.06 -54.59 5.33
CA LYS B 208 -18.04 -55.16 3.99
C LYS B 208 -17.12 -54.39 3.03
N PHE B 209 -16.51 -53.26 3.46
CA PHE B 209 -15.50 -52.64 2.61
C PHE B 209 -14.35 -52.00 3.38
N MET B 210 -14.23 -52.20 4.68
CA MET B 210 -13.19 -51.54 5.47
C MET B 210 -12.39 -52.54 6.29
N ARG B 211 -11.06 -52.51 6.10
CA ARG B 211 -10.12 -53.25 6.92
C ARG B 211 -9.91 -52.56 8.27
N ASP B 212 -10.43 -53.16 9.34
CA ASP B 212 -10.13 -52.79 10.71
C ASP B 212 -9.90 -51.29 10.81
N PRO B 213 -10.94 -50.50 10.60
CA PRO B 213 -10.73 -49.06 10.45
C PRO B 213 -10.42 -48.36 11.76
N ILE B 214 -9.74 -47.22 11.63
CA ILE B 214 -9.71 -46.24 12.71
C ILE B 214 -11.09 -45.64 12.89
N ARG B 215 -11.60 -45.66 14.11
CA ARG B 215 -12.92 -45.12 14.42
C ARG B 215 -12.75 -43.86 15.25
N ILE B 216 -13.29 -42.76 14.75
CA ILE B 216 -13.33 -41.49 15.49
C ILE B 216 -14.81 -41.17 15.60
N LEU B 217 -15.41 -41.47 16.75
CA LEU B 217 -16.88 -41.42 16.88
C LEU B 217 -17.35 -40.49 17.99
N VAL B 218 -18.64 -40.13 17.87
CA VAL B 218 -19.32 -39.20 18.77
C VAL B 218 -20.61 -39.87 19.26
N LYS B 219 -20.79 -39.91 20.57
CA LYS B 219 -22.06 -40.36 21.13
C LYS B 219 -23.20 -39.49 20.60
N LYS B 220 -24.31 -40.15 20.23
CA LYS B 220 -25.42 -39.43 19.63
C LYS B 220 -26.02 -38.39 20.56
N GLU B 221 -25.82 -38.56 21.87
CA GLU B 221 -26.31 -37.59 22.83
C GLU B 221 -25.38 -36.39 22.96
N GLU B 222 -24.20 -36.44 22.34
CA GLU B 222 -23.30 -35.30 22.29
C GLU B 222 -23.30 -34.63 20.91
N LEU B 223 -24.23 -35.01 20.02
CA LEU B 223 -24.23 -34.44 18.68
C LEU B 223 -24.76 -33.02 18.60
N THR B 224 -25.74 -32.67 19.44
CA THR B 224 -26.40 -31.38 19.33
C THR B 224 -25.47 -30.26 19.78
N LEU B 225 -25.55 -29.10 19.12
CA LEU B 225 -24.74 -27.94 19.46
C LEU B 225 -25.57 -26.97 20.28
N GLU B 226 -25.03 -26.52 21.41
CA GLU B 226 -25.81 -25.75 22.36
C GLU B 226 -26.16 -24.36 21.83
N GLY B 227 -25.42 -23.84 20.85
CA GLY B 227 -25.72 -22.53 20.29
C GLY B 227 -27.02 -22.47 19.52
N ILE B 228 -27.50 -23.60 18.99
CA ILE B 228 -28.74 -23.63 18.24
C ILE B 228 -29.90 -23.78 19.22
N ARG B 229 -30.71 -22.75 19.33
CA ARG B 229 -31.91 -22.80 20.16
C ARG B 229 -33.02 -23.53 19.40
N GLN B 230 -33.45 -24.69 19.92
CA GLN B 230 -34.47 -25.50 19.28
C GLN B 230 -35.82 -25.25 19.92
N PHE B 231 -36.83 -25.01 19.09
CA PHE B 231 -38.19 -24.71 19.56
C PHE B 231 -39.19 -25.55 18.79
N TYR B 232 -40.43 -25.58 19.29
CA TYR B 232 -41.56 -26.14 18.57
C TYR B 232 -42.75 -25.20 18.66
N ILE B 233 -43.67 -25.37 17.73
CA ILE B 233 -44.94 -24.65 17.70
C ILE B 233 -46.02 -25.69 17.47
N ASN B 234 -47.07 -25.66 18.31
CA ASN B 234 -48.24 -26.50 18.12
C ASN B 234 -49.14 -25.85 17.06
N VAL B 235 -48.99 -26.27 15.81
CA VAL B 235 -49.96 -25.86 14.80
C VAL B 235 -51.22 -26.72 14.93
N GLU B 236 -51.06 -27.96 15.40
CA GLU B 236 -52.14 -28.91 15.70
C GLU B 236 -52.78 -29.48 14.44
N ARG B 237 -52.97 -28.67 13.41
CA ARG B 237 -53.54 -29.11 12.14
C ARG B 237 -52.61 -28.73 11.01
N GLU B 238 -52.46 -29.63 10.04
CA GLU B 238 -51.64 -29.31 8.88
C GLU B 238 -52.14 -28.04 8.16
N GLU B 239 -53.45 -27.95 7.91
CA GLU B 239 -53.97 -26.83 7.12
C GLU B 239 -53.65 -25.49 7.77
N TRP B 240 -53.27 -25.49 9.03
CA TRP B 240 -52.93 -24.25 9.72
C TRP B 240 -51.44 -23.87 9.59
N LYS B 241 -50.61 -24.71 9.00
CA LYS B 241 -49.18 -24.38 8.90
C LYS B 241 -48.95 -23.13 8.06
N LEU B 242 -49.66 -22.98 6.94
CA LEU B 242 -49.40 -21.85 6.04
C LEU B 242 -49.52 -20.51 6.78
N ASP B 243 -50.60 -20.34 7.55
CA ASP B 243 -50.79 -19.08 8.28
C ASP B 243 -49.68 -18.87 9.30
N THR B 244 -49.34 -19.92 10.04
CA THR B 244 -48.26 -19.83 11.02
C THR B 244 -46.96 -19.36 10.36
N LEU B 245 -46.58 -19.99 9.25
CA LEU B 245 -45.38 -19.58 8.55
C LEU B 245 -45.47 -18.11 8.13
N CYS B 246 -46.62 -17.69 7.60
CA CYS B 246 -46.76 -16.30 7.19
C CYS B 246 -46.63 -15.36 8.39
N ASP B 247 -47.21 -15.73 9.54
CA ASP B 247 -47.05 -14.93 10.74
C ASP B 247 -45.58 -14.86 11.14
N LEU B 248 -44.85 -15.98 11.02
CA LEU B 248 -43.44 -16.00 11.39
C LEU B 248 -42.62 -15.14 10.44
N TYR B 249 -42.93 -15.17 9.15
CA TYR B 249 -42.23 -14.32 8.20
C TYR B 249 -42.35 -12.84 8.59
N GLU B 250 -43.56 -12.39 8.90
CA GLU B 250 -43.79 -10.96 9.11
C GLU B 250 -43.21 -10.46 10.43
N THR B 251 -43.09 -11.34 11.42
CA THR B 251 -42.69 -10.96 12.77
C THR B 251 -41.21 -11.22 13.05
N LEU B 252 -40.66 -12.34 12.59
CA LEU B 252 -39.28 -12.67 12.91
C LEU B 252 -38.32 -11.75 12.16
N THR B 253 -37.18 -11.49 12.82
CA THR B 253 -36.06 -10.79 12.21
C THR B 253 -35.20 -11.85 11.52
N ILE B 254 -35.14 -11.81 10.19
CA ILE B 254 -34.51 -12.87 9.41
C ILE B 254 -33.39 -12.24 8.60
N THR B 255 -32.16 -12.72 8.81
CA THR B 255 -31.10 -12.48 7.84
C THR B 255 -31.28 -13.45 6.67
N GLN B 256 -31.00 -14.74 6.88
CA GLN B 256 -31.26 -15.76 5.88
C GLN B 256 -31.87 -16.97 6.57
N ALA B 257 -32.81 -17.63 5.89
CA ALA B 257 -33.52 -18.72 6.53
C ALA B 257 -33.76 -19.82 5.50
N VAL B 258 -33.82 -21.04 6.00
CA VAL B 258 -34.18 -22.21 5.19
C VAL B 258 -35.42 -22.83 5.81
N ILE B 259 -36.40 -23.15 4.97
CA ILE B 259 -37.61 -23.87 5.38
C ILE B 259 -37.62 -25.26 4.74
N PHE B 260 -37.64 -26.29 5.58
CA PHE B 260 -37.58 -27.66 5.10
C PHE B 260 -38.96 -28.26 5.03
N ILE B 261 -39.19 -28.97 3.94
CA ILE B 261 -40.46 -29.58 3.55
C ILE B 261 -40.11 -30.99 3.11
N ASN B 262 -40.99 -31.96 3.42
CA ASN B 262 -40.66 -33.36 3.18
C ASN B 262 -40.86 -33.81 1.74
N THR B 263 -41.70 -33.13 0.93
CA THR B 263 -41.91 -33.58 -0.43
C THR B 263 -41.68 -32.44 -1.41
N ARG B 264 -41.29 -32.83 -2.63
CA ARG B 264 -41.13 -31.85 -3.71
C ARG B 264 -42.47 -31.21 -4.06
N ARG B 265 -43.54 -31.99 -3.99
CA ARG B 265 -44.87 -31.46 -4.27
C ARG B 265 -45.26 -30.35 -3.31
N LYS B 266 -44.99 -30.55 -2.01
CA LYS B 266 -45.35 -29.50 -1.05
C LYS B 266 -44.45 -28.29 -1.19
N VAL B 267 -43.20 -28.46 -1.59
CA VAL B 267 -42.36 -27.30 -1.90
C VAL B 267 -42.99 -26.44 -2.98
N ASP B 268 -43.39 -27.06 -4.09
CA ASP B 268 -44.01 -26.31 -5.17
C ASP B 268 -45.28 -25.64 -4.68
N TRP B 269 -46.06 -26.35 -3.86
CA TRP B 269 -47.32 -25.83 -3.32
C TRP B 269 -47.08 -24.63 -2.42
N LEU B 270 -46.23 -24.79 -1.43
CA LEU B 270 -45.99 -23.69 -0.49
C LEU B 270 -45.40 -22.47 -1.21
N THR B 271 -44.49 -22.71 -2.15
CA THR B 271 -43.87 -21.59 -2.87
C THR B 271 -44.91 -20.77 -3.62
N GLU B 272 -45.84 -21.45 -4.30
CA GLU B 272 -46.86 -20.70 -5.03
C GLU B 272 -47.76 -19.92 -4.07
N LYS B 273 -48.16 -20.55 -2.95
CA LYS B 273 -49.01 -19.87 -1.98
C LYS B 273 -48.32 -18.69 -1.33
N MET B 274 -47.03 -18.82 -1.00
CA MET B 274 -46.30 -17.69 -0.43
C MET B 274 -46.22 -16.55 -1.43
N HIS B 275 -46.02 -16.89 -2.71
CA HIS B 275 -45.92 -15.87 -3.73
C HIS B 275 -47.25 -15.15 -3.93
N ALA B 276 -48.35 -15.91 -3.92
CA ALA B 276 -49.69 -15.34 -4.08
C ALA B 276 -50.03 -14.40 -2.94
N ARG B 277 -49.37 -14.56 -1.79
CA ARG B 277 -49.53 -13.69 -0.63
C ARG B 277 -48.49 -12.59 -0.57
N ASP B 278 -47.74 -12.37 -1.66
CA ASP B 278 -46.75 -11.28 -1.78
C ASP B 278 -45.61 -11.45 -0.77
N PHE B 279 -45.20 -12.69 -0.52
CA PHE B 279 -43.99 -12.97 0.23
C PHE B 279 -42.87 -13.36 -0.73
N THR B 280 -41.67 -12.86 -0.48
CA THR B 280 -40.53 -13.13 -1.36
C THR B 280 -39.82 -14.37 -0.86
N VAL B 281 -39.81 -15.42 -1.67
CA VAL B 281 -39.17 -16.67 -1.32
C VAL B 281 -38.59 -17.25 -2.58
N SER B 282 -37.55 -18.07 -2.43
CA SER B 282 -37.05 -18.91 -3.49
C SER B 282 -37.26 -20.36 -3.08
N ALA B 283 -37.19 -21.26 -4.06
CA ALA B 283 -37.48 -22.67 -3.85
C ALA B 283 -36.52 -23.53 -4.64
N MET B 284 -36.17 -24.68 -4.07
CA MET B 284 -35.32 -25.65 -4.76
C MET B 284 -35.74 -27.06 -4.40
N HIS B 285 -35.78 -27.95 -5.41
CA HIS B 285 -35.90 -29.38 -5.14
C HIS B 285 -35.36 -30.14 -6.33
N GLY B 286 -35.30 -31.47 -6.17
CA GLY B 286 -34.53 -32.32 -7.07
C GLY B 286 -35.15 -32.52 -8.45
N ASP B 287 -36.42 -32.17 -8.64
CA ASP B 287 -37.05 -32.32 -9.94
C ASP B 287 -36.91 -31.09 -10.84
N MET B 288 -36.36 -30.02 -10.30
CA MET B 288 -36.07 -28.82 -11.06
C MET B 288 -34.93 -29.07 -12.04
N ASP B 289 -35.00 -28.39 -13.18
CA ASP B 289 -33.88 -28.42 -14.12
C ASP B 289 -32.61 -28.04 -13.39
N GLN B 290 -31.49 -28.67 -13.75
CA GLN B 290 -30.24 -28.39 -13.03
C GLN B 290 -29.80 -26.94 -13.22
N LYS B 291 -30.01 -26.37 -14.42
CA LYS B 291 -29.72 -24.94 -14.61
C LYS B 291 -30.48 -24.07 -13.62
N GLU B 292 -31.72 -24.44 -13.30
CA GLU B 292 -32.50 -23.73 -12.30
C GLU B 292 -31.94 -23.96 -10.91
N ARG B 293 -31.69 -25.22 -10.53
CA ARG B 293 -31.03 -25.51 -9.24
C ARG B 293 -29.77 -24.66 -9.03
N ASP B 294 -28.91 -24.58 -10.05
CA ASP B 294 -27.65 -23.87 -9.93
C ASP B 294 -27.90 -22.40 -9.69
N VAL B 295 -28.87 -21.82 -10.41
CA VAL B 295 -29.15 -20.40 -10.26
C VAL B 295 -29.68 -20.14 -8.86
N ILE B 296 -30.62 -20.98 -8.40
CA ILE B 296 -31.24 -20.76 -7.09
C ILE B 296 -30.19 -20.87 -5.98
N MET B 297 -29.28 -21.84 -6.08
CA MET B 297 -28.25 -21.98 -5.05
C MET B 297 -27.29 -20.79 -5.06
N ARG B 298 -26.95 -20.27 -6.23
CA ARG B 298 -26.01 -19.16 -6.26
C ARG B 298 -26.65 -17.91 -5.69
N GLU B 299 -27.93 -17.70 -6.00
CA GLU B 299 -28.60 -16.50 -5.49
C GLU B 299 -28.82 -16.59 -3.99
N PHE B 300 -28.94 -17.80 -3.45
CA PHE B 300 -29.01 -17.92 -2.00
C PHE B 300 -27.66 -17.71 -1.36
N ARG B 301 -26.59 -18.32 -1.92
CA ARG B 301 -25.26 -18.08 -1.36
C ARG B 301 -24.91 -16.59 -1.33
N SER B 302 -25.32 -15.85 -2.36
CA SER B 302 -24.97 -14.42 -2.45
C SER B 302 -25.83 -13.53 -1.54
N GLY B 303 -26.90 -14.06 -1.00
CA GLY B 303 -27.83 -13.31 -0.21
C GLY B 303 -28.86 -12.56 -1.01
N SER B 304 -28.90 -12.74 -2.34
CA SER B 304 -29.90 -12.09 -3.16
C SER B 304 -31.29 -12.64 -2.88
N SER B 305 -31.38 -13.88 -2.42
CA SER B 305 -32.60 -14.44 -1.85
C SER B 305 -32.34 -14.71 -0.38
N ARG B 306 -33.29 -14.32 0.47
CA ARG B 306 -33.11 -14.42 1.92
C ARG B 306 -33.82 -15.61 2.53
N VAL B 307 -34.76 -16.22 1.82
CA VAL B 307 -35.57 -17.29 2.38
C VAL B 307 -35.72 -18.34 1.31
N LEU B 308 -35.31 -19.57 1.62
CA LEU B 308 -35.30 -20.66 0.66
C LEU B 308 -36.13 -21.82 1.19
N ILE B 309 -37.13 -22.27 0.40
CA ILE B 309 -37.95 -23.42 0.70
C ILE B 309 -37.36 -24.60 -0.05
N THR B 310 -37.16 -25.73 0.62
CA THR B 310 -36.45 -26.85 0.01
C THR B 310 -36.80 -28.17 0.69
N THR B 311 -36.45 -29.25 0.01
CA THR B 311 -36.53 -30.59 0.57
C THR B 311 -35.20 -30.95 1.25
N ASP B 312 -35.07 -32.18 1.68
CA ASP B 312 -33.82 -32.68 2.24
C ASP B 312 -32.69 -32.72 1.21
N LEU B 313 -32.97 -32.33 -0.04
CA LEU B 313 -31.90 -32.03 -0.98
C LEU B 313 -30.79 -31.17 -0.37
N LEU B 314 -31.16 -30.18 0.45
CA LEU B 314 -30.21 -29.26 1.06
C LEU B 314 -30.07 -29.45 2.58
N ALA B 315 -30.53 -30.57 3.08
CA ALA B 315 -30.38 -30.86 4.50
C ALA B 315 -28.95 -31.26 4.88
N ARG B 316 -28.19 -31.84 3.94
CA ARG B 316 -26.87 -32.40 4.26
C ARG B 316 -25.74 -31.59 3.65
N GLY B 317 -24.83 -31.10 4.51
CA GLY B 317 -23.54 -30.64 4.10
C GLY B 317 -23.47 -29.24 3.52
N ILE B 318 -24.60 -28.64 3.13
CA ILE B 318 -24.59 -27.34 2.47
C ILE B 318 -24.12 -26.27 3.44
N ASP B 319 -23.15 -25.47 3.04
CA ASP B 319 -22.48 -24.48 3.92
C ASP B 319 -22.94 -23.09 3.46
N VAL B 320 -23.91 -22.51 4.16
CA VAL B 320 -24.36 -21.13 3.91
C VAL B 320 -24.23 -20.41 5.26
N GLN B 321 -23.10 -19.75 5.45
CA GLN B 321 -22.74 -19.24 6.78
C GLN B 321 -23.79 -18.29 7.33
N GLN B 322 -24.43 -17.51 6.48
CA GLN B 322 -25.33 -16.44 6.94
C GLN B 322 -26.70 -16.97 7.39
N VAL B 323 -27.00 -18.25 7.18
CA VAL B 323 -28.26 -18.79 7.68
C VAL B 323 -28.25 -18.80 9.21
N SER B 324 -29.26 -18.20 9.81
CA SER B 324 -29.38 -18.18 11.26
C SER B 324 -30.72 -18.71 11.73
N LEU B 325 -31.50 -19.29 10.83
CA LEU B 325 -32.87 -19.73 11.11
C LEU B 325 -33.23 -20.90 10.21
N VAL B 326 -33.54 -22.01 10.83
CA VAL B 326 -34.09 -23.17 10.14
C VAL B 326 -35.50 -23.43 10.66
N ILE B 327 -36.44 -23.63 9.74
CA ILE B 327 -37.83 -23.93 10.06
C ILE B 327 -38.16 -25.30 9.46
N ASN B 328 -38.47 -26.26 10.30
CA ASN B 328 -38.99 -27.56 9.90
C ASN B 328 -40.51 -27.44 9.81
N TYR B 329 -40.97 -27.00 8.66
CA TYR B 329 -42.40 -26.94 8.35
C TYR B 329 -43.01 -28.33 8.42
N ASP B 330 -42.34 -29.33 7.85
CA ASP B 330 -42.53 -30.72 8.20
C ASP B 330 -41.39 -31.18 9.12
N LEU B 331 -41.71 -32.04 10.05
CA LEU B 331 -40.70 -32.79 10.77
C LEU B 331 -40.14 -33.91 9.89
N PRO B 332 -38.84 -34.18 9.95
CA PRO B 332 -38.23 -35.16 9.05
C PRO B 332 -38.70 -36.58 9.32
N THR B 333 -38.70 -37.37 8.25
CA THR B 333 -39.14 -38.77 8.36
C THR B 333 -38.10 -39.64 9.04
N ASN B 334 -36.85 -39.19 9.13
CA ASN B 334 -35.81 -39.94 9.82
C ASN B 334 -35.10 -39.03 10.81
N ARG B 335 -34.67 -39.62 11.93
CA ARG B 335 -34.13 -38.81 13.02
C ARG B 335 -32.80 -38.18 12.63
N GLU B 336 -31.95 -38.96 11.94
CA GLU B 336 -30.64 -38.45 11.58
C GLU B 336 -30.76 -37.18 10.78
N ASN B 337 -31.73 -37.09 9.87
CA ASN B 337 -31.81 -35.86 9.08
C ASN B 337 -32.18 -34.65 9.95
N TYR B 338 -32.76 -34.86 11.14
CA TYR B 338 -33.07 -33.71 11.97
C TYR B 338 -31.81 -32.94 12.34
N ILE B 339 -30.75 -33.64 12.73
CA ILE B 339 -29.62 -32.86 13.19
C ILE B 339 -28.87 -32.28 11.98
N HIS B 340 -28.99 -32.91 10.80
CA HIS B 340 -28.37 -32.33 9.62
C HIS B 340 -29.10 -31.05 9.22
N ARG B 341 -30.44 -31.07 9.23
CA ARG B 341 -31.17 -29.83 8.92
C ARG B 341 -30.83 -28.70 9.87
N ILE B 342 -30.87 -28.95 11.18
CA ILE B 342 -30.60 -27.84 12.07
C ILE B 342 -29.15 -27.42 12.08
N GLY B 343 -28.26 -28.21 11.50
CA GLY B 343 -26.89 -27.80 11.33
C GLY B 343 -26.66 -26.81 10.20
N ARG B 344 -27.64 -26.52 9.35
CA ARG B 344 -27.40 -25.49 8.34
C ARG B 344 -27.25 -24.12 9.01
N GLY B 345 -26.31 -23.31 8.48
CA GLY B 345 -25.98 -21.99 9.04
C GLY B 345 -24.88 -21.95 10.08
N GLY B 346 -24.04 -20.90 10.02
CA GLY B 346 -22.99 -20.63 10.99
C GLY B 346 -22.14 -21.77 11.50
N ARG B 347 -20.83 -21.69 11.26
CA ARG B 347 -19.90 -22.76 11.58
C ARG B 347 -19.59 -22.79 13.08
N PHE B 348 -19.05 -23.93 13.51
CA PHE B 348 -18.53 -24.07 14.86
C PHE B 348 -19.60 -23.82 15.91
N GLY B 349 -20.85 -24.13 15.57
CA GLY B 349 -21.94 -23.93 16.50
C GLY B 349 -22.26 -22.49 16.83
N ARG B 350 -21.96 -21.56 15.90
CA ARG B 350 -22.43 -20.19 16.07
C ARG B 350 -23.93 -20.18 16.37
N LYS B 351 -24.35 -19.19 17.17
CA LYS B 351 -25.73 -19.08 17.60
C LYS B 351 -26.68 -19.06 16.40
N GLY B 352 -27.82 -19.71 16.58
CA GLY B 352 -28.88 -19.72 15.59
C GLY B 352 -30.13 -20.32 16.21
N VAL B 353 -31.13 -20.60 15.37
CA VAL B 353 -32.48 -20.91 15.86
C VAL B 353 -33.12 -21.93 14.93
N ALA B 354 -33.66 -23.01 15.50
CA ALA B 354 -34.50 -23.95 14.75
C ALA B 354 -35.93 -23.93 15.31
N ILE B 355 -36.92 -23.88 14.41
CA ILE B 355 -38.33 -23.88 14.80
C ILE B 355 -39.00 -25.05 14.12
N ASN B 356 -39.62 -25.94 14.90
CA ASN B 356 -40.34 -27.11 14.42
C ASN B 356 -41.85 -26.87 14.49
N MET B 357 -42.53 -27.06 13.38
CA MET B 357 -43.99 -26.90 13.29
C MET B 357 -44.59 -28.29 13.40
N VAL B 358 -45.32 -28.55 14.49
CA VAL B 358 -45.75 -29.90 14.83
C VAL B 358 -47.27 -29.92 14.94
N THR B 359 -47.87 -30.91 14.31
CA THR B 359 -49.29 -31.19 14.47
C THR B 359 -49.51 -32.12 15.67
N GLU B 360 -50.79 -32.29 16.02
CA GLU B 360 -51.14 -33.13 17.16
C GLU B 360 -50.67 -34.57 16.95
N GLU B 361 -50.60 -35.01 15.69
CA GLU B 361 -50.13 -36.35 15.39
C GLU B 361 -48.62 -36.42 15.21
N ASP B 362 -47.94 -35.28 15.23
CA ASP B 362 -46.49 -35.24 15.05
C ASP B 362 -45.74 -35.23 16.38
N LYS B 363 -46.42 -34.86 17.47
CA LYS B 363 -45.73 -34.61 18.73
C LYS B 363 -44.96 -35.83 19.21
N ARG B 364 -45.44 -37.04 18.93
CA ARG B 364 -44.67 -38.23 19.29
C ARG B 364 -43.30 -38.21 18.61
N THR B 365 -43.29 -37.94 17.30
CA THR B 365 -42.03 -37.87 16.56
C THR B 365 -41.07 -36.89 17.20
N LEU B 366 -41.59 -35.74 17.67
CA LEU B 366 -40.75 -34.75 18.32
C LEU B 366 -40.09 -35.28 19.59
N ARG B 367 -40.78 -36.16 20.32
CA ARG B 367 -40.20 -36.68 21.55
CA ARG B 367 -40.21 -36.69 21.55
C ARG B 367 -39.19 -37.79 21.27
N ASP B 368 -39.40 -38.55 20.19
CA ASP B 368 -38.41 -39.55 19.80
C ASP B 368 -37.11 -38.89 19.33
N ILE B 369 -37.21 -37.73 18.69
CA ILE B 369 -36.04 -36.91 18.43
C ILE B 369 -35.41 -36.49 19.76
N GLU B 370 -36.23 -35.91 20.64
CA GLU B 370 -35.74 -35.40 21.92
C GLU B 370 -35.03 -36.49 22.73
N THR B 371 -35.65 -37.67 22.83
CA THR B 371 -35.07 -38.73 23.66
C THR B 371 -33.86 -39.36 22.99
N PHE B 372 -33.83 -39.37 21.66
CA PHE B 372 -32.78 -40.04 20.93
C PHE B 372 -31.47 -39.26 21.00
N TYR B 373 -31.55 -37.94 20.86
CA TYR B 373 -30.39 -37.06 20.99
C TYR B 373 -30.24 -36.49 22.40
N ASN B 374 -31.08 -36.91 23.34
CA ASN B 374 -31.05 -36.42 24.71
C ASN B 374 -30.96 -34.90 24.75
N THR B 375 -31.95 -34.27 24.10
CA THR B 375 -32.05 -32.82 23.98
C THR B 375 -33.51 -32.41 24.20
N SER B 376 -33.71 -31.19 24.70
CA SER B 376 -35.06 -30.67 24.93
C SER B 376 -35.40 -29.60 23.89
N ILE B 377 -36.66 -29.60 23.42
CA ILE B 377 -37.16 -28.62 22.46
C ILE B 377 -38.29 -27.83 23.13
N GLU B 378 -38.04 -26.54 23.32
CA GLU B 378 -38.93 -25.67 24.06
C GLU B 378 -40.06 -25.17 23.18
N GLU B 379 -41.25 -25.03 23.78
CA GLU B 379 -42.30 -24.28 23.11
C GLU B 379 -41.81 -22.87 22.85
N MET B 380 -42.16 -22.33 21.68
CA MET B 380 -41.58 -21.08 21.24
C MET B 380 -41.98 -19.96 22.18
N GLU C 11 3.34 -23.71 29.87
CA GLU C 11 3.24 -23.31 31.29
C GLU C 11 2.20 -22.21 31.52
N ILE C 12 1.35 -22.40 32.52
CA ILE C 12 0.36 -21.44 32.96
C ILE C 12 0.66 -21.12 34.42
N VAL C 13 0.97 -19.86 34.70
CA VAL C 13 1.36 -19.42 36.04
C VAL C 13 0.33 -18.40 36.48
N ASP C 14 -0.50 -18.76 37.45
CA ASP C 14 -1.67 -17.94 37.77
C ASP C 14 -1.44 -16.99 38.94
N SER C 15 -0.20 -16.77 39.36
CA SER C 15 0.06 -15.80 40.43
C SER C 15 1.32 -14.98 40.16
N PHE C 16 1.25 -13.67 40.34
CA PHE C 16 2.48 -12.89 40.17
C PHE C 16 3.58 -13.34 41.13
N ASP C 17 3.20 -13.85 42.31
CA ASP C 17 4.17 -14.32 43.31
C ASP C 17 4.96 -15.54 42.84
N ASP C 18 4.49 -16.24 41.80
CA ASP C 18 5.17 -17.43 41.32
C ASP C 18 5.93 -17.20 40.02
N MET C 19 6.22 -15.94 39.70
CA MET C 19 6.92 -15.59 38.46
C MET C 19 8.39 -15.25 38.68
N ASN C 20 8.89 -15.44 39.90
CA ASN C 20 10.28 -15.15 40.22
C ASN C 20 10.62 -13.68 39.94
N LEU C 21 9.71 -12.80 40.31
CA LEU C 21 9.89 -11.38 40.07
C LEU C 21 10.59 -10.73 41.24
N SER C 22 11.37 -9.72 40.94
CA SER C 22 12.03 -8.94 42.00
C SER C 22 11.02 -8.35 42.98
N GLU C 23 11.45 -8.15 44.24
CA GLU C 23 10.49 -7.68 45.25
C GLU C 23 9.99 -6.27 44.91
N SER C 24 10.84 -5.44 44.28
CA SER C 24 10.41 -4.11 43.94
C SER C 24 9.47 -4.10 42.74
N LEU C 25 9.67 -5.00 41.79
CA LEU C 25 8.69 -5.10 40.69
C LEU C 25 7.33 -5.51 41.21
N LEU C 26 7.28 -6.58 42.00
CA LEU C 26 6.03 -7.01 42.59
C LEU C 26 5.35 -5.91 43.37
N ARG C 27 6.14 -5.10 44.13
CA ARG C 27 5.52 -4.02 44.87
C ARG C 27 4.84 -3.03 43.93
N GLY C 28 5.49 -2.70 42.84
CA GLY C 28 4.88 -1.83 41.85
C GLY C 28 3.64 -2.44 41.21
N ILE C 29 3.68 -3.72 40.82
CA ILE C 29 2.49 -4.39 40.27
C ILE C 29 1.30 -4.26 41.22
N TYR C 30 1.50 -4.65 42.49
CA TYR C 30 0.38 -4.57 43.41
C TYR C 30 0.00 -3.12 43.71
N ALA C 31 0.97 -2.19 43.83
CA ALA C 31 0.63 -0.79 44.03
C ALA C 31 -0.24 -0.24 42.90
N TYR C 32 0.01 -0.68 41.66
CA TYR C 32 -0.82 -0.27 40.51
C TYR C 32 -2.23 -0.83 40.59
N GLY C 33 -2.49 -1.83 41.44
CA GLY C 33 -3.80 -2.37 41.67
C GLY C 33 -4.05 -3.72 41.01
N PHE C 34 -3.08 -4.28 40.31
CA PHE C 34 -3.23 -5.65 39.83
C PHE C 34 -3.24 -6.59 41.00
N GLU C 35 -4.05 -7.63 40.89
CA GLU C 35 -4.09 -8.62 41.95
C GLU C 35 -3.67 -9.99 41.45
N LYS C 36 -4.05 -10.34 40.21
CA LYS C 36 -3.86 -11.68 39.65
C LYS C 36 -3.59 -11.46 38.16
N PRO C 37 -2.72 -12.25 37.55
CA PRO C 37 -2.45 -12.06 36.13
C PRO C 37 -3.64 -12.49 35.26
N SER C 38 -3.83 -11.77 34.16
CA SER C 38 -4.78 -12.19 33.14
C SER C 38 -4.28 -13.42 32.39
N ALA C 39 -5.14 -13.99 31.52
CA ALA C 39 -4.79 -15.23 30.86
C ALA C 39 -3.54 -15.06 30.03
N ILE C 40 -3.42 -13.95 29.30
CA ILE C 40 -2.22 -13.81 28.47
C ILE C 40 -0.98 -13.58 29.34
N GLN C 41 -1.12 -12.83 30.46
CA GLN C 41 -0.01 -12.64 31.39
C GLN C 41 0.49 -13.99 31.95
N GLN C 42 -0.44 -14.90 32.23
CA GLN C 42 -0.13 -16.23 32.77
C GLN C 42 0.69 -17.10 31.80
N ARG C 43 0.60 -16.85 30.50
CA ARG C 43 1.34 -17.64 29.53
CA ARG C 43 1.33 -17.63 29.52
C ARG C 43 2.53 -16.91 28.90
N ALA C 44 2.50 -15.56 28.77
CA ALA C 44 3.57 -14.92 28.02
C ALA C 44 4.67 -14.23 28.85
N ILE C 45 4.43 -13.92 30.12
CA ILE C 45 5.43 -13.18 30.89
C ILE C 45 6.70 -14.01 31.07
N LEU C 46 6.57 -15.27 31.50
CA LEU C 46 7.76 -16.07 31.78
C LEU C 46 8.62 -16.31 30.54
N PRO C 47 8.08 -16.78 29.42
CA PRO C 47 8.89 -16.86 28.21
C PRO C 47 9.60 -15.59 27.82
N CYS C 48 8.92 -14.45 27.94
CA CYS C 48 9.57 -13.17 27.63
C CYS C 48 10.71 -12.90 28.61
N ILE C 49 10.48 -13.14 29.90
CA ILE C 49 11.54 -12.94 30.88
C ILE C 49 12.75 -13.81 30.56
N LYS C 50 12.51 -15.07 30.18
CA LYS C 50 13.60 -16.01 29.90
C LYS C 50 14.32 -15.70 28.60
N GLY C 51 13.85 -14.74 27.81
CA GLY C 51 14.62 -14.30 26.68
C GLY C 51 14.24 -14.89 25.34
N TYR C 52 13.15 -15.65 25.27
CA TYR C 52 12.68 -16.19 24.00
C TYR C 52 12.05 -15.12 23.13
N ASP C 53 12.20 -15.27 21.80
CA ASP C 53 11.32 -14.57 20.87
C ASP C 53 9.89 -15.08 21.04
N VAL C 54 8.94 -14.15 21.14
CA VAL C 54 7.57 -14.47 21.49
C VAL C 54 6.64 -13.65 20.59
N ILE C 55 5.59 -14.32 20.10
CA ILE C 55 4.41 -13.71 19.50
C ILE C 55 3.22 -13.91 20.43
N ALA C 56 2.68 -12.82 20.95
CA ALA C 56 1.65 -12.91 21.97
C ALA C 56 0.39 -12.23 21.43
N GLN C 57 -0.58 -13.05 21.08
CA GLN C 57 -1.88 -12.53 20.64
C GLN C 57 -2.89 -12.83 21.73
N ALA C 58 -3.79 -11.86 21.98
CA ALA C 58 -4.87 -12.04 22.93
C ALA C 58 -5.90 -10.96 22.66
N GLN C 59 -7.12 -11.20 23.17
CA GLN C 59 -8.25 -10.32 22.96
C GLN C 59 -7.99 -8.89 23.44
N SER C 60 -8.70 -7.95 22.82
CA SER C 60 -8.61 -6.57 23.25
C SER C 60 -8.87 -6.43 24.74
N GLY C 61 -8.10 -5.58 25.38
CA GLY C 61 -8.37 -5.21 26.76
C GLY C 61 -8.00 -6.24 27.80
N THR C 62 -7.16 -7.22 27.49
CA THR C 62 -6.84 -8.29 28.43
C THR C 62 -5.47 -8.16 29.09
N GLY C 63 -4.73 -7.10 28.83
CA GLY C 63 -3.50 -6.87 29.59
C GLY C 63 -2.21 -7.13 28.85
N LYS C 64 -2.22 -6.90 27.53
CA LYS C 64 -0.97 -7.10 26.79
C LYS C 64 0.12 -6.06 27.15
N THR C 65 -0.24 -4.82 27.52
CA THR C 65 0.80 -3.86 27.89
C THR C 65 1.63 -4.36 29.05
N ALA C 66 0.97 -4.77 30.14
CA ALA C 66 1.71 -5.22 31.31
C ALA C 66 2.42 -6.50 31.05
N THR C 67 1.98 -7.30 30.05
CA THR C 67 2.71 -8.49 29.69
C THR C 67 4.13 -8.12 29.29
N PHE C 68 4.27 -7.14 28.37
CA PHE C 68 5.64 -6.82 28.00
C PHE C 68 6.28 -5.88 29.00
N ALA C 69 5.52 -5.02 29.66
CA ALA C 69 6.15 -4.13 30.63
C ALA C 69 6.78 -4.89 31.79
N ILE C 70 6.07 -5.85 32.39
CA ILE C 70 6.64 -6.61 33.52
C ILE C 70 7.85 -7.41 33.07
N SER C 71 7.76 -8.04 31.89
CA SER C 71 8.89 -8.77 31.33
C SER C 71 10.13 -7.88 31.10
N ILE C 72 9.96 -6.71 30.49
CA ILE C 72 11.08 -5.80 30.29
C ILE C 72 11.67 -5.39 31.63
N LEU C 73 10.79 -5.02 32.57
CA LEU C 73 11.27 -4.52 33.86
C LEU C 73 12.11 -5.59 34.58
N GLN C 74 11.72 -6.86 34.48
CA GLN C 74 12.43 -7.91 35.20
C GLN C 74 13.82 -8.15 34.61
N GLN C 75 14.01 -7.85 33.33
CA GLN C 75 15.28 -8.05 32.67
C GLN C 75 16.27 -6.90 32.84
N ILE C 76 15.82 -5.75 33.32
CA ILE C 76 16.70 -4.58 33.35
C ILE C 76 17.81 -4.76 34.39
N GLU C 77 19.04 -4.48 33.99
CA GLU C 77 20.14 -4.29 34.97
C GLU C 77 20.11 -2.82 35.40
N LEU C 78 19.55 -2.58 36.58
CA LEU C 78 19.34 -1.21 37.03
C LEU C 78 20.65 -0.44 37.16
N ASP C 79 21.74 -1.12 37.55
CA ASP C 79 23.05 -0.49 37.73
C ASP C 79 23.73 -0.17 36.40
N LEU C 80 23.25 -0.74 35.31
CA LEU C 80 23.78 -0.42 33.97
C LEU C 80 23.06 0.82 33.45
N LYS C 81 23.81 1.91 33.25
CA LYS C 81 23.24 3.20 32.87
C LYS C 81 23.25 3.31 31.35
N ALA C 82 22.41 2.50 30.73
CA ALA C 82 22.32 2.45 29.28
C ALA C 82 20.95 1.93 28.93
N THR C 83 20.56 2.19 27.68
CA THR C 83 19.27 1.74 27.15
C THR C 83 19.32 0.26 26.84
N GLN C 84 18.37 -0.49 27.42
CA GLN C 84 18.36 -1.94 27.37
C GLN C 84 17.16 -2.53 26.65
N ALA C 85 16.09 -1.74 26.46
CA ALA C 85 14.90 -2.25 25.78
C ALA C 85 14.28 -1.10 25.00
N LEU C 86 13.70 -1.44 23.85
CA LEU C 86 13.07 -0.50 22.92
C LEU C 86 11.69 -1.03 22.57
N VAL C 87 10.66 -0.23 22.81
CA VAL C 87 9.27 -0.54 22.50
C VAL C 87 8.81 0.45 21.44
N LEU C 88 8.18 -0.07 20.38
CA LEU C 88 7.63 0.78 19.34
C LEU C 88 6.13 0.63 19.32
N ALA C 89 5.46 1.72 19.14
CA ALA C 89 4.02 1.74 18.96
C ALA C 89 3.66 2.60 17.76
N PRO C 90 2.47 2.40 17.15
CA PRO C 90 2.18 3.11 15.91
C PRO C 90 1.75 4.55 16.06
N THR C 91 1.32 4.97 17.24
CA THR C 91 0.85 6.34 17.45
C THR C 91 1.49 6.97 18.66
N ARG C 92 1.57 8.30 18.63
CA ARG C 92 2.13 9.05 19.74
C ARG C 92 1.31 8.87 21.00
N GLU C 93 -0.03 8.90 20.87
CA GLU C 93 -0.92 8.71 22.02
C GLU C 93 -0.70 7.35 22.65
N LEU C 94 -0.52 6.29 21.84
CA LEU C 94 -0.35 4.98 22.45
C LEU C 94 1.01 4.86 23.10
N ALA C 95 2.05 5.36 22.44
CA ALA C 95 3.35 5.39 23.05
C ALA C 95 3.38 6.13 24.39
N GLN C 96 2.69 7.28 24.50
CA GLN C 96 2.66 8.00 25.77
C GLN C 96 1.96 7.18 26.84
N GLN C 97 0.83 6.53 26.47
CA GLN C 97 0.11 5.68 27.41
C GLN C 97 0.98 4.52 27.92
N ILE C 98 1.63 3.80 27.01
CA ILE C 98 2.56 2.73 27.39
C ILE C 98 3.64 3.26 28.35
N GLN C 99 4.27 4.39 28.01
CA GLN C 99 5.31 4.98 28.87
C GLN C 99 4.81 5.12 30.31
N LYS C 100 3.59 5.63 30.47
CA LYS C 100 3.03 5.83 31.80
C LYS C 100 2.83 4.51 32.56
N VAL C 101 2.37 3.45 31.87
CA VAL C 101 2.20 2.13 32.50
C VAL C 101 3.56 1.59 32.93
N VAL C 102 4.59 1.74 32.08
CA VAL C 102 5.90 1.17 32.43
C VAL C 102 6.43 1.92 33.64
N MET C 103 6.32 3.25 33.61
CA MET C 103 6.81 4.05 34.70
C MET C 103 6.11 3.65 36.00
N ALA C 104 4.79 3.52 35.98
CA ALA C 104 4.06 3.13 37.18
C ALA C 104 4.47 1.75 37.68
N LEU C 105 4.58 0.77 36.78
CA LEU C 105 4.87 -0.59 37.22
C LEU C 105 6.29 -0.70 37.78
N GLY C 106 7.20 0.14 37.31
CA GLY C 106 8.58 0.13 37.77
C GLY C 106 8.88 1.22 38.78
N ASP C 107 7.84 1.81 39.35
CA ASP C 107 8.00 2.98 40.26
C ASP C 107 8.93 2.68 41.43
N TYR C 108 8.75 1.53 42.07
CA TYR C 108 9.62 1.15 43.20
C TYR C 108 11.01 0.70 42.76
N MET C 109 11.22 0.37 41.46
CA MET C 109 12.51 -0.09 40.97
C MET C 109 13.44 1.03 40.59
N GLY C 110 12.93 2.21 40.29
CA GLY C 110 13.74 3.23 39.68
C GLY C 110 14.20 2.98 38.26
N ALA C 111 13.53 2.11 37.51
CA ALA C 111 13.84 1.98 36.09
C ALA C 111 13.47 3.28 35.36
N SER C 112 14.37 3.80 34.54
CA SER C 112 14.06 5.01 33.79
C SER C 112 13.41 4.62 32.49
N CYS C 113 12.34 5.34 32.11
CA CYS C 113 11.58 5.06 30.87
C CYS C 113 11.22 6.39 30.22
N HIS C 114 11.66 6.55 28.98
CA HIS C 114 11.60 7.78 28.23
C HIS C 114 10.78 7.57 26.97
N ALA C 115 9.86 8.50 26.70
CA ALA C 115 9.08 8.46 25.49
C ALA C 115 9.84 9.16 24.37
N CYS C 116 10.02 8.48 23.24
CA CYS C 116 10.77 9.00 22.09
C CYS C 116 9.76 9.10 20.95
N ILE C 117 9.08 10.23 20.87
CA ILE C 117 7.92 10.37 20.02
C ILE C 117 7.97 11.68 19.25
N GLY C 118 7.33 11.69 18.10
CA GLY C 118 7.22 12.91 17.32
C GLY C 118 6.32 13.91 17.98
N GLY C 119 6.40 15.14 17.47
CA GLY C 119 5.61 16.25 17.96
C GLY C 119 6.09 16.83 19.25
N THR C 120 7.23 16.38 19.75
CA THR C 120 7.83 16.90 20.97
C THR C 120 9.02 17.75 20.54
N ASN C 121 9.48 18.62 21.45
CA ASN C 121 10.61 19.48 21.11
C ASN C 121 11.91 18.67 20.99
N VAL C 122 12.52 18.70 19.80
CA VAL C 122 13.71 17.88 19.54
C VAL C 122 14.89 18.34 20.38
N ARG C 123 15.08 19.65 20.51
CA ARG C 123 16.24 20.13 21.27
C ARG C 123 16.13 19.72 22.73
N ALA C 124 14.93 19.78 23.30
CA ALA C 124 14.77 19.37 24.69
C ALA C 124 15.03 17.88 24.86
N GLU C 125 14.61 17.06 23.88
CA GLU C 125 14.84 15.62 23.99
C GLU C 125 16.32 15.31 23.91
N VAL C 126 17.03 15.93 22.97
CA VAL C 126 18.48 15.70 22.85
C VAL C 126 19.19 16.08 24.15
N GLN C 127 18.79 17.19 24.78
CA GLN C 127 19.44 17.61 26.01
C GLN C 127 19.18 16.61 27.13
N LYS C 128 17.96 16.06 27.19
CA LYS C 128 17.66 15.07 28.22
C LYS C 128 18.46 13.81 27.98
N LEU C 129 18.62 13.44 26.70
CA LEU C 129 19.30 12.21 26.34
C LEU C 129 20.79 12.34 26.58
N GLN C 130 21.38 13.50 26.25
CA GLN C 130 22.79 13.75 26.55
C GLN C 130 23.06 13.60 28.05
N MET C 131 22.09 13.97 28.89
CA MET C 131 22.26 13.89 30.33
C MET C 131 22.16 12.46 30.86
N GLU C 132 21.23 11.64 30.34
CA GLU C 132 20.94 10.33 30.95
C GLU C 132 20.33 9.39 29.92
N ALA C 133 21.01 8.27 29.66
CA ALA C 133 20.53 7.18 28.81
C ALA C 133 19.42 6.39 29.50
N PRO C 134 18.17 6.51 29.08
CA PRO C 134 17.10 5.81 29.79
C PRO C 134 17.23 4.30 29.61
N HIS C 135 16.82 3.56 30.62
CA HIS C 135 16.84 2.10 30.56
C HIS C 135 15.93 1.57 29.46
N ILE C 136 14.76 2.19 29.31
CA ILE C 136 13.68 1.73 28.46
C ILE C 136 13.24 2.91 27.61
N ILE C 137 13.20 2.73 26.29
CA ILE C 137 12.65 3.73 25.39
C ILE C 137 11.33 3.20 24.88
N VAL C 138 10.28 4.01 25.01
CA VAL C 138 9.00 3.72 24.35
C VAL C 138 8.83 4.81 23.30
N GLY C 139 8.56 4.42 22.05
CA GLY C 139 8.55 5.43 21.02
C GLY C 139 7.77 5.08 19.79
N THR C 140 7.67 6.10 18.89
CA THR C 140 7.10 5.94 17.57
C THR C 140 8.25 5.85 16.57
N PRO C 141 8.04 5.24 15.42
CA PRO C 141 9.21 4.90 14.56
C PRO C 141 9.99 6.09 13.99
N GLY C 142 9.33 7.15 13.53
CA GLY C 142 10.03 8.28 12.97
C GLY C 142 11.07 8.89 13.90
N ARG C 143 10.69 9.18 15.14
CA ARG C 143 11.60 9.85 16.08
C ARG C 143 12.63 8.88 16.63
N VAL C 144 12.27 7.61 16.74
CA VAL C 144 13.25 6.64 17.18
C VAL C 144 14.35 6.50 16.13
N PHE C 145 13.96 6.37 14.86
CA PHE C 145 14.95 6.24 13.80
C PHE C 145 15.87 7.48 13.79
N ASP C 146 15.27 8.67 13.94
CA ASP C 146 16.02 9.93 13.94
C ASP C 146 17.05 9.94 15.06
N MET C 147 16.63 9.57 16.25
CA MET C 147 17.54 9.63 17.41
C MET C 147 18.63 8.57 17.29
N LEU C 148 18.29 7.45 16.66
CA LEU C 148 19.28 6.41 16.40
C LEU C 148 20.30 6.88 15.37
N ASN C 149 19.82 7.50 14.28
CA ASN C 149 20.73 8.03 13.26
C ASN C 149 21.69 9.07 13.85
N ARG C 150 21.18 10.01 14.66
CA ARG C 150 21.98 11.08 15.20
C ARG C 150 22.85 10.61 16.35
N ARG C 151 22.71 9.34 16.75
CA ARG C 151 23.53 8.72 17.79
C ARG C 151 23.20 9.22 19.19
N TYR C 152 22.02 9.81 19.39
CA TYR C 152 21.59 10.18 20.74
C TYR C 152 20.96 9.02 21.48
N LEU C 153 20.46 8.04 20.76
CA LEU C 153 20.08 6.74 21.28
C LEU C 153 21.10 5.73 20.81
N SER C 154 21.61 4.94 21.72
CA SER C 154 22.56 3.88 21.41
C SER C 154 21.87 2.53 21.43
N PRO C 155 22.07 1.69 20.41
CA PRO C 155 21.64 0.29 20.47
C PRO C 155 22.63 -0.68 21.11
N LYS C 156 23.75 -0.19 21.67
CA LYS C 156 24.82 -1.10 22.08
C LYS C 156 24.33 -2.11 23.10
N TYR C 157 23.48 -1.70 24.03
CA TYR C 157 23.00 -2.56 25.10
C TYR C 157 21.52 -2.92 24.97
N ILE C 158 20.91 -2.70 23.81
CA ILE C 158 19.50 -3.00 23.63
C ILE C 158 19.37 -4.50 23.40
N LYS C 159 18.82 -5.20 24.37
CA LYS C 159 18.63 -6.64 24.29
C LYS C 159 17.20 -7.05 24.05
N MET C 160 16.26 -6.11 24.06
N MET C 160 16.25 -6.12 24.12
CA MET C 160 14.85 -6.42 23.91
CA MET C 160 14.84 -6.45 23.89
C MET C 160 14.22 -5.40 22.98
C MET C 160 14.25 -5.40 22.96
N PHE C 161 13.52 -5.89 21.95
CA PHE C 161 12.84 -5.06 20.95
C PHE C 161 11.39 -5.52 20.92
N VAL C 162 10.46 -4.62 21.23
CA VAL C 162 9.05 -4.99 21.35
C VAL C 162 8.26 -4.17 20.35
N LEU C 163 7.44 -4.85 19.60
CA LEU C 163 6.48 -4.22 18.69
C LEU C 163 5.11 -4.44 19.28
N ASP C 164 4.50 -3.35 19.78
CA ASP C 164 3.10 -3.41 20.12
C ASP C 164 2.33 -3.15 18.84
N GLU C 165 1.10 -3.59 18.82
CA GLU C 165 0.23 -3.51 17.61
C GLU C 165 0.98 -4.03 16.40
N ALA C 166 1.54 -5.24 16.60
CA ALA C 166 2.65 -5.70 15.76
C ALA C 166 2.19 -5.94 14.34
N ASP C 167 0.91 -6.27 14.13
CA ASP C 167 0.41 -6.44 12.76
C ASP C 167 0.30 -5.11 12.04
N GLU C 168 -0.01 -4.03 12.76
CA GLU C 168 0.03 -2.72 12.12
C GLU C 168 1.47 -2.29 11.87
N MET C 169 2.41 -2.65 12.77
CA MET C 169 3.80 -2.25 12.59
C MET C 169 4.48 -2.99 11.46
N LEU C 170 3.93 -4.11 11.02
CA LEU C 170 4.48 -4.93 9.94
C LEU C 170 3.63 -4.81 8.68
N SER C 171 2.74 -3.83 8.64
CA SER C 171 1.85 -3.47 7.55
C SER C 171 2.55 -2.53 6.59
N ARG C 172 2.07 -2.52 5.34
CA ARG C 172 2.61 -1.73 4.23
C ARG C 172 3.33 -0.47 4.68
N GLY C 173 2.63 0.49 5.29
CA GLY C 173 3.23 1.79 5.58
C GLY C 173 4.23 1.82 6.73
N PHE C 174 4.26 0.79 7.58
CA PHE C 174 5.19 0.76 8.72
C PHE C 174 6.30 -0.27 8.57
N LYS C 175 6.08 -1.34 7.78
CA LYS C 175 7.07 -2.43 7.76
C LYS C 175 8.48 -1.97 7.42
N ASP C 176 8.62 -1.02 6.47
CA ASP C 176 9.96 -0.56 6.12
C ASP C 176 10.56 0.33 7.20
N GLN C 177 9.71 1.04 7.96
CA GLN C 177 10.20 1.83 9.09
C GLN C 177 10.77 0.91 10.17
N ILE C 178 10.07 -0.20 10.44
CA ILE C 178 10.51 -1.17 11.44
C ILE C 178 11.78 -1.86 10.99
N TYR C 179 11.86 -2.19 9.71
CA TYR C 179 13.07 -2.80 9.16
C TYR C 179 14.26 -1.87 9.33
N ASP C 180 14.09 -0.60 9.03
CA ASP C 180 15.21 0.34 9.10
C ASP C 180 15.74 0.46 10.52
N ILE C 181 14.85 0.47 11.52
CA ILE C 181 15.24 0.51 12.93
C ILE C 181 15.89 -0.81 13.34
N PHE C 182 15.27 -1.94 12.98
CA PHE C 182 15.77 -3.24 13.37
C PHE C 182 17.19 -3.44 12.88
N GLN C 183 17.50 -2.94 11.70
CA GLN C 183 18.86 -3.14 11.16
C GLN C 183 19.93 -2.47 12.02
N LYS C 184 19.55 -1.50 12.84
CA LYS C 184 20.50 -0.83 13.73
C LYS C 184 20.80 -1.60 15.01
N LEU C 185 20.00 -2.61 15.33
CA LEU C 185 20.14 -3.37 16.56
C LEU C 185 21.10 -4.55 16.41
N ASN C 186 21.60 -5.00 17.56
CA ASN C 186 22.47 -6.16 17.64
C ASN C 186 21.77 -7.42 17.11
N SER C 187 22.56 -8.33 16.53
CA SER C 187 21.98 -9.57 16.04
C SER C 187 21.39 -10.45 17.15
N ASN C 188 21.81 -10.31 18.40
CA ASN C 188 21.28 -11.20 19.43
C ASN C 188 20.00 -10.67 20.10
N THR C 189 19.41 -9.59 19.58
CA THR C 189 18.30 -8.93 20.27
C THR C 189 17.03 -9.78 20.28
N GLN C 190 16.41 -9.92 21.46
CA GLN C 190 15.13 -10.59 21.61
C GLN C 190 14.01 -9.74 21.03
N VAL C 191 13.11 -10.38 20.30
CA VAL C 191 11.97 -9.71 19.67
C VAL C 191 10.67 -10.28 20.24
N VAL C 192 9.78 -9.39 20.64
CA VAL C 192 8.49 -9.73 21.21
C VAL C 192 7.45 -8.89 20.46
N LEU C 193 6.44 -9.57 19.95
CA LEU C 193 5.38 -8.97 19.16
C LEU C 193 4.06 -9.19 19.89
N LEU C 194 3.25 -8.16 19.97
CA LEU C 194 1.95 -8.30 20.60
C LEU C 194 0.89 -7.59 19.80
N SER C 195 -0.27 -8.25 19.70
CA SER C 195 -1.49 -7.67 19.11
C SER C 195 -2.70 -8.53 19.38
N ALA C 196 -3.84 -7.90 19.24
CA ALA C 196 -5.10 -8.62 19.21
C ALA C 196 -5.30 -9.37 17.89
N THR C 197 -4.70 -8.87 16.80
CA THR C 197 -4.86 -9.43 15.46
C THR C 197 -3.49 -9.80 14.91
N MET C 198 -3.41 -10.98 14.31
CA MET C 198 -2.16 -11.46 13.74
C MET C 198 -2.51 -12.28 12.52
N PRO C 199 -2.69 -11.64 11.38
CA PRO C 199 -3.02 -12.38 10.15
C PRO C 199 -1.88 -13.25 9.66
N SER C 200 -2.25 -14.26 8.85
CA SER C 200 -1.24 -15.17 8.35
C SER C 200 -0.19 -14.48 7.49
N ASP C 201 -0.53 -13.42 6.75
CA ASP C 201 0.49 -12.73 5.98
C ASP C 201 1.53 -12.05 6.89
N VAL C 202 1.10 -11.53 8.03
CA VAL C 202 2.05 -10.96 8.99
C VAL C 202 2.88 -12.05 9.63
N LEU C 203 2.25 -13.15 10.04
CA LEU C 203 3.01 -14.23 10.65
C LEU C 203 4.10 -14.73 9.71
N GLU C 204 3.86 -14.72 8.39
CA GLU C 204 4.93 -15.15 7.48
C GLU C 204 6.07 -14.12 7.47
N VAL C 205 5.78 -12.85 7.65
CA VAL C 205 6.84 -11.86 7.68
C VAL C 205 7.74 -12.05 8.91
N THR C 206 7.19 -12.50 10.03
CA THR C 206 7.97 -12.66 11.25
C THR C 206 9.02 -13.74 11.12
N LYS C 207 8.85 -14.67 10.16
CA LYS C 207 9.84 -15.70 9.97
C LYS C 207 11.14 -15.11 9.46
N LYS C 208 11.07 -13.96 8.81
CA LYS C 208 12.27 -13.30 8.34
C LYS C 208 13.19 -12.83 9.46
N PHE C 209 12.67 -12.62 10.68
CA PHE C 209 13.49 -11.98 11.70
C PHE C 209 13.31 -12.46 13.13
N MET C 210 12.42 -13.40 13.40
CA MET C 210 12.33 -13.99 14.71
C MET C 210 12.90 -15.40 14.69
N ARG C 211 13.47 -15.76 15.83
CA ARG C 211 14.18 -17.03 16.00
C ARG C 211 13.27 -17.98 16.74
N ASP C 212 12.75 -19.01 16.00
CA ASP C 212 11.82 -20.06 16.43
C ASP C 212 10.95 -19.59 17.58
N PRO C 213 10.12 -18.59 17.35
CA PRO C 213 9.41 -17.96 18.45
C PRO C 213 8.37 -18.86 19.08
N ILE C 214 8.13 -18.58 20.35
CA ILE C 214 6.96 -19.08 21.06
C ILE C 214 5.75 -18.32 20.56
N ARG C 215 4.77 -19.05 20.04
CA ARG C 215 3.58 -18.45 19.44
C ARG C 215 2.39 -18.74 20.32
N ILE C 216 1.75 -17.69 20.78
CA ILE C 216 0.57 -17.75 21.65
C ILE C 216 -0.50 -17.06 20.83
N LEU C 217 -1.29 -17.85 20.09
CA LEU C 217 -2.18 -17.33 19.05
C LEU C 217 -3.63 -17.68 19.37
N VAL C 218 -4.52 -16.86 18.84
CA VAL C 218 -5.97 -16.98 19.06
C VAL C 218 -6.62 -16.95 17.66
N LYS C 219 -7.39 -17.98 17.33
CA LYS C 219 -8.09 -17.97 16.03
C LYS C 219 -9.15 -16.86 15.98
N LYS C 220 -9.39 -16.36 14.76
CA LYS C 220 -10.23 -15.18 14.60
C LYS C 220 -11.63 -15.38 15.19
N GLU C 221 -12.12 -16.62 15.19
CA GLU C 221 -13.47 -16.87 15.71
C GLU C 221 -13.54 -16.79 17.22
N GLU C 222 -12.40 -16.65 17.93
CA GLU C 222 -12.33 -16.50 19.37
C GLU C 222 -11.99 -15.09 19.83
N LEU C 223 -11.80 -14.13 18.92
CA LEU C 223 -11.39 -12.80 19.30
C LEU C 223 -12.51 -11.96 19.87
N THR C 224 -13.73 -12.26 19.50
CA THR C 224 -14.82 -11.41 19.88
C THR C 224 -15.12 -11.53 21.37
N LEU C 225 -15.13 -10.37 22.04
CA LEU C 225 -15.38 -10.31 23.47
C LEU C 225 -16.86 -10.54 23.73
N GLU C 226 -17.16 -11.51 24.60
CA GLU C 226 -18.55 -11.77 24.95
C GLU C 226 -19.21 -10.54 25.57
N GLY C 227 -18.43 -9.67 26.22
CA GLY C 227 -19.01 -8.57 26.93
C GLY C 227 -19.36 -7.35 26.10
N ILE C 228 -18.92 -7.28 24.85
CA ILE C 228 -19.21 -6.12 24.00
C ILE C 228 -20.32 -6.53 23.05
N ARG C 229 -21.52 -6.01 23.27
CA ARG C 229 -22.64 -6.35 22.42
C ARG C 229 -22.56 -5.49 21.18
N GLN C 230 -22.66 -6.12 20.00
CA GLN C 230 -22.53 -5.42 18.74
C GLN C 230 -23.89 -5.29 18.07
N PHE C 231 -24.19 -4.09 17.59
CA PHE C 231 -25.44 -3.79 16.90
C PHE C 231 -25.17 -3.08 15.58
N TYR C 232 -26.21 -2.97 14.74
CA TYR C 232 -26.17 -2.10 13.58
C TYR C 232 -27.45 -1.29 13.54
N ILE C 233 -27.37 -0.13 12.88
CA ILE C 233 -28.53 0.69 12.58
C ILE C 233 -28.57 0.92 11.09
N ASN C 234 -29.70 0.57 10.46
CA ASN C 234 -29.90 0.87 9.04
C ASN C 234 -30.08 2.37 8.86
N VAL C 235 -29.25 2.99 8.04
CA VAL C 235 -29.32 4.44 7.85
C VAL C 235 -29.60 4.72 6.38
N GLU C 236 -29.19 3.82 5.50
CA GLU C 236 -29.70 3.81 4.13
C GLU C 236 -28.93 4.73 3.18
N ARG C 237 -28.94 6.04 3.45
CA ARG C 237 -28.13 6.97 2.68
C ARG C 237 -27.05 7.55 3.59
N GLU C 238 -25.86 7.73 3.01
CA GLU C 238 -24.77 8.35 3.76
C GLU C 238 -25.17 9.72 4.32
N GLU C 239 -25.93 10.50 3.55
CA GLU C 239 -26.29 11.85 3.99
C GLU C 239 -27.32 11.87 5.10
N TRP C 240 -27.80 10.71 5.55
CA TRP C 240 -28.69 10.61 6.70
C TRP C 240 -27.97 10.16 7.96
N LYS C 241 -26.69 9.82 7.86
CA LYS C 241 -25.97 9.39 9.07
C LYS C 241 -25.91 10.50 10.12
N LEU C 242 -25.71 11.75 9.70
CA LEU C 242 -25.64 12.84 10.66
C LEU C 242 -26.90 12.87 11.54
N ASP C 243 -28.07 12.69 10.95
CA ASP C 243 -29.30 12.78 11.74
C ASP C 243 -29.45 11.60 12.69
N THR C 244 -29.03 10.42 12.25
CA THR C 244 -29.09 9.29 13.13
C THR C 244 -28.13 9.49 14.31
N LEU C 245 -26.94 10.00 14.04
CA LEU C 245 -26.00 10.25 15.14
C LEU C 245 -26.59 11.25 16.14
N CYS C 246 -27.18 12.33 15.65
CA CYS C 246 -27.80 13.30 16.55
C CYS C 246 -28.94 12.69 17.35
N ASP C 247 -29.73 11.80 16.73
CA ASP C 247 -30.75 11.05 17.48
C ASP C 247 -30.13 10.24 18.61
N LEU C 248 -28.95 9.67 18.34
CA LEU C 248 -28.27 8.83 19.32
C LEU C 248 -27.66 9.64 20.44
N TYR C 249 -27.37 10.94 20.22
CA TYR C 249 -26.49 11.70 21.10
C TYR C 249 -26.84 11.61 22.59
N GLU C 250 -28.12 11.72 22.94
CA GLU C 250 -28.47 11.76 24.37
C GLU C 250 -28.04 10.50 25.12
N THR C 251 -28.08 9.33 24.47
CA THR C 251 -27.62 8.11 25.12
C THR C 251 -26.10 7.91 24.99
N LEU C 252 -25.43 8.70 24.14
CA LEU C 252 -23.97 8.65 24.08
C LEU C 252 -23.35 9.20 25.36
N THR C 253 -23.85 10.35 25.84
CA THR C 253 -23.35 10.94 27.07
C THR C 253 -23.64 10.09 28.31
N ILE C 254 -24.23 8.90 28.12
CA ILE C 254 -24.52 8.04 29.27
C ILE C 254 -23.25 7.80 30.08
N THR C 255 -22.16 7.41 29.41
CA THR C 255 -20.85 7.56 30.04
C THR C 255 -19.93 8.30 29.08
N GLN C 256 -19.04 7.58 28.40
CA GLN C 256 -18.20 8.18 27.38
C GLN C 256 -18.25 7.33 26.11
N ALA C 257 -18.12 8.00 24.98
CA ALA C 257 -18.25 7.35 23.69
C ALA C 257 -17.21 7.83 22.69
N VAL C 258 -16.80 6.90 21.82
CA VAL C 258 -15.88 7.16 20.73
C VAL C 258 -16.62 6.91 19.42
N ILE C 259 -16.56 7.88 18.52
CA ILE C 259 -17.15 7.83 17.18
C ILE C 259 -16.03 7.79 16.15
N PHE C 260 -15.92 6.68 15.42
CA PHE C 260 -14.88 6.50 14.42
C PHE C 260 -15.34 6.89 13.03
N ILE C 261 -14.45 7.56 12.34
CA ILE C 261 -14.62 8.16 11.02
C ILE C 261 -13.38 7.77 10.22
N ASN C 262 -13.56 7.49 8.93
CA ASN C 262 -12.44 6.91 8.16
C ASN C 262 -11.43 7.94 7.65
N THR C 263 -11.78 9.25 7.58
CA THR C 263 -10.83 10.25 7.15
C THR C 263 -10.77 11.46 8.09
N ARG C 264 -9.60 12.13 8.09
CA ARG C 264 -9.43 13.38 8.84
C ARG C 264 -10.41 14.45 8.35
N ARG C 265 -10.57 14.56 7.03
CA ARG C 265 -11.47 15.56 6.49
C ARG C 265 -12.90 15.38 7.01
N LYS C 266 -13.39 14.15 7.10
CA LYS C 266 -14.76 13.95 7.57
C LYS C 266 -14.88 14.18 9.07
N VAL C 267 -13.84 13.85 9.85
CA VAL C 267 -13.86 14.24 11.25
C VAL C 267 -14.09 15.75 11.38
N ASP C 268 -13.36 16.54 10.59
CA ASP C 268 -13.52 17.99 10.66
C ASP C 268 -14.95 18.39 10.29
N TRP C 269 -15.51 17.74 9.28
CA TRP C 269 -16.87 18.03 8.82
C TRP C 269 -17.90 17.69 9.88
N LEU C 270 -17.85 16.47 10.44
CA LEU C 270 -18.85 16.07 11.43
C LEU C 270 -18.78 16.90 12.70
N THR C 271 -17.57 17.23 13.15
CA THR C 271 -17.42 18.07 14.33
C THR C 271 -18.13 19.42 14.12
N GLU C 272 -17.83 20.08 13.01
CA GLU C 272 -18.46 21.35 12.71
C GLU C 272 -19.97 21.20 12.64
N LYS C 273 -20.48 20.11 12.02
CA LYS C 273 -21.91 19.96 11.95
C LYS C 273 -22.52 19.73 13.33
N MET C 274 -21.81 18.96 14.18
CA MET C 274 -22.33 18.68 15.51
C MET C 274 -22.34 19.94 16.36
N HIS C 275 -21.31 20.78 16.20
CA HIS C 275 -21.25 22.04 16.92
C HIS C 275 -22.35 22.99 16.45
N ALA C 276 -22.60 23.00 15.14
CA ALA C 276 -23.67 23.82 14.57
C ALA C 276 -25.00 23.48 15.21
N ARG C 277 -25.28 22.19 15.34
CA ARG C 277 -26.50 21.73 15.98
C ARG C 277 -26.45 21.88 17.49
N ASP C 278 -25.37 22.47 18.01
CA ASP C 278 -25.22 22.77 19.45
C ASP C 278 -25.02 21.52 20.28
N PHE C 279 -24.35 20.50 19.73
CA PHE C 279 -23.99 19.31 20.47
C PHE C 279 -22.55 19.45 20.95
N THR C 280 -22.29 18.97 22.15
CA THR C 280 -20.95 19.06 22.74
C THR C 280 -20.18 17.80 22.36
N VAL C 281 -19.11 17.97 21.61
CA VAL C 281 -18.25 16.88 21.19
C VAL C 281 -16.83 17.41 21.07
N SER C 282 -15.84 16.53 21.23
CA SER C 282 -14.47 16.88 20.88
C SER C 282 -14.01 16.00 19.73
N ALA C 283 -12.91 16.40 19.12
CA ALA C 283 -12.39 15.78 17.91
C ALA C 283 -10.87 15.65 17.97
N MET C 284 -10.35 14.55 17.46
CA MET C 284 -8.92 14.36 17.34
C MET C 284 -8.59 13.66 16.03
N HIS C 285 -7.57 14.16 15.34
CA HIS C 285 -6.98 13.40 14.25
C HIS C 285 -5.52 13.83 14.12
N GLY C 286 -4.82 13.17 13.19
CA GLY C 286 -3.39 13.30 13.10
C GLY C 286 -2.83 14.49 12.34
N ASP C 287 -3.66 15.37 11.81
CA ASP C 287 -3.21 16.63 11.23
C ASP C 287 -3.34 17.78 12.19
N MET C 288 -3.89 17.55 13.38
CA MET C 288 -3.92 18.53 14.47
C MET C 288 -2.51 18.73 15.01
N ASP C 289 -2.22 19.94 15.50
CA ASP C 289 -0.95 20.18 16.20
C ASP C 289 -0.85 19.24 17.39
N GLN C 290 0.36 18.73 17.68
CA GLN C 290 0.51 17.80 18.80
C GLN C 290 0.07 18.42 20.12
N LYS C 291 0.25 19.74 20.28
CA LYS C 291 -0.24 20.36 21.50
C LYS C 291 -1.76 20.20 21.62
N GLU C 292 -2.50 20.30 20.52
CA GLU C 292 -3.95 20.10 20.59
CA GLU C 292 -3.95 20.10 20.59
C GLU C 292 -4.30 18.62 20.77
N ARG C 293 -3.64 17.74 20.04
CA ARG C 293 -3.80 16.33 20.29
C ARG C 293 -3.66 16.04 21.79
N ASP C 294 -2.59 16.54 22.41
CA ASP C 294 -2.34 16.20 23.82
C ASP C 294 -3.45 16.73 24.72
N VAL C 295 -3.92 17.95 24.47
CA VAL C 295 -4.99 18.50 25.30
C VAL C 295 -6.28 17.70 25.14
N ILE C 296 -6.67 17.41 23.89
CA ILE C 296 -7.92 16.68 23.65
C ILE C 296 -7.89 15.33 24.35
N MET C 297 -6.76 14.63 24.27
CA MET C 297 -6.70 13.31 24.88
C MET C 297 -6.78 13.41 26.40
N ARG C 298 -6.12 14.41 26.99
CA ARG C 298 -6.18 14.58 28.43
C ARG C 298 -7.59 14.93 28.87
N GLU C 299 -8.28 15.78 28.12
CA GLU C 299 -9.66 16.15 28.47
C GLU C 299 -10.61 14.98 28.35
N PHE C 300 -10.38 14.06 27.40
CA PHE C 300 -11.23 12.88 27.29
C PHE C 300 -10.95 11.87 28.40
N ARG C 301 -9.68 11.67 28.76
CA ARG C 301 -9.36 10.76 29.86
C ARG C 301 -9.95 11.26 31.18
N SER C 302 -9.95 12.56 31.40
CA SER C 302 -10.45 13.15 32.64
C SER C 302 -11.97 13.16 32.72
N GLY C 303 -12.67 12.85 31.63
CA GLY C 303 -14.11 13.00 31.61
C GLY C 303 -14.63 14.39 31.34
N SER C 304 -13.75 15.38 31.12
CA SER C 304 -14.19 16.73 30.78
C SER C 304 -14.97 16.71 29.47
N SER C 305 -14.56 15.89 28.52
CA SER C 305 -15.32 15.65 27.31
C SER C 305 -15.81 14.21 27.32
N ARG C 306 -17.08 13.99 26.96
CA ARG C 306 -17.65 12.65 27.03
C ARG C 306 -17.79 11.97 25.68
N VAL C 307 -17.73 12.72 24.57
CA VAL C 307 -17.97 12.21 23.21
C VAL C 307 -16.83 12.69 22.33
N LEU C 308 -16.06 11.75 21.79
CA LEU C 308 -14.88 12.04 20.99
C LEU C 308 -15.05 11.48 19.58
N ILE C 309 -14.88 12.35 18.58
CA ILE C 309 -14.91 11.97 17.17
C ILE C 309 -13.47 11.90 16.69
N THR C 310 -13.12 10.80 16.06
CA THR C 310 -11.72 10.52 15.75
C THR C 310 -11.60 9.58 14.56
N THR C 311 -10.38 9.58 13.99
CA THR C 311 -9.99 8.62 12.99
C THR C 311 -9.45 7.35 13.66
N ASP C 312 -8.88 6.45 12.86
CA ASP C 312 -8.19 5.27 13.40
C ASP C 312 -6.93 5.63 14.14
N LEU C 313 -6.59 6.90 14.25
CA LEU C 313 -5.56 7.30 15.20
C LEU C 313 -5.79 6.68 16.56
N LEU C 314 -7.03 6.60 17.01
CA LEU C 314 -7.34 6.07 18.34
C LEU C 314 -7.96 4.67 18.28
N ALA C 315 -7.87 4.00 17.14
CA ALA C 315 -8.47 2.68 17.03
C ALA C 315 -7.70 1.62 17.82
N ARG C 316 -6.38 1.76 17.97
CA ARG C 316 -5.58 0.68 18.55
C ARG C 316 -4.99 1.10 19.89
N GLY C 317 -5.16 0.22 20.89
CA GLY C 317 -4.42 0.23 22.15
C GLY C 317 -4.90 1.24 23.19
N ILE C 318 -5.55 2.33 22.77
CA ILE C 318 -5.97 3.38 23.70
C ILE C 318 -6.92 2.81 24.75
N ASP C 319 -6.63 3.12 26.00
CA ASP C 319 -7.32 2.56 27.15
C ASP C 319 -7.98 3.67 27.95
N VAL C 320 -9.27 3.90 27.74
CA VAL C 320 -10.02 4.87 28.54
C VAL C 320 -11.12 4.04 29.21
N GLN C 321 -10.96 3.77 30.50
CA GLN C 321 -11.73 2.70 31.14
C GLN C 321 -13.22 3.01 31.10
N GLN C 322 -13.59 4.31 31.04
CA GLN C 322 -14.99 4.74 31.14
C GLN C 322 -15.73 4.70 29.80
N VAL C 323 -15.02 4.42 28.70
CA VAL C 323 -15.69 4.27 27.41
C VAL C 323 -16.48 2.97 27.44
N SER C 324 -17.80 3.08 27.23
CA SER C 324 -18.63 1.89 27.15
C SER C 324 -19.45 1.84 25.87
N LEU C 325 -19.21 2.78 24.94
CA LEU C 325 -19.92 2.88 23.67
C LEU C 325 -18.96 3.27 22.55
N VAL C 326 -18.91 2.47 21.50
CA VAL C 326 -18.17 2.83 20.29
C VAL C 326 -19.18 2.91 19.17
N ILE C 327 -19.16 4.00 18.40
CA ILE C 327 -19.97 4.12 17.20
C ILE C 327 -19.09 4.12 15.97
N ASN C 328 -19.30 3.13 15.11
CA ASN C 328 -18.72 3.16 13.76
C ASN C 328 -19.68 3.93 12.86
N TYR C 329 -19.41 5.23 12.77
CA TYR C 329 -20.14 6.10 11.82
C TYR C 329 -19.81 5.72 10.39
N ASP C 330 -18.52 5.60 10.09
CA ASP C 330 -18.01 4.92 8.91
C ASP C 330 -17.61 3.50 9.31
N LEU C 331 -17.95 2.52 8.46
CA LEU C 331 -17.51 1.16 8.71
C LEU C 331 -16.05 1.03 8.31
N PRO C 332 -15.26 0.30 9.08
CA PRO C 332 -13.89 0.06 8.64
C PRO C 332 -13.98 -0.98 7.54
N THR C 333 -13.16 -0.83 6.52
CA THR C 333 -13.10 -1.84 5.47
C THR C 333 -12.02 -2.88 5.72
N ASN C 334 -11.08 -2.58 6.60
CA ASN C 334 -10.10 -3.55 7.04
C ASN C 334 -10.71 -4.37 8.17
N ARG C 335 -10.69 -5.69 8.03
CA ARG C 335 -11.36 -6.54 9.01
C ARG C 335 -10.70 -6.45 10.39
N GLU C 336 -9.37 -6.46 10.42
CA GLU C 336 -8.69 -6.41 11.71
C GLU C 336 -9.02 -5.12 12.46
N ASN C 337 -9.08 -4.00 11.74
CA ASN C 337 -9.43 -2.70 12.33
C ASN C 337 -10.74 -2.72 13.10
N TYR C 338 -11.73 -3.48 12.60
CA TYR C 338 -13.03 -3.59 13.28
C TYR C 338 -12.88 -4.05 14.73
N ILE C 339 -12.09 -5.11 14.95
CA ILE C 339 -11.92 -5.68 16.28
C ILE C 339 -11.29 -4.65 17.21
N HIS C 340 -10.31 -3.91 16.70
CA HIS C 340 -9.59 -2.95 17.52
C HIS C 340 -10.50 -1.78 17.89
N ARG C 341 -11.24 -1.25 16.90
CA ARG C 341 -12.13 -0.11 17.20
C ARG C 341 -13.13 -0.49 18.28
N ILE C 342 -13.81 -1.63 18.12
CA ILE C 342 -14.90 -1.94 19.08
C ILE C 342 -14.30 -2.27 20.45
N GLY C 343 -13.03 -2.69 20.46
CA GLY C 343 -12.31 -2.92 21.70
C GLY C 343 -11.97 -1.69 22.52
N ARG C 344 -12.21 -0.48 22.01
CA ARG C 344 -12.01 0.70 22.87
C ARG C 344 -13.08 0.73 23.97
N GLY C 345 -14.21 0.09 23.78
CA GLY C 345 -15.15 -0.16 24.85
C GLY C 345 -14.86 -1.49 25.53
N GLY C 346 -15.59 -1.76 26.60
CA GLY C 346 -15.48 -3.05 27.27
C GLY C 346 -14.08 -3.46 27.71
N ARG C 347 -13.36 -2.53 28.35
CA ARG C 347 -11.97 -2.81 28.74
C ARG C 347 -11.90 -3.76 29.94
N PHE C 348 -10.91 -4.65 29.92
CA PHE C 348 -10.73 -5.69 30.93
C PHE C 348 -12.08 -6.27 31.42
N GLY C 349 -12.84 -6.79 30.47
CA GLY C 349 -14.03 -7.55 30.80
C GLY C 349 -15.23 -6.72 31.17
N ARG C 350 -15.15 -5.40 31.06
CA ARG C 350 -16.31 -4.54 31.27
C ARG C 350 -17.35 -4.77 30.18
N LYS C 351 -18.60 -4.53 30.54
CA LYS C 351 -19.69 -4.61 29.57
C LYS C 351 -19.68 -3.35 28.70
N GLY C 352 -19.80 -3.51 27.39
CA GLY C 352 -19.85 -2.37 26.50
C GLY C 352 -20.76 -2.63 25.32
N VAL C 353 -20.84 -1.64 24.45
CA VAL C 353 -21.71 -1.66 23.28
C VAL C 353 -20.98 -1.06 22.07
N ALA C 354 -21.17 -1.65 20.90
CA ALA C 354 -20.69 -1.07 19.66
C ALA C 354 -21.86 -0.98 18.69
N ILE C 355 -22.01 0.18 18.05
CA ILE C 355 -23.09 0.38 17.09
C ILE C 355 -22.49 0.75 15.75
N ASN C 356 -22.90 0.03 14.71
CA ASN C 356 -22.45 0.22 13.34
C ASN C 356 -23.52 0.92 12.52
N MET C 357 -23.20 2.05 11.94
CA MET C 357 -24.15 2.77 11.11
C MET C 357 -23.96 2.35 9.67
N VAL C 358 -25.00 1.76 9.07
CA VAL C 358 -24.86 1.00 7.84
C VAL C 358 -25.95 1.37 6.83
N THR C 359 -25.53 1.83 5.67
CA THR C 359 -26.35 1.78 4.47
C THR C 359 -26.48 0.34 3.92
N GLU C 360 -27.36 0.16 2.93
CA GLU C 360 -27.45 -1.14 2.28
C GLU C 360 -26.10 -1.57 1.74
N GLU C 361 -25.37 -0.65 1.09
CA GLU C 361 -24.01 -0.93 0.62
C GLU C 361 -23.10 -1.40 1.77
N ASP C 362 -22.97 -0.57 2.80
CA ASP C 362 -22.18 -0.98 3.96
C ASP C 362 -22.52 -2.41 4.41
N LYS C 363 -23.79 -2.83 4.27
CA LYS C 363 -24.15 -4.12 4.87
C LYS C 363 -23.43 -5.29 4.19
N ARG C 364 -22.96 -5.11 2.97
CA ARG C 364 -22.11 -6.15 2.40
C ARG C 364 -20.82 -6.26 3.17
N THR C 365 -20.21 -5.12 3.49
CA THR C 365 -19.05 -5.12 4.38
C THR C 365 -19.40 -5.70 5.75
N LEU C 366 -20.55 -5.29 6.31
CA LEU C 366 -20.96 -5.81 7.61
C LEU C 366 -21.08 -7.32 7.60
N ARG C 367 -21.71 -7.86 6.56
CA ARG C 367 -21.85 -9.31 6.44
CA ARG C 367 -21.86 -9.31 6.46
C ARG C 367 -20.51 -10.01 6.34
N ASP C 368 -19.56 -9.39 5.63
CA ASP C 368 -18.22 -9.98 5.53
C ASP C 368 -17.54 -9.98 6.90
N ILE C 369 -17.72 -8.92 7.69
CA ILE C 369 -17.18 -8.92 9.05
C ILE C 369 -17.84 -10.00 9.91
N GLU C 370 -19.16 -10.17 9.81
CA GLU C 370 -19.84 -11.20 10.57
C GLU C 370 -19.28 -12.58 10.24
N THR C 371 -19.11 -12.86 8.95
CA THR C 371 -18.64 -14.18 8.54
C THR C 371 -17.22 -14.41 9.01
N PHE C 372 -16.39 -13.36 8.96
CA PHE C 372 -14.97 -13.49 9.29
C PHE C 372 -14.80 -13.87 10.75
N TYR C 373 -15.46 -13.14 11.66
CA TYR C 373 -15.38 -13.40 13.10
C TYR C 373 -16.37 -14.42 13.60
N ASN C 374 -17.20 -14.99 12.71
CA ASN C 374 -18.21 -15.99 13.07
C ASN C 374 -19.12 -15.46 14.16
N THR C 375 -19.70 -14.29 13.89
CA THR C 375 -20.56 -13.57 14.83
C THR C 375 -21.93 -13.31 14.23
N SER C 376 -22.80 -12.73 15.07
CA SER C 376 -24.10 -12.18 14.69
C SER C 376 -24.14 -10.75 15.25
N ILE C 377 -24.39 -9.79 14.39
CA ILE C 377 -24.51 -8.38 14.78
C ILE C 377 -25.99 -8.03 14.64
N GLU C 378 -26.61 -7.62 15.75
CA GLU C 378 -28.07 -7.50 15.83
C GLU C 378 -28.52 -6.10 15.50
N GLU C 379 -29.75 -5.97 15.01
CA GLU C 379 -30.30 -4.64 14.82
C GLU C 379 -30.41 -3.99 16.19
N MET C 380 -30.17 -2.69 16.24
CA MET C 380 -30.18 -2.01 17.53
C MET C 380 -31.58 -2.04 18.12
N PRO C 381 -31.77 -2.48 19.37
CA PRO C 381 -33.10 -2.43 19.98
C PRO C 381 -33.43 -1.04 20.49
N LEU C 382 -34.48 -0.91 21.30
CA LEU C 382 -34.85 0.39 21.87
C LEU C 382 -34.36 0.59 23.31
N ASN C 383 -33.95 -0.49 23.99
CA ASN C 383 -33.46 -0.45 25.36
C ASN C 383 -31.93 -0.47 25.43
N VAL C 384 -31.23 -0.19 24.33
CA VAL C 384 -29.78 -0.34 24.33
C VAL C 384 -29.15 0.55 25.38
N ALA C 385 -29.74 1.72 25.62
CA ALA C 385 -29.27 2.62 26.67
C ALA C 385 -29.18 1.93 28.03
N ASP C 386 -29.83 0.78 28.19
CA ASP C 386 -29.74 -0.01 29.41
C ASP C 386 -28.63 -1.05 29.39
N LEU C 387 -28.00 -1.29 28.22
CA LEU C 387 -26.88 -2.22 28.10
C LEU C 387 -25.52 -1.54 28.16
N ILE C 388 -25.48 -0.21 28.15
CA ILE C 388 -24.23 0.55 28.13
C ILE C 388 -23.59 0.42 29.51
N ASN D 8 42.85 21.80 -15.32
CA ASN D 8 43.85 20.76 -15.20
C ASN D 8 43.35 19.44 -14.58
N TRP D 9 42.03 19.21 -14.63
CA TRP D 9 41.44 17.96 -14.14
C TRP D 9 40.50 17.41 -15.20
N ASN D 10 40.67 16.13 -15.55
CA ASN D 10 39.95 15.53 -16.66
C ASN D 10 38.98 14.43 -16.27
N GLU D 11 39.20 13.74 -15.15
CA GLU D 11 38.37 12.57 -14.83
C GLU D 11 36.91 13.00 -14.70
N ILE D 12 36.03 12.17 -15.26
CA ILE D 12 34.59 12.41 -15.28
C ILE D 12 33.93 11.13 -14.78
N VAL D 13 33.04 11.26 -13.80
CA VAL D 13 32.35 10.12 -13.20
C VAL D 13 30.86 10.40 -13.29
N ASP D 14 30.14 9.67 -14.15
CA ASP D 14 28.78 10.09 -14.49
C ASP D 14 27.68 9.39 -13.66
N SER D 15 28.04 8.64 -12.62
CA SER D 15 27.05 8.04 -11.71
C SER D 15 27.48 8.15 -10.25
N PHE D 16 26.54 8.49 -9.37
CA PHE D 16 26.83 8.53 -7.95
C PHE D 16 27.34 7.18 -7.47
N ASP D 17 26.91 6.10 -8.10
CA ASP D 17 27.28 4.76 -7.65
C ASP D 17 28.74 4.40 -7.96
N ASP D 18 29.38 5.12 -8.88
CA ASP D 18 30.79 4.95 -9.19
C ASP D 18 31.70 5.91 -8.45
N MET D 19 31.18 6.65 -7.46
CA MET D 19 31.96 7.63 -6.74
C MET D 19 32.50 7.11 -5.42
N ASN D 20 32.30 5.82 -5.13
CA ASN D 20 32.88 5.20 -3.92
C ASN D 20 32.36 5.87 -2.64
N LEU D 21 31.06 6.15 -2.62
CA LEU D 21 30.40 6.81 -1.49
C LEU D 21 29.89 5.76 -0.53
N SER D 22 29.83 6.13 0.74
CA SER D 22 29.21 5.27 1.74
C SER D 22 27.76 5.01 1.37
N GLU D 23 27.26 3.85 1.84
CA GLU D 23 25.87 3.44 1.62
C GLU D 23 24.88 4.46 2.17
N SER D 24 25.15 5.02 3.34
CA SER D 24 24.19 5.93 3.94
C SER D 24 24.17 7.29 3.23
N LEU D 25 25.30 7.70 2.63
CA LEU D 25 25.35 8.93 1.85
C LEU D 25 24.60 8.77 0.53
N LEU D 26 24.83 7.66 -0.16
CA LEU D 26 24.03 7.38 -1.36
C LEU D 26 22.54 7.35 -1.05
N ARG D 27 22.16 6.77 0.08
CA ARG D 27 20.75 6.78 0.45
C ARG D 27 20.20 8.19 0.56
N GLY D 28 20.95 9.09 1.21
CA GLY D 28 20.50 10.47 1.32
C GLY D 28 20.43 11.19 -0.01
N ILE D 29 21.40 10.95 -0.87
CA ILE D 29 21.38 11.56 -2.20
C ILE D 29 20.11 11.16 -2.96
N TYR D 30 19.82 9.88 -2.99
CA TYR D 30 18.67 9.39 -3.77
C TYR D 30 17.36 9.78 -3.11
N ALA D 31 17.28 9.77 -1.77
CA ALA D 31 16.04 10.20 -1.13
C ALA D 31 15.78 11.69 -1.27
N TYR D 32 16.83 12.51 -1.39
CA TYR D 32 16.65 13.94 -1.70
C TYR D 32 16.02 14.15 -3.07
N GLY D 33 16.16 13.18 -3.97
CA GLY D 33 15.59 13.23 -5.31
C GLY D 33 16.58 13.28 -6.46
N PHE D 34 17.85 13.43 -6.20
CA PHE D 34 18.81 13.39 -7.29
C PHE D 34 18.85 12.01 -7.90
N GLU D 35 19.19 11.95 -9.17
CA GLU D 35 19.36 10.68 -9.86
C GLU D 35 20.73 10.53 -10.50
N LYS D 36 21.23 11.56 -11.19
CA LYS D 36 22.53 11.49 -11.83
C LYS D 36 23.31 12.73 -11.42
N PRO D 37 24.63 12.64 -11.29
CA PRO D 37 25.42 13.86 -11.06
C PRO D 37 25.37 14.84 -12.23
N SER D 38 25.28 16.13 -11.89
CA SER D 38 25.40 17.22 -12.85
C SER D 38 26.83 17.26 -13.39
N ALA D 39 27.05 18.08 -14.42
CA ALA D 39 28.38 18.10 -15.05
C ALA D 39 29.46 18.54 -14.04
N ILE D 40 29.16 19.53 -13.21
CA ILE D 40 30.17 19.96 -12.23
C ILE D 40 30.39 18.89 -11.17
N GLN D 41 29.32 18.24 -10.72
CA GLN D 41 29.45 17.15 -9.76
C GLN D 41 30.30 16.00 -10.33
N GLN D 42 30.13 15.70 -11.62
CA GLN D 42 30.87 14.60 -12.25
C GLN D 42 32.38 14.86 -12.29
N ARG D 43 32.79 16.11 -12.26
CA ARG D 43 34.18 16.52 -12.38
C ARG D 43 34.83 16.88 -11.07
N ALA D 44 34.07 17.45 -10.13
CA ALA D 44 34.64 18.06 -8.96
C ALA D 44 34.49 17.24 -7.69
N ILE D 45 33.52 16.33 -7.61
CA ILE D 45 33.32 15.66 -6.33
C ILE D 45 34.55 14.81 -5.96
N LEU D 46 35.03 13.99 -6.91
CA LEU D 46 36.11 13.07 -6.58
C LEU D 46 37.36 13.81 -6.12
N PRO D 47 37.83 14.87 -6.79
CA PRO D 47 39.04 15.52 -6.28
C PRO D 47 38.83 16.17 -4.94
N CYS D 48 37.63 16.65 -4.67
CA CYS D 48 37.34 17.19 -3.34
C CYS D 48 37.38 16.07 -2.28
N ILE D 49 36.80 14.91 -2.56
CA ILE D 49 36.83 13.81 -1.58
C ILE D 49 38.27 13.41 -1.31
N LYS D 50 39.10 13.39 -2.36
CA LYS D 50 40.49 12.96 -2.22
C LYS D 50 41.35 13.95 -1.44
N GLY D 51 40.87 15.15 -1.18
CA GLY D 51 41.59 16.08 -0.34
C GLY D 51 42.34 17.18 -1.04
N TYR D 52 42.24 17.28 -2.35
CA TYR D 52 42.95 18.33 -3.05
C TYR D 52 42.31 19.68 -2.81
N ASP D 53 43.12 20.73 -2.88
CA ASP D 53 42.59 22.08 -3.03
C ASP D 53 41.96 22.21 -4.42
N VAL D 54 40.76 22.76 -4.48
CA VAL D 54 39.97 22.82 -5.71
C VAL D 54 39.39 24.22 -5.87
N ILE D 55 39.46 24.74 -7.10
CA ILE D 55 38.69 25.88 -7.56
C ILE D 55 37.68 25.35 -8.57
N ALA D 56 36.40 25.37 -8.21
CA ALA D 56 35.32 24.80 -9.01
C ALA D 56 34.42 25.93 -9.47
N GLN D 57 34.49 26.22 -10.77
CA GLN D 57 33.61 27.19 -11.41
C GLN D 57 32.65 26.43 -12.32
N ALA D 58 31.37 26.74 -12.20
CA ALA D 58 30.38 26.23 -13.12
C ALA D 58 29.20 27.19 -13.15
N GLN D 59 28.47 27.16 -14.28
CA GLN D 59 27.34 28.03 -14.51
C GLN D 59 26.35 27.99 -13.35
N SER D 60 25.62 29.08 -13.19
CA SER D 60 24.58 29.18 -12.17
C SER D 60 23.51 28.09 -12.35
N GLY D 61 23.09 27.51 -11.23
CA GLY D 61 22.04 26.48 -11.27
C GLY D 61 22.50 25.08 -11.62
N THR D 62 23.80 24.81 -11.60
CA THR D 62 24.40 23.55 -12.02
C THR D 62 24.64 22.54 -10.90
N GLY D 63 24.43 22.91 -9.63
CA GLY D 63 24.56 21.95 -8.54
C GLY D 63 25.88 22.09 -7.73
N LYS D 64 26.41 23.28 -7.61
CA LYS D 64 27.64 23.50 -6.84
C LYS D 64 27.43 23.23 -5.35
N THR D 65 26.21 23.42 -4.81
CA THR D 65 26.02 23.14 -3.39
C THR D 65 26.29 21.66 -3.07
N ALA D 66 25.65 20.77 -3.82
CA ALA D 66 25.76 19.36 -3.56
C ALA D 66 27.15 18.88 -3.91
N THR D 67 27.83 19.58 -4.83
CA THR D 67 29.24 19.23 -5.08
C THR D 67 30.05 19.27 -3.77
N PHE D 68 29.98 20.37 -3.01
CA PHE D 68 30.77 20.39 -1.76
C PHE D 68 30.07 19.66 -0.64
N ALA D 69 28.74 19.61 -0.60
CA ALA D 69 28.10 18.90 0.49
C ALA D 69 28.43 17.40 0.44
N ILE D 70 28.33 16.78 -0.74
CA ILE D 70 28.62 15.35 -0.86
C ILE D 70 30.09 15.09 -0.51
N SER D 71 30.98 15.99 -0.93
CA SER D 71 32.40 15.76 -0.72
C SER D 71 32.76 15.87 0.74
N ILE D 72 32.16 16.82 1.45
CA ILE D 72 32.37 16.95 2.89
C ILE D 72 31.84 15.73 3.61
N LEU D 73 30.62 15.34 3.29
CA LEU D 73 29.98 14.26 4.02
C LEU D 73 30.75 12.97 3.87
N GLN D 74 31.31 12.71 2.69
CA GLN D 74 32.09 11.49 2.53
C GLN D 74 33.37 11.49 3.36
N GLN D 75 33.95 12.68 3.64
CA GLN D 75 35.16 12.78 4.40
C GLN D 75 34.94 12.80 5.90
N ILE D 76 33.71 12.98 6.37
CA ILE D 76 33.51 13.07 7.80
C ILE D 76 33.86 11.74 8.46
N GLU D 77 34.60 11.78 9.58
CA GLU D 77 34.64 10.63 10.48
C GLU D 77 33.48 10.78 11.46
N LEU D 78 32.46 9.93 11.32
CA LEU D 78 31.25 10.13 12.11
C LEU D 78 31.45 9.82 13.58
N ASP D 79 32.44 8.98 13.92
CA ASP D 79 32.72 8.65 15.31
C ASP D 79 33.66 9.64 15.98
N LEU D 80 34.22 10.60 15.23
CA LEU D 80 34.96 11.72 15.80
C LEU D 80 33.98 12.82 16.18
N LYS D 81 33.81 13.06 17.48
CA LYS D 81 32.84 14.05 17.95
C LYS D 81 33.47 15.45 17.97
N ALA D 82 33.87 15.90 16.79
CA ALA D 82 34.59 17.16 16.61
C ALA D 82 34.17 17.79 15.27
N THR D 83 34.31 19.11 15.20
CA THR D 83 34.04 19.81 13.96
C THR D 83 35.16 19.57 12.96
N GLN D 84 34.78 19.14 11.77
CA GLN D 84 35.74 18.69 10.77
C GLN D 84 35.68 19.48 9.48
N ALA D 85 34.64 20.28 9.26
CA ALA D 85 34.56 21.06 8.04
C ALA D 85 33.81 22.36 8.33
N LEU D 86 34.22 23.41 7.63
CA LEU D 86 33.65 24.73 7.79
C LEU D 86 33.38 25.33 6.42
N VAL D 87 32.11 25.70 6.18
CA VAL D 87 31.66 26.34 4.96
C VAL D 87 31.26 27.76 5.31
N LEU D 88 31.69 28.71 4.49
CA LEU D 88 31.31 30.12 4.61
C LEU D 88 30.56 30.58 3.37
N ALA D 89 29.48 31.36 3.58
CA ALA D 89 28.73 32.01 2.53
C ALA D 89 28.57 33.50 2.89
N PRO D 90 28.25 34.34 1.91
CA PRO D 90 28.23 35.77 2.17
C PRO D 90 26.98 36.29 2.81
N THR D 91 25.87 35.55 2.81
CA THR D 91 24.60 36.01 3.37
C THR D 91 24.04 34.95 4.30
N ARG D 92 23.24 35.44 5.26
CA ARG D 92 22.59 34.56 6.21
C ARG D 92 21.57 33.68 5.49
N GLU D 93 20.85 34.22 4.49
CA GLU D 93 19.88 33.45 3.73
C GLU D 93 20.56 32.32 2.96
N LEU D 94 21.70 32.60 2.33
CA LEU D 94 22.40 31.55 1.61
C LEU D 94 22.97 30.49 2.56
N ALA D 95 23.56 30.91 3.69
CA ALA D 95 24.07 29.94 4.65
C ALA D 95 22.97 29.02 5.19
N GLN D 96 21.79 29.57 5.48
CA GLN D 96 20.70 28.77 5.98
C GLN D 96 20.24 27.75 4.93
N GLN D 97 20.18 28.19 3.67
CA GLN D 97 19.79 27.30 2.58
C GLN D 97 20.79 26.16 2.38
N ILE D 98 22.10 26.48 2.41
CA ILE D 98 23.13 25.46 2.30
C ILE D 98 23.03 24.47 3.44
N GLN D 99 22.87 24.98 4.67
CA GLN D 99 22.75 24.10 5.84
C GLN D 99 21.64 23.06 5.63
N LYS D 100 20.51 23.46 5.06
CA LYS D 100 19.42 22.51 4.89
C LYS D 100 19.77 21.45 3.88
N VAL D 101 20.48 21.83 2.80
CA VAL D 101 20.93 20.84 1.82
C VAL D 101 21.84 19.82 2.48
N VAL D 102 22.84 20.28 3.23
CA VAL D 102 23.83 19.39 3.81
C VAL D 102 23.14 18.43 4.78
N MET D 103 22.24 18.97 5.62
CA MET D 103 21.51 18.15 6.59
C MET D 103 20.68 17.07 5.89
N ALA D 104 20.01 17.42 4.80
CA ALA D 104 19.18 16.44 4.08
C ALA D 104 20.04 15.37 3.43
N LEU D 105 21.10 15.78 2.73
CA LEU D 105 21.98 14.80 2.10
C LEU D 105 22.71 13.93 3.11
N GLY D 106 23.00 14.41 4.31
CA GLY D 106 23.62 13.55 5.30
C GLY D 106 22.69 12.91 6.32
N ASP D 107 21.36 13.04 6.15
CA ASP D 107 20.39 12.68 7.19
C ASP D 107 20.52 11.22 7.60
N TYR D 108 20.63 10.30 6.63
CA TYR D 108 20.75 8.88 7.00
C TYR D 108 22.11 8.53 7.57
N MET D 109 23.12 9.38 7.41
CA MET D 109 24.41 9.15 8.02
C MET D 109 24.45 9.63 9.46
N GLY D 110 23.54 10.52 9.84
CA GLY D 110 23.61 11.10 11.16
C GLY D 110 24.75 12.08 11.30
N ALA D 111 25.09 12.80 10.24
CA ALA D 111 26.12 13.82 10.33
C ALA D 111 25.50 15.09 10.89
N SER D 112 26.15 15.69 11.91
CA SER D 112 25.64 16.93 12.48
C SER D 112 26.10 18.12 11.63
N CYS D 113 25.17 19.05 11.36
CA CYS D 113 25.41 20.26 10.57
C CYS D 113 24.70 21.42 11.25
N HIS D 114 25.48 22.45 11.58
CA HIS D 114 25.04 23.57 12.40
C HIS D 114 25.28 24.85 11.64
N ALA D 115 24.23 25.69 11.57
CA ALA D 115 24.29 27.01 10.96
C ALA D 115 24.82 27.99 12.00
N CYS D 116 25.95 28.62 11.69
CA CYS D 116 26.59 29.58 12.59
C CYS D 116 26.51 30.93 11.89
N ILE D 117 25.44 31.66 12.16
CA ILE D 117 25.11 32.85 11.39
C ILE D 117 24.65 33.96 12.32
N GLY D 118 24.82 35.20 11.86
CA GLY D 118 24.39 36.34 12.64
C GLY D 118 22.87 36.49 12.66
N GLY D 119 22.41 37.27 13.61
CA GLY D 119 20.99 37.48 13.77
C GLY D 119 20.28 36.37 14.50
N THR D 120 21.00 35.34 14.93
CA THR D 120 20.39 34.29 15.73
C THR D 120 20.73 34.56 17.18
N ASN D 121 20.14 33.79 18.06
CA ASN D 121 20.30 33.99 19.49
C ASN D 121 21.63 33.40 19.93
N VAL D 122 22.54 34.30 20.29
CA VAL D 122 23.89 33.89 20.62
C VAL D 122 23.91 32.97 21.83
N ARG D 123 23.03 33.20 22.81
CA ARG D 123 23.05 32.37 24.01
C ARG D 123 22.67 30.93 23.69
N ALA D 124 21.62 30.74 22.89
CA ALA D 124 21.26 29.39 22.47
C ALA D 124 22.41 28.73 21.73
N GLU D 125 23.03 29.47 20.81
CA GLU D 125 24.10 28.88 20.00
C GLU D 125 25.23 28.40 20.87
N VAL D 126 25.68 29.24 21.80
CA VAL D 126 26.73 28.83 22.72
C VAL D 126 26.29 27.65 23.56
N GLN D 127 25.04 27.67 24.03
CA GLN D 127 24.49 26.56 24.79
C GLN D 127 24.66 25.26 24.01
N LYS D 128 24.21 25.26 22.77
CA LYS D 128 24.32 24.08 21.91
C LYS D 128 25.78 23.70 21.68
N LEU D 129 26.62 24.68 21.33
CA LEU D 129 28.00 24.36 21.01
C LEU D 129 28.78 23.86 22.21
N GLN D 130 28.34 24.19 23.43
CA GLN D 130 29.05 23.67 24.60
C GLN D 130 28.76 22.20 24.83
N MET D 131 27.59 21.74 24.41
CA MET D 131 27.21 20.35 24.61
C MET D 131 27.70 19.43 23.50
N GLU D 132 27.80 19.93 22.27
CA GLU D 132 28.15 19.08 21.13
C GLU D 132 28.86 19.89 20.07
N ALA D 133 30.02 19.43 19.67
CA ALA D 133 30.75 19.98 18.53
C ALA D 133 30.21 19.46 17.22
N PRO D 134 29.48 20.25 16.41
CA PRO D 134 28.90 19.68 15.18
C PRO D 134 29.99 19.30 14.21
N HIS D 135 29.74 18.22 13.46
CA HIS D 135 30.71 17.77 12.46
C HIS D 135 30.97 18.84 11.44
N ILE D 136 29.93 19.55 11.03
CA ILE D 136 29.99 20.48 9.92
C ILE D 136 29.37 21.80 10.33
N ILE D 137 30.12 22.88 10.14
CA ILE D 137 29.64 24.22 10.37
C ILE D 137 29.42 24.91 9.03
N VAL D 138 28.24 25.47 8.83
CA VAL D 138 27.92 26.33 7.70
C VAL D 138 27.64 27.70 8.28
N GLY D 139 28.39 28.70 7.87
CA GLY D 139 28.19 29.98 8.50
C GLY D 139 28.43 31.20 7.65
N THR D 140 28.21 32.39 8.27
CA THR D 140 28.59 33.68 7.74
C THR D 140 29.81 34.19 8.54
N PRO D 141 30.65 35.03 7.96
CA PRO D 141 31.99 35.22 8.57
C PRO D 141 31.97 35.87 9.94
N GLY D 142 31.08 36.83 10.18
CA GLY D 142 31.12 37.54 11.46
C GLY D 142 30.86 36.61 12.63
N ARG D 143 29.80 35.82 12.54
CA ARG D 143 29.46 34.92 13.65
C ARG D 143 30.46 33.77 13.76
N VAL D 144 30.94 33.26 12.64
CA VAL D 144 31.97 32.23 12.72
C VAL D 144 33.21 32.74 13.46
N PHE D 145 33.69 33.92 13.05
CA PHE D 145 34.87 34.55 13.69
C PHE D 145 34.64 34.74 15.17
N ASP D 146 33.47 35.26 15.52
CA ASP D 146 33.11 35.50 16.93
C ASP D 146 33.14 34.19 17.69
N MET D 147 32.53 33.14 17.12
CA MET D 147 32.50 31.88 17.83
C MET D 147 33.87 31.24 17.93
N LEU D 148 34.72 31.43 16.92
CA LEU D 148 36.09 30.95 17.00
C LEU D 148 36.87 31.76 18.05
N ASN D 149 36.66 33.07 18.11
CA ASN D 149 37.37 33.86 19.12
C ASN D 149 37.05 33.39 20.53
N ARG D 150 35.76 33.20 20.86
CA ARG D 150 35.31 32.75 22.17
C ARG D 150 35.65 31.28 22.44
N ARG D 151 36.16 30.57 21.46
CA ARG D 151 36.53 29.16 21.56
C ARG D 151 35.32 28.22 21.78
N TYR D 152 34.12 28.63 21.37
CA TYR D 152 33.00 27.69 21.33
C TYR D 152 33.01 26.84 20.07
N LEU D 153 33.66 27.32 19.01
CA LEU D 153 34.03 26.51 17.86
C LEU D 153 35.52 26.23 17.92
N SER D 154 35.88 24.99 17.81
CA SER D 154 37.30 24.70 17.80
C SER D 154 37.78 24.34 16.39
N PRO D 155 38.95 24.82 15.99
CA PRO D 155 39.51 24.44 14.69
C PRO D 155 40.41 23.22 14.69
N LYS D 156 40.59 22.56 15.84
CA LYS D 156 41.62 21.54 15.97
C LYS D 156 41.47 20.42 14.94
N TYR D 157 40.23 20.05 14.62
CA TYR D 157 39.98 18.94 13.70
C TYR D 157 39.39 19.39 12.37
N ILE D 158 39.37 20.70 12.11
CA ILE D 158 38.84 21.19 10.84
C ILE D 158 39.85 20.90 9.75
N LYS D 159 39.48 20.03 8.81
CA LYS D 159 40.37 19.63 7.73
C LYS D 159 39.86 20.10 6.39
N MET D 160 38.68 20.71 6.35
N MET D 160 38.68 20.70 6.34
CA MET D 160 37.99 21.19 5.14
CA MET D 160 38.09 21.22 5.12
C MET D 160 37.46 22.59 5.34
C MET D 160 37.45 22.59 5.33
N PHE D 161 37.80 23.49 4.42
CA PHE D 161 37.40 24.90 4.47
C PHE D 161 36.87 25.27 3.10
N VAL D 162 35.60 25.62 3.03
CA VAL D 162 34.88 25.82 1.79
C VAL D 162 34.36 27.24 1.72
N LEU D 163 34.68 27.94 0.68
CA LEU D 163 34.09 29.22 0.38
C LEU D 163 33.10 29.13 -0.78
N ASP D 164 31.81 29.21 -0.49
CA ASP D 164 30.81 29.35 -1.55
C ASP D 164 30.74 30.83 -1.96
N GLU D 165 30.36 31.08 -3.21
CA GLU D 165 30.39 32.42 -3.79
C GLU D 165 31.79 33.03 -3.64
N ALA D 166 32.79 32.24 -4.02
CA ALA D 166 34.16 32.53 -3.56
C ALA D 166 34.65 33.91 -4.00
N ASP D 167 34.28 34.35 -5.20
CA ASP D 167 34.74 35.66 -5.66
C ASP D 167 34.15 36.81 -4.84
N GLU D 168 32.92 36.67 -4.35
CA GLU D 168 32.40 37.64 -3.39
C GLU D 168 33.14 37.58 -2.05
N MET D 169 33.45 36.36 -1.57
CA MET D 169 34.13 36.21 -0.27
C MET D 169 35.57 36.70 -0.28
N LEU D 170 36.16 36.84 -1.46
CA LEU D 170 37.51 37.34 -1.66
C LEU D 170 37.51 38.76 -2.20
N SER D 171 36.34 39.43 -2.17
CA SER D 171 36.23 40.84 -2.55
C SER D 171 36.66 41.75 -1.41
N ARG D 172 36.59 43.07 -1.64
CA ARG D 172 37.19 44.00 -0.69
C ARG D 172 36.50 43.93 0.68
N GLY D 173 35.17 43.88 0.72
CA GLY D 173 34.50 43.86 2.02
C GLY D 173 34.68 42.56 2.79
N PHE D 174 35.06 41.47 2.10
CA PHE D 174 35.08 40.15 2.72
C PHE D 174 36.46 39.54 2.85
N LYS D 175 37.43 39.92 2.01
CA LYS D 175 38.67 39.15 1.99
C LYS D 175 39.39 39.18 3.34
N ASP D 176 39.38 40.32 4.03
CA ASP D 176 40.02 40.36 5.34
C ASP D 176 39.26 39.55 6.39
N GLN D 177 37.93 39.44 6.28
CA GLN D 177 37.23 38.57 7.23
C GLN D 177 37.59 37.11 7.03
N ILE D 178 37.66 36.67 5.76
CA ILE D 178 38.02 35.30 5.43
C ILE D 178 39.45 35.02 5.86
N TYR D 179 40.35 36.00 5.69
CA TYR D 179 41.74 35.83 6.13
C TYR D 179 41.82 35.62 7.64
N ASP D 180 41.07 36.41 8.41
CA ASP D 180 41.10 36.30 9.86
C ASP D 180 40.62 34.93 10.32
N ILE D 181 39.60 34.37 9.64
CA ILE D 181 39.14 33.03 9.97
C ILE D 181 40.20 32.01 9.57
N PHE D 182 40.75 32.15 8.37
CA PHE D 182 41.71 31.23 7.82
C PHE D 182 42.94 31.08 8.72
N GLN D 183 43.43 32.19 9.28
CA GLN D 183 44.61 32.10 10.12
C GLN D 183 44.36 31.30 11.37
N LYS D 184 43.11 31.07 11.75
CA LYS D 184 42.84 30.22 12.90
C LYS D 184 42.91 28.73 12.59
N LEU D 185 42.87 28.35 11.31
CA LEU D 185 42.84 26.95 10.92
C LEU D 185 44.25 26.36 10.87
N ASN D 186 44.31 25.05 10.97
CA ASN D 186 45.55 24.30 10.78
C ASN D 186 46.19 24.55 9.41
N SER D 187 47.51 24.40 9.36
CA SER D 187 48.25 24.71 8.12
C SER D 187 47.85 23.78 6.98
N ASN D 188 47.55 22.53 7.27
CA ASN D 188 47.31 21.62 6.15
C ASN D 188 45.89 21.71 5.58
N THR D 189 45.06 22.67 6.00
CA THR D 189 43.63 22.55 5.72
C THR D 189 43.31 22.62 4.23
N GLN D 190 42.46 21.72 3.78
CA GLN D 190 42.06 21.70 2.38
C GLN D 190 41.11 22.86 2.13
N VAL D 191 41.30 23.55 1.02
CA VAL D 191 40.47 24.70 0.67
C VAL D 191 39.74 24.41 -0.63
N VAL D 192 38.41 24.64 -0.66
CA VAL D 192 37.61 24.49 -1.87
C VAL D 192 36.84 25.79 -2.12
N LEU D 193 36.96 26.32 -3.32
CA LEU D 193 36.32 27.58 -3.68
C LEU D 193 35.32 27.28 -4.80
N LEU D 194 34.10 27.79 -4.67
CA LEU D 194 33.09 27.65 -5.72
C LEU D 194 32.41 28.97 -6.05
N SER D 195 32.14 29.17 -7.34
CA SER D 195 31.32 30.29 -7.80
C SER D 195 31.03 30.14 -9.29
N ALA D 196 30.00 30.82 -9.73
CA ALA D 196 29.74 30.95 -11.15
C ALA D 196 30.65 31.97 -11.81
N THR D 197 31.19 32.94 -11.05
CA THR D 197 32.14 33.93 -11.55
C THR D 197 33.44 33.84 -10.79
N MET D 198 34.57 33.85 -11.52
CA MET D 198 35.90 33.79 -10.93
C MET D 198 36.80 34.77 -11.67
N PRO D 199 36.81 36.03 -11.27
CA PRO D 199 37.64 37.01 -11.97
C PRO D 199 39.13 36.72 -11.83
N SER D 200 39.89 37.30 -12.76
CA SER D 200 41.34 37.07 -12.78
C SER D 200 42.00 37.62 -11.52
N ASP D 201 41.49 38.75 -11.00
CA ASP D 201 42.04 39.33 -9.78
C ASP D 201 41.75 38.42 -8.58
N VAL D 202 40.60 37.76 -8.57
CA VAL D 202 40.31 36.80 -7.52
C VAL D 202 41.21 35.57 -7.67
N LEU D 203 41.45 35.14 -8.91
CA LEU D 203 42.26 33.94 -9.11
C LEU D 203 43.66 34.13 -8.54
N GLU D 204 44.23 35.34 -8.63
CA GLU D 204 45.58 35.58 -8.13
C GLU D 204 45.64 35.56 -6.61
N VAL D 205 44.63 36.13 -5.95
CA VAL D 205 44.55 36.10 -4.50
C VAL D 205 44.50 34.70 -3.94
N THR D 206 44.10 33.69 -4.72
CA THR D 206 44.01 32.35 -4.14
C THR D 206 45.40 31.75 -3.87
N LYS D 207 46.42 32.21 -4.58
CA LYS D 207 47.78 31.74 -4.39
C LYS D 207 48.29 31.94 -2.97
N LYS D 208 47.51 32.64 -2.12
CA LYS D 208 47.86 32.85 -0.71
C LYS D 208 47.21 31.86 0.26
N PHE D 209 46.19 31.08 -0.14
CA PHE D 209 45.71 30.00 0.72
C PHE D 209 45.71 28.61 0.09
N MET D 210 46.18 28.45 -1.16
CA MET D 210 46.07 27.19 -1.89
C MET D 210 47.35 26.95 -2.66
N ARG D 211 47.91 25.75 -2.51
CA ARG D 211 49.07 25.34 -3.29
C ARG D 211 48.58 24.46 -4.44
N ASP D 212 48.98 24.88 -5.65
CA ASP D 212 48.74 24.19 -6.91
C ASP D 212 47.38 23.50 -6.93
N PRO D 213 46.28 24.27 -6.84
CA PRO D 213 44.96 23.65 -6.80
C PRO D 213 44.56 23.04 -8.13
N ILE D 214 43.65 22.07 -8.05
CA ILE D 214 42.89 21.66 -9.23
C ILE D 214 41.97 22.81 -9.61
N ARG D 215 42.03 23.26 -10.86
CA ARG D 215 41.14 24.30 -11.35
CA ARG D 215 41.11 24.30 -11.32
C ARG D 215 40.13 23.71 -12.32
N ILE D 216 38.85 23.97 -12.08
CA ILE D 216 37.75 23.62 -12.98
C ILE D 216 37.08 24.94 -13.32
N LEU D 217 37.38 25.49 -14.49
CA LEU D 217 36.96 26.83 -14.87
C LEU D 217 36.07 26.85 -16.12
N VAL D 218 35.48 28.02 -16.36
CA VAL D 218 34.50 28.25 -17.42
C VAL D 218 34.76 29.68 -17.88
N LYS D 219 35.04 29.88 -19.17
CA LYS D 219 35.43 31.22 -19.60
C LYS D 219 34.21 32.13 -19.71
N LYS D 220 34.45 33.43 -19.52
CA LYS D 220 33.35 34.32 -19.18
C LYS D 220 32.22 34.29 -20.22
N GLU D 221 32.53 33.93 -21.48
CA GLU D 221 31.53 33.97 -22.55
C GLU D 221 30.67 32.71 -22.62
N GLU D 222 30.92 31.73 -21.74
CA GLU D 222 30.12 30.50 -21.68
C GLU D 222 29.14 30.51 -20.51
N LEU D 223 29.06 31.60 -19.74
CA LEU D 223 28.34 31.57 -18.47
C LEU D 223 26.83 31.74 -18.62
N THR D 224 26.36 32.44 -19.65
CA THR D 224 24.93 32.73 -19.72
C THR D 224 24.15 31.46 -20.07
N LEU D 225 22.98 31.32 -19.44
CA LEU D 225 22.07 30.20 -19.68
C LEU D 225 21.09 30.65 -20.76
N GLU D 226 21.29 30.16 -21.99
CA GLU D 226 20.44 30.57 -23.09
C GLU D 226 18.96 30.32 -22.81
N GLY D 227 18.66 29.37 -21.91
CA GLY D 227 17.29 29.23 -21.45
C GLY D 227 16.76 30.49 -20.81
N ILE D 228 17.65 31.33 -20.27
CA ILE D 228 17.30 32.63 -19.70
C ILE D 228 17.32 33.64 -20.84
N ARG D 229 16.14 34.13 -21.22
CA ARG D 229 16.02 35.15 -22.26
C ARG D 229 16.12 36.52 -21.60
N GLN D 230 17.16 37.27 -21.96
CA GLN D 230 17.40 38.57 -21.34
C GLN D 230 16.95 39.67 -22.30
N PHE D 231 16.20 40.62 -21.78
CA PHE D 231 15.68 41.74 -22.54
C PHE D 231 16.09 43.03 -21.82
N TYR D 232 15.75 44.17 -22.44
CA TYR D 232 15.88 45.47 -21.81
C TYR D 232 14.66 46.32 -22.18
N ILE D 233 14.48 47.40 -21.43
CA ILE D 233 13.38 48.33 -21.63
C ILE D 233 13.97 49.73 -21.44
N ASN D 234 13.99 50.52 -22.51
CA ASN D 234 14.39 51.93 -22.38
C ASN D 234 13.28 52.68 -21.67
N VAL D 235 13.55 53.12 -20.44
CA VAL D 235 12.61 53.95 -19.69
C VAL D 235 13.02 55.41 -19.70
N GLU D 236 14.19 55.74 -20.26
CA GLU D 236 14.74 57.09 -20.40
C GLU D 236 14.33 58.06 -19.30
N ARG D 237 14.25 57.58 -18.05
CA ARG D 237 14.19 58.43 -16.86
C ARG D 237 13.77 57.58 -15.66
N GLU D 238 14.33 57.84 -14.49
CA GLU D 238 14.09 57.01 -13.33
C GLU D 238 12.72 57.26 -12.72
N GLU D 239 12.07 58.36 -13.11
CA GLU D 239 10.76 58.72 -12.59
C GLU D 239 9.67 57.86 -13.21
N TRP D 240 9.91 57.36 -14.42
CA TRP D 240 8.97 56.51 -15.11
C TRP D 240 9.11 55.04 -14.75
N LYS D 241 10.27 54.64 -14.22
CA LYS D 241 10.49 53.24 -13.88
C LYS D 241 9.29 52.66 -13.13
N LEU D 242 8.78 53.41 -12.16
CA LEU D 242 7.68 52.93 -11.33
C LEU D 242 6.47 52.55 -12.18
N ASP D 243 6.04 53.46 -13.07
CA ASP D 243 4.88 53.16 -13.91
C ASP D 243 5.16 51.97 -14.84
N THR D 244 6.39 51.88 -15.34
CA THR D 244 6.75 50.78 -16.22
C THR D 244 6.72 49.44 -15.48
N LEU D 245 6.95 49.45 -14.17
CA LEU D 245 6.92 48.21 -13.42
C LEU D 245 5.49 47.88 -13.00
N CYS D 246 4.70 48.89 -12.62
CA CYS D 246 3.28 48.67 -12.40
C CYS D 246 2.62 48.08 -13.64
N ASP D 247 3.00 48.58 -14.83
CA ASP D 247 2.50 48.02 -16.07
C ASP D 247 2.77 46.53 -16.19
N LEU D 248 3.75 46.02 -15.45
CA LEU D 248 4.19 44.64 -15.61
C LEU D 248 3.65 43.68 -14.55
N TYR D 249 3.05 44.17 -13.46
CA TYR D 249 2.50 43.27 -12.45
C TYR D 249 1.64 42.18 -13.10
N GLU D 250 0.69 42.59 -13.92
CA GLU D 250 0.10 41.76 -14.98
C GLU D 250 0.93 40.51 -15.29
N THR D 251 2.09 40.66 -15.92
CA THR D 251 2.87 39.48 -16.29
C THR D 251 3.77 38.96 -15.17
N LEU D 252 4.01 39.75 -14.11
CA LEU D 252 4.87 39.28 -13.02
C LEU D 252 4.28 38.06 -12.32
N THR D 253 2.99 38.14 -11.98
CA THR D 253 2.32 37.08 -11.23
C THR D 253 2.14 35.79 -12.01
N ILE D 254 2.57 35.76 -13.28
CA ILE D 254 2.45 34.53 -14.06
C ILE D 254 3.03 33.36 -13.26
N THR D 255 4.19 33.59 -12.63
CA THR D 255 4.77 32.62 -11.71
C THR D 255 5.28 33.32 -10.47
N GLN D 256 6.61 33.35 -10.30
CA GLN D 256 7.24 34.10 -9.21
C GLN D 256 8.33 34.96 -9.83
N ALA D 257 8.54 36.15 -9.26
CA ALA D 257 9.45 37.10 -9.85
C ALA D 257 10.26 37.77 -8.73
N VAL D 258 11.51 38.09 -9.05
CA VAL D 258 12.38 38.88 -8.18
C VAL D 258 12.73 40.18 -8.88
N ILE D 259 12.61 41.30 -8.17
CA ILE D 259 12.95 42.62 -8.69
C ILE D 259 14.17 43.11 -7.91
N PHE D 260 15.26 43.38 -8.62
CA PHE D 260 16.49 43.80 -7.98
C PHE D 260 16.65 45.32 -7.98
N ILE D 261 16.99 45.84 -6.82
CA ILE D 261 17.22 47.26 -6.58
C ILE D 261 18.61 47.40 -5.99
N ASN D 262 19.28 48.52 -6.29
CA ASN D 262 20.69 48.61 -5.89
C ASN D 262 20.89 49.10 -4.46
N THR D 263 19.91 49.81 -3.88
CA THR D 263 20.04 50.37 -2.54
C THR D 263 18.87 49.92 -1.68
N ARG D 264 19.14 49.78 -0.38
CA ARG D 264 18.11 49.44 0.57
C ARG D 264 17.06 50.55 0.67
N ARG D 265 17.47 51.81 0.46
CA ARG D 265 16.54 52.93 0.45
C ARG D 265 15.48 52.79 -0.62
N LYS D 266 15.91 52.57 -1.87
CA LYS D 266 14.95 52.46 -2.97
C LYS D 266 14.08 51.22 -2.82
N VAL D 267 14.61 50.16 -2.19
CA VAL D 267 13.76 49.01 -1.89
C VAL D 267 12.58 49.45 -1.03
N ASP D 268 12.87 50.15 0.06
CA ASP D 268 11.80 50.65 0.94
C ASP D 268 10.91 51.62 0.20
N TRP D 269 11.49 52.42 -0.69
CA TRP D 269 10.71 53.37 -1.45
C TRP D 269 9.77 52.67 -2.42
N LEU D 270 10.28 51.74 -3.21
CA LEU D 270 9.41 51.06 -4.17
C LEU D 270 8.32 50.26 -3.45
N THR D 271 8.67 49.63 -2.32
CA THR D 271 7.69 48.86 -1.57
C THR D 271 6.57 49.75 -1.11
N GLU D 272 6.89 50.73 -0.25
CA GLU D 272 6.08 51.93 0.00
C GLU D 272 5.14 52.20 -1.17
N LYS D 273 5.70 52.54 -2.33
CA LYS D 273 4.89 52.98 -3.45
C LYS D 273 3.94 51.88 -3.91
N MET D 274 4.48 50.67 -4.16
CA MET D 274 3.67 49.60 -4.73
C MET D 274 2.48 49.25 -3.85
N HIS D 275 2.63 49.38 -2.53
CA HIS D 275 1.50 49.10 -1.64
C HIS D 275 0.43 50.17 -1.78
N ALA D 276 0.83 51.43 -1.92
CA ALA D 276 -0.12 52.52 -2.10
C ALA D 276 -0.93 52.36 -3.38
N ARG D 277 -0.40 51.65 -4.36
CA ARG D 277 -1.11 51.38 -5.61
C ARG D 277 -1.89 50.07 -5.57
N ASP D 278 -2.08 49.50 -4.38
CA ASP D 278 -2.83 48.25 -4.21
C ASP D 278 -2.21 47.10 -5.03
N PHE D 279 -0.88 47.07 -5.07
CA PHE D 279 -0.13 45.95 -5.63
C PHE D 279 0.45 45.13 -4.48
N THR D 280 0.32 43.81 -4.56
CA THR D 280 0.78 42.92 -3.51
C THR D 280 2.23 42.52 -3.79
N VAL D 281 3.13 42.88 -2.89
CA VAL D 281 4.55 42.59 -3.01
C VAL D 281 5.11 42.30 -1.62
N SER D 282 6.27 41.63 -1.61
CA SER D 282 7.09 41.49 -0.42
C SER D 282 8.46 42.11 -0.69
N ALA D 283 9.17 42.40 0.39
CA ALA D 283 10.42 43.12 0.26
C ALA D 283 11.37 42.61 1.33
N MET D 284 12.67 42.69 1.03
CA MET D 284 13.69 42.14 1.92
C MET D 284 15.01 42.87 1.67
N HIS D 285 15.69 43.24 2.75
CA HIS D 285 17.04 43.77 2.63
C HIS D 285 17.78 43.63 3.95
N GLY D 286 19.09 43.96 3.90
CA GLY D 286 20.00 43.67 4.97
C GLY D 286 19.78 44.44 6.25
N ASP D 287 18.93 45.47 6.20
CA ASP D 287 18.67 46.32 7.36
C ASP D 287 17.42 45.93 8.14
N MET D 288 16.67 44.94 7.67
CA MET D 288 15.55 44.40 8.44
C MET D 288 16.04 43.47 9.56
N ASP D 289 15.22 43.35 10.60
CA ASP D 289 15.41 42.33 11.62
C ASP D 289 15.46 40.96 10.97
N GLN D 290 16.34 40.10 11.50
CA GLN D 290 16.51 38.75 10.93
C GLN D 290 15.24 37.94 11.00
N LYS D 291 14.44 38.11 12.06
CA LYS D 291 13.13 37.47 12.12
C LYS D 291 12.29 37.86 10.90
N GLU D 292 12.29 39.15 10.57
CA GLU D 292 11.56 39.61 9.40
C GLU D 292 12.16 39.02 8.14
N ARG D 293 13.48 39.16 7.96
CA ARG D 293 14.13 38.50 6.83
C ARG D 293 13.69 37.03 6.72
N ASP D 294 13.68 36.31 7.83
CA ASP D 294 13.38 34.89 7.81
C ASP D 294 11.97 34.61 7.31
N VAL D 295 11.01 35.47 7.69
CA VAL D 295 9.62 35.27 7.32
C VAL D 295 9.41 35.54 5.84
N ILE D 296 9.89 36.69 5.35
CA ILE D 296 9.73 37.02 3.94
C ILE D 296 10.31 35.92 3.06
N MET D 297 11.47 35.40 3.44
CA MET D 297 12.10 34.35 2.65
C MET D 297 11.23 33.10 2.64
N ARG D 298 10.76 32.67 3.81
CA ARG D 298 9.99 31.43 3.87
C ARG D 298 8.62 31.58 3.21
N GLU D 299 8.06 32.79 3.21
CA GLU D 299 6.80 33.01 2.50
C GLU D 299 7.05 33.00 1.01
N PHE D 300 8.19 33.54 0.57
CA PHE D 300 8.51 33.50 -0.84
C PHE D 300 8.74 32.08 -1.30
N ARG D 301 9.47 31.30 -0.49
CA ARG D 301 9.75 29.92 -0.85
C ARG D 301 8.48 29.12 -1.03
N SER D 302 7.49 29.34 -0.14
CA SER D 302 6.27 28.54 -0.16
C SER D 302 5.29 28.99 -1.23
N GLY D 303 5.43 30.21 -1.71
CA GLY D 303 4.54 30.73 -2.72
C GLY D 303 3.47 31.65 -2.20
N SER D 304 3.41 31.90 -0.89
CA SER D 304 2.49 32.91 -0.39
C SER D 304 2.70 34.22 -1.13
N SER D 305 3.96 34.62 -1.28
CA SER D 305 4.33 35.82 -2.01
C SER D 305 4.91 35.41 -3.36
N ARG D 306 4.54 36.14 -4.40
CA ARG D 306 5.01 35.84 -5.75
C ARG D 306 5.90 36.93 -6.32
N VAL D 307 6.03 38.06 -5.65
CA VAL D 307 6.82 39.17 -6.15
C VAL D 307 7.65 39.70 -5.01
N LEU D 308 8.98 39.63 -5.15
CA LEU D 308 9.90 40.03 -4.11
C LEU D 308 10.80 41.14 -4.64
N ILE D 309 10.81 42.25 -3.92
CA ILE D 309 11.73 43.36 -4.16
C ILE D 309 12.88 43.20 -3.17
N THR D 310 14.11 43.31 -3.65
CA THR D 310 15.26 42.99 -2.80
C THR D 310 16.50 43.63 -3.38
N THR D 311 17.53 43.74 -2.52
CA THR D 311 18.85 44.17 -2.93
C THR D 311 19.66 42.99 -3.42
N ASP D 312 20.96 43.20 -3.66
CA ASP D 312 21.82 42.09 -4.02
C ASP D 312 22.06 41.13 -2.88
N LEU D 313 21.40 41.33 -1.74
CA LEU D 313 21.38 40.32 -0.69
C LEU D 313 20.98 38.96 -1.24
N LEU D 314 20.03 38.94 -2.17
CA LEU D 314 19.52 37.70 -2.74
C LEU D 314 20.02 37.50 -4.17
N ALA D 315 21.06 38.22 -4.57
CA ALA D 315 21.57 38.03 -5.92
C ALA D 315 22.33 36.70 -6.06
N ARG D 316 22.91 36.18 -4.97
CA ARG D 316 23.83 35.05 -5.06
C ARG D 316 23.26 33.82 -4.37
N GLY D 317 23.13 32.74 -5.15
CA GLY D 317 22.99 31.40 -4.64
C GLY D 317 21.62 30.99 -4.20
N ILE D 318 20.69 31.94 -4.03
CA ILE D 318 19.36 31.63 -3.50
C ILE D 318 18.62 30.82 -4.56
N ASP D 319 18.02 29.73 -4.14
CA ASP D 319 17.38 28.78 -5.07
C ASP D 319 15.88 28.72 -4.77
N VAL D 320 15.08 29.38 -5.59
CA VAL D 320 13.63 29.32 -5.49
C VAL D 320 13.16 28.79 -6.84
N GLN D 321 12.83 27.50 -6.87
CA GLN D 321 12.67 26.82 -8.16
C GLN D 321 11.60 27.48 -9.03
N GLN D 322 10.54 28.01 -8.41
CA GLN D 322 9.42 28.60 -9.14
C GLN D 322 9.67 30.02 -9.66
N VAL D 323 10.85 30.61 -9.44
CA VAL D 323 11.14 31.94 -9.99
C VAL D 323 11.50 31.78 -11.46
N SER D 324 10.76 32.48 -12.34
CA SER D 324 11.00 32.40 -13.78
C SER D 324 11.18 33.77 -14.40
N LEU D 325 11.25 34.82 -13.60
CA LEU D 325 11.31 36.19 -14.07
C LEU D 325 12.19 37.00 -13.13
N VAL D 326 13.26 37.59 -13.66
CA VAL D 326 14.06 38.54 -12.90
C VAL D 326 13.92 39.89 -13.58
N ILE D 327 13.65 40.92 -12.78
CA ILE D 327 13.64 42.29 -13.25
C ILE D 327 14.78 43.05 -12.57
N ASN D 328 15.69 43.58 -13.37
CA ASN D 328 16.69 44.52 -12.90
C ASN D 328 16.08 45.92 -13.05
N TYR D 329 15.36 46.33 -12.03
CA TYR D 329 14.90 47.71 -11.94
C TYR D 329 16.07 48.68 -12.00
N ASP D 330 17.09 48.43 -11.20
CA ASP D 330 18.40 49.06 -11.35
C ASP D 330 19.33 48.06 -12.03
N LEU D 331 20.31 48.58 -12.75
CA LEU D 331 21.39 47.75 -13.30
C LEU D 331 22.52 47.62 -12.28
N PRO D 332 23.02 46.40 -12.02
CA PRO D 332 23.99 46.20 -10.94
C PRO D 332 25.26 47.03 -11.12
N THR D 333 25.88 47.34 -9.97
CA THR D 333 27.12 48.10 -9.97
C THR D 333 28.32 47.28 -10.40
N ASN D 334 28.22 45.96 -10.41
CA ASN D 334 29.29 45.10 -10.91
C ASN D 334 28.70 44.09 -11.89
N ARG D 335 29.51 43.72 -12.88
CA ARG D 335 29.01 42.85 -13.93
C ARG D 335 28.77 41.44 -13.39
N GLU D 336 29.70 40.93 -12.59
CA GLU D 336 29.53 39.62 -11.96
C GLU D 336 28.14 39.48 -11.36
N ASN D 337 27.67 40.50 -10.64
CA ASN D 337 26.35 40.36 -10.03
C ASN D 337 25.25 40.31 -11.09
N TYR D 338 25.52 40.71 -12.32
CA TYR D 338 24.49 40.59 -13.33
C TYR D 338 24.14 39.11 -13.55
N ILE D 339 25.16 38.25 -13.71
CA ILE D 339 24.84 36.86 -14.04
C ILE D 339 24.27 36.15 -12.83
N HIS D 340 24.70 36.56 -11.63
CA HIS D 340 24.14 35.93 -10.43
C HIS D 340 22.67 36.30 -10.29
N ARG D 341 22.35 37.58 -10.50
CA ARG D 341 20.96 38.01 -10.42
C ARG D 341 20.07 37.27 -11.38
N ILE D 342 20.48 37.16 -12.64
CA ILE D 342 19.57 36.54 -13.61
C ILE D 342 19.53 35.03 -13.43
N GLY D 343 20.51 34.46 -12.76
CA GLY D 343 20.46 33.05 -12.38
C GLY D 343 19.43 32.72 -11.34
N ARG D 344 18.81 33.73 -10.72
CA ARG D 344 17.76 33.38 -9.78
C ARG D 344 16.53 32.82 -10.50
N GLY D 345 16.38 33.11 -11.79
CA GLY D 345 15.25 32.70 -12.59
C GLY D 345 15.40 31.50 -13.52
N GLY D 346 16.56 30.83 -13.53
CA GLY D 346 16.69 29.60 -14.32
C GLY D 346 16.79 28.35 -13.46
N ARG D 347 17.65 27.41 -13.84
CA ARG D 347 18.03 26.26 -12.99
C ARG D 347 18.96 25.29 -13.76
N PHE D 348 18.73 23.98 -13.59
CA PHE D 348 19.39 23.00 -14.45
C PHE D 348 19.18 23.37 -15.91
N GLY D 349 17.92 23.37 -16.33
CA GLY D 349 17.53 23.84 -17.65
C GLY D 349 16.19 24.54 -17.57
N ARG D 350 15.81 24.95 -16.36
CA ARG D 350 14.59 25.71 -16.18
C ARG D 350 14.56 26.89 -17.15
N LYS D 351 13.43 27.08 -17.81
CA LYS D 351 13.27 28.22 -18.72
C LYS D 351 12.87 29.46 -17.91
N GLY D 352 13.23 30.63 -18.41
CA GLY D 352 12.97 31.86 -17.69
C GLY D 352 13.30 33.10 -18.52
N VAL D 353 13.24 34.26 -17.86
CA VAL D 353 13.42 35.54 -18.54
C VAL D 353 13.98 36.58 -17.58
N ALA D 354 14.80 37.48 -18.11
CA ALA D 354 15.30 38.62 -17.35
C ALA D 354 15.02 39.92 -18.10
N ILE D 355 14.46 40.91 -17.41
CA ILE D 355 14.14 42.20 -17.99
C ILE D 355 14.95 43.27 -17.29
N ASN D 356 15.73 44.03 -18.06
CA ASN D 356 16.52 45.15 -17.55
C ASN D 356 15.81 46.47 -17.88
N MET D 357 15.70 47.34 -16.89
CA MET D 357 15.16 48.69 -17.08
C MET D 357 16.33 49.68 -17.15
N VAL D 358 16.38 50.46 -18.23
CA VAL D 358 17.60 51.21 -18.57
C VAL D 358 17.24 52.61 -19.04
N THR D 359 17.98 53.59 -18.52
CA THR D 359 17.94 54.98 -18.96
C THR D 359 19.05 55.23 -19.96
N GLU D 360 19.08 56.45 -20.49
CA GLU D 360 20.21 56.85 -21.34
C GLU D 360 21.51 56.86 -20.55
N GLU D 361 21.44 57.05 -19.23
CA GLU D 361 22.61 56.84 -18.41
C GLU D 361 22.97 55.36 -18.30
N ASP D 362 22.01 54.46 -18.49
CA ASP D 362 22.25 53.03 -18.39
C ASP D 362 22.74 52.39 -19.69
N LYS D 363 22.41 52.98 -20.85
CA LYS D 363 22.70 52.35 -22.13
C LYS D 363 24.12 51.79 -22.15
N ARG D 364 25.06 52.50 -21.52
CA ARG D 364 26.47 52.12 -21.61
C ARG D 364 26.74 50.81 -20.88
N THR D 365 26.48 50.78 -19.57
CA THR D 365 26.80 49.59 -18.80
C THR D 365 26.06 48.36 -19.34
N LEU D 366 24.91 48.56 -19.98
CA LEU D 366 24.25 47.43 -20.64
C LEU D 366 25.15 46.86 -21.74
N ARG D 367 25.62 47.72 -22.64
CA ARG D 367 26.50 47.25 -23.72
C ARG D 367 27.81 46.69 -23.17
N ASP D 368 28.30 47.24 -22.06
CA ASP D 368 29.47 46.66 -21.41
C ASP D 368 29.17 45.26 -20.91
N ILE D 369 27.94 45.02 -20.44
CA ILE D 369 27.55 43.69 -20.01
C ILE D 369 27.58 42.72 -21.20
N GLU D 370 27.04 43.15 -22.34
CA GLU D 370 26.93 42.26 -23.51
C GLU D 370 28.32 41.89 -24.04
N THR D 371 29.21 42.86 -24.19
CA THR D 371 30.57 42.56 -24.61
C THR D 371 31.22 41.57 -23.65
N PHE D 372 31.23 41.91 -22.36
CA PHE D 372 31.91 41.14 -21.34
C PHE D 372 31.39 39.72 -21.24
N TYR D 373 30.18 39.46 -21.72
CA TYR D 373 29.57 38.14 -21.65
C TYR D 373 29.31 37.56 -23.04
N ASN D 374 29.60 38.29 -24.11
CA ASN D 374 29.31 37.88 -25.47
C ASN D 374 27.83 37.61 -25.70
N THR D 375 26.97 38.05 -24.76
CA THR D 375 25.53 37.87 -24.83
C THR D 375 24.88 39.06 -25.51
N SER D 376 23.65 38.85 -25.97
CA SER D 376 22.85 39.88 -26.63
C SER D 376 21.56 40.10 -25.86
N ILE D 377 21.23 41.36 -25.58
CA ILE D 377 20.07 41.74 -24.80
C ILE D 377 19.17 42.57 -25.70
N GLU D 378 17.96 42.07 -25.96
CA GLU D 378 17.07 42.60 -26.98
C GLU D 378 15.95 43.43 -26.35
N GLU D 379 15.36 44.31 -27.16
CA GLU D 379 14.21 45.08 -26.72
C GLU D 379 13.05 44.15 -26.41
N MET D 380 12.33 44.44 -25.34
CA MET D 380 11.26 43.56 -24.90
C MET D 380 10.17 43.50 -25.96
N PRO D 381 9.85 42.32 -26.52
CA PRO D 381 8.76 42.15 -27.49
C PRO D 381 7.39 42.02 -26.83
MG MG I . 4.74 0.98 -23.48
PG ANP J . 4.53 4.22 -23.09
O1G ANP J . 3.32 5.03 -22.86
O2G ANP J . 4.17 2.74 -22.73
O3G ANP J . 5.74 4.60 -22.22
PB ANP J . 6.04 3.31 -25.47
O1B ANP J . 5.85 1.88 -24.88
O2B ANP J . 7.51 3.74 -25.38
N3B ANP J . 5.01 4.38 -24.73
PA ANP J . 4.75 2.32 -27.90
O1A ANP J . 5.63 1.12 -27.97
O2A ANP J . 3.30 2.22 -27.41
O3A ANP J . 5.47 3.42 -26.97
O5' ANP J . 4.94 3.00 -29.29
C5' ANP J . 4.27 4.26 -29.57
C4' ANP J . 3.98 4.40 -31.04
O4' ANP J . 5.24 4.51 -31.72
C3' ANP J . 3.23 3.24 -31.67
O3' ANP J . 2.11 3.67 -32.46
C2' ANP J . 4.31 2.49 -32.44
O2' ANP J . 3.78 1.76 -33.55
C1' ANP J . 5.23 3.65 -32.83
N9 ANP J . 6.60 3.29 -33.13
C8 ANP J . 7.47 2.58 -32.36
N7 ANP J . 8.66 2.46 -32.88
C5 ANP J . 8.58 3.14 -34.08
C6 ANP J . 9.51 3.38 -35.10
N6 ANP J . 10.76 2.95 -35.08
N1 ANP J . 9.09 4.10 -36.17
C2 ANP J . 7.84 4.55 -36.19
N3 ANP J . 6.88 4.38 -35.29
C4 ANP J . 7.32 3.67 -34.24
HNB1 ANP J . 4.23 4.30 -25.20
H5'1 ANP J . 4.84 4.99 -29.28
H5'2 ANP J . 3.43 4.29 -29.07
H4' ANP J . 3.48 5.22 -31.23
H3' ANP J . 2.90 2.66 -30.97
H2' ANP J . 4.83 1.91 -31.88
HO2' ANP J . 4.35 1.14 -33.79
H1' ANP J . 4.84 4.08 -33.61
H8 ANP J . 7.24 2.21 -31.51
HN61 ANP J . 11.41 3.43 -34.62
HN62 ANP J . 10.97 2.17 -35.51
H2 ANP J . 7.59 5.08 -36.97
MG MG K . -19.88 -31.90 5.36
PG ANP L . -21.70 -31.11 7.96
O1G ANP L . -23.06 -30.39 8.04
O2G ANP L . -21.48 -31.72 6.56
O3G ANP L . -21.64 -32.30 8.99
PB ANP L . -18.96 -30.18 8.07
O1B ANP L . -18.73 -30.98 6.85
O2B ANP L . -18.25 -30.64 9.33
N3B ANP L . -20.61 -29.90 8.37
PA ANP L . -17.75 -27.95 6.56
O1A ANP L . -16.55 -28.78 6.13
O2A ANP L . -18.80 -27.66 5.47
O3A ANP L . -18.48 -28.70 7.80
O5' ANP L . -17.10 -26.64 7.10
C5' ANP L . -17.97 -25.69 7.88
C4' ANP L . -17.38 -24.30 7.77
O4' ANP L . -16.20 -24.24 8.61
C3' ANP L . -16.92 -23.91 6.37
O3' ANP L . -17.26 -22.57 6.02
C2' ANP L . -15.39 -24.05 6.43
O2' ANP L . -14.72 -23.16 5.55
C1' ANP L . -15.12 -23.71 7.88
N9 ANP L . -13.91 -24.30 8.41
C8 ANP L . -13.51 -25.60 8.29
N7 ANP L . -12.37 -25.85 8.88
C5 ANP L . -12.01 -24.65 9.46
C6 ANP L . -10.92 -24.25 10.24
N6 ANP L . -9.90 -25.05 10.58
N1 ANP L . -10.88 -22.96 10.66
C2 ANP L . -11.88 -22.14 10.31
N3 ANP L . -12.95 -22.40 9.57
C4 ANP L . -12.98 -23.69 9.19
HNB1 ANP L . -20.83 -29.18 7.88
H5'1 ANP L . -18.00 -25.96 8.82
H5'2 ANP L . -18.87 -25.70 7.52
H4' ANP L . -18.00 -23.62 8.10
H3' ANP L . -17.31 -24.55 5.76
H2' ANP L . -15.15 -24.97 6.27
HO2' ANP L . -14.08 -23.60 5.12
H1' ANP L . -15.11 -22.74 7.96
H8 ANP L . -14.01 -26.26 7.82
HN61 ANP L . -9.99 -25.59 11.32
HN62 ANP L . -9.14 -25.05 10.09
H2 ANP L . -11.82 -21.24 10.66
MG MG M . -2.43 -2.88 23.84
PG ANP N . -5.51 -3.76 23.17
O1G ANP N . -6.68 -2.86 22.87
O2G ANP N . -4.21 -3.06 22.87
O3G ANP N . -5.54 -5.13 22.44
PB ANP N . -4.46 -4.72 25.75
O1B ANP N . -3.15 -4.10 25.27
O2B ANP N . -4.42 -6.25 25.81
N3B ANP N . -5.69 -4.17 24.81
PA ANP N . -4.19 -3.05 28.12
O1A ANP N . -2.75 -3.44 28.39
O2A ANP N . -4.46 -1.71 27.49
O3A ANP N . -4.90 -4.19 27.18
O5' ANP N . -4.98 -3.28 29.47
C5' ANP N . -6.35 -2.99 29.54
C4' ANP N . -6.78 -2.67 30.94
O4' ANP N . -6.61 -3.83 31.79
C3' ANP N . -6.01 -1.52 31.59
O3' ANP N . -6.91 -0.60 32.20
C2' ANP N . -5.08 -2.26 32.56
O2' ANP N . -4.74 -1.46 33.70
C1' ANP N . -5.94 -3.43 32.97
N9 ANP N . -5.20 -4.58 33.48
C8 ANP N . -4.16 -5.19 32.86
N7 ANP N . -3.71 -6.25 33.47
C5 ANP N . -4.54 -6.37 34.57
C6 ANP N . -4.56 -7.27 35.64
N6 ANP N . -3.73 -8.30 35.76
N1 ANP N . -5.50 -7.07 36.61
C2 ANP N . -6.34 -6.04 36.49
N3 ANP N . -6.39 -5.12 35.53
C4 ANP N . -5.46 -5.33 34.60
HNB1 ANP N . -5.92 -3.39 25.21
H5'1 ANP N . -6.54 -2.24 28.97
H5'2 ANP N . -6.85 -3.77 29.23
H4' ANP N . -7.73 -2.46 30.98
H3' ANP N . -5.44 -1.07 30.96
H2' ANP N . -4.30 -2.59 32.10
HO2' ANP N . -3.92 -1.68 33.95
H1' ANP N . -6.58 -3.12 33.64
H8 ANP N . -3.79 -4.87 32.03
HN61 ANP N . -3.30 -8.46 36.56
HN62 ANP N . -3.55 -8.85 35.04
H2 ANP N . -7.00 -5.96 37.19
MG MG O . 25.38 28.14 -5.27
PG ANP P . 24.56 29.40 -8.06
O1G ANP P . 23.56 30.46 -8.43
O2G ANP P . 25.03 29.45 -6.58
O3G ANP P . 25.93 29.49 -8.91
PB ANP P . 24.47 26.49 -7.85
O1B ANP P . 25.07 26.59 -6.46
O2B ANP P . 25.46 25.89 -8.88
N3B ANP P . 23.85 27.90 -8.44
PA ANP P . 22.46 24.84 -6.50
O1A ANP P . 23.45 24.03 -5.74
O2A ANP P . 21.69 25.86 -5.70
O3A ANP P . 23.20 25.55 -7.74
O5' ANP P . 21.47 23.78 -7.24
C5' ANP P . 20.43 24.30 -8.08
C4' ANP P . 19.29 23.32 -8.06
O4' ANP P . 19.76 22.09 -8.64
C3' ANP P . 18.74 22.94 -6.68
O3' ANP P . 17.31 22.98 -6.69
C2' ANP P . 19.31 21.55 -6.44
O2' ANP P . 18.55 20.77 -5.52
C1' ANP P . 19.36 21.01 -7.85
N9 ANP P . 20.30 19.92 -8.09
C8 ANP P . 21.61 19.87 -7.74
N7 ANP P . 22.22 18.78 -8.12
C5 ANP P . 21.24 18.07 -8.78
C6 ANP P . 21.24 16.80 -9.42
N6 ANP P . 22.31 16.00 -9.50
N1 ANP P . 20.10 16.41 -9.99
C2 ANP P . 19.02 17.20 -9.92
N3 ANP P . 18.89 18.38 -9.33
C4 ANP P . 20.04 18.76 -8.78
HNB1 ANP P . 23.01 27.94 -8.10
H5'1 ANP P . 20.76 24.40 -8.99
H5'2 ANP P . 20.14 25.17 -7.74
H4' ANP P . 18.53 23.65 -8.58
H3' ANP P . 19.09 23.54 -6.01
H2' ANP P . 20.22 21.60 -6.12
HO2' ANP P . 19.00 20.02 -5.34
H1' ANP P . 18.47 20.70 -8.07
H8 ANP P . 22.07 20.58 -7.27
HN61 ANP P . 23.06 16.27 -9.97
HN62 ANP P . 22.31 15.20 -9.06
H2 ANP P . 18.22 16.85 -10.36
C15 A1BB1 Q . 33.76 39.60 15.03
C16 A1BB1 Q . 34.66 40.29 15.81
C17 A1BB1 Q . 36.14 40.24 17.68
C18 A1BB1 Q . 35.04 41.58 15.44
C19 A1BB1 Q . 34.47 42.16 14.32
C20 A1BB1 Q . 30.80 42.08 11.54
C21 A1BB1 Q . 29.59 41.63 11.06
C22 A1BB1 Q . 28.66 42.59 10.71
C23 A1BB1 Q . 26.33 42.97 10.18
C24 A1BB1 Q . 28.91 43.96 10.90
C25 A1BB1 Q . 30.13 44.36 11.43
C26 A1BB1 Q . 29.62 46.64 11.35
C27 A1BB1 Q . 31.07 43.41 11.76
C28 A1BB1 Q . 32.44 43.56 12.39
C1 A1BB1 Q . 36.41 46.71 11.72
C10 A1BB1 Q . 36.83 39.68 11.01
C11 A1BB1 Q . 36.14 40.87 11.18
C12 A1BB1 Q . 32.95 42.08 12.29
C13 A1BB1 Q . 33.54 41.48 13.56
C14 A1BB1 Q . 33.19 40.20 13.93
C2 A1BB1 Q . 37.16 45.46 9.19
C29 A1BB1 Q . 33.18 45.28 13.74
C3 A1BB1 Q . 35.39 43.96 10.03
C30 A1BB1 Q . 33.21 46.20 14.92
C31 A1BB1 Q . 33.48 44.43 11.63
C4 A1BB1 Q . 34.63 43.48 11.27
C5 A1BB1 Q . 33.92 42.16 11.07
C6 A1BB1 Q . 34.76 40.93 10.90
C7 A1BB1 Q . 34.12 39.78 10.45
C8 A1BB1 Q . 34.82 38.60 10.31
C9 A1BB1 Q . 36.17 38.55 10.56
N1 A1BB1 Q . 36.35 44.89 10.25
N2 A1BB1 Q . 32.43 44.17 13.73
N3 A1BB1 Q . 33.86 45.45 12.64
O1 A1BB1 Q . 36.64 45.30 11.56
O2 A1BB1 Q . 35.16 43.54 8.89
O3 A1BB1 Q . 35.14 39.60 16.89
O4 A1BB1 Q . 31.81 41.25 11.94
O5 A1BB1 Q . 27.48 42.12 10.21
O6 A1BB1 Q . 30.55 45.63 11.71
O7 A1BB1 Q . 33.00 45.08 10.50
H15 A1BB1 Q . 33.52 38.71 15.25
H16 A1BB1 Q . 36.91 40.45 17.11
H18 A1BB1 Q . 35.79 41.06 18.05
H17 A1BB1 Q . 36.43 39.64 18.39
H19 A1BB1 Q . 35.68 42.04 15.95
H20 A1BB1 Q . 34.73 43.06 14.07
H21 A1BB1 Q . 29.41 40.71 10.96
H22 A1BB1 Q . 25.56 42.47 9.86
H23 A1BB1 Q . 26.15 43.30 11.08
H24 A1BB1 Q . 26.49 43.72 9.58
H25 A1BB1 Q . 28.24 44.60 10.68
H28 A1BB1 Q . 29.43 46.59 10.40
H27 A1BB1 Q . 28.80 46.51 11.85
H26 A1BB1 Q . 29.99 47.52 11.55
H1 A1BB1 Q . 36.53 46.95 12.65
H3 A1BB1 Q . 35.50 46.92 11.44
H2 A1BB1 Q . 37.03 47.21 11.17
H12 A1BB1 Q . 37.75 39.65 11.20
H13 A1BB1 Q . 36.57 41.63 11.49
H14 A1BB1 Q . 32.54 39.72 13.42
H5 A1BB1 Q . 36.61 46.00 8.61
H6 A1BB1 Q . 37.57 44.75 8.67
H4 A1BB1 Q . 37.86 46.01 9.58
H32 A1BB1 Q . 33.06 45.69 15.73
H31 A1BB1 Q . 32.52 46.87 14.83
H30 A1BB1 Q . 34.08 46.63 14.97
H7 A1BB1 Q . 35.30 43.38 11.98
H8 A1BB1 Q . 33.42 42.30 10.24
H9 A1BB1 Q . 33.20 39.80 10.25
H10 A1BB1 Q . 34.37 37.82 10.03
H11 A1BB1 Q . 36.65 37.74 10.43
H29 A1BB1 Q . 32.01 43.86 14.42
H33 A1BB1 Q . 33.56 45.69 10.29
C15 A1BB1 R . -4.03 -17.35 -6.62
C16 A1BB1 R . -3.80 -17.90 -7.88
C17 A1BB1 R . -3.56 -20.11 -6.98
C18 A1BB1 R . -3.85 -17.07 -8.99
C19 A1BB1 R . -4.14 -15.72 -8.83
C20 A1BB1 R . -5.89 -12.32 -8.77
C21 A1BB1 R . -6.30 -11.57 -9.86
C22 A1BB1 R . -7.41 -10.78 -9.70
C23 A1BB1 R . -9.10 -9.40 -10.71
C24 A1BB1 R . -8.08 -10.70 -8.48
C25 A1BB1 R . -7.64 -11.44 -7.39
C26 A1BB1 R . -9.44 -10.86 -5.92
C27 A1BB1 R . -6.53 -12.27 -7.56
C28 A1BB1 R . -5.85 -13.22 -6.61
C1 A1BB1 R . -2.60 -14.41 -2.69
C10 A1BB1 R . 0.06 -14.34 -7.17
C11 A1BB1 R . -1.15 -13.98 -6.60
C12 A1BB1 R . -4.60 -13.67 -7.46
C13 A1BB1 R . -4.36 -15.17 -7.58
C14 A1BB1 R . -4.31 -16.01 -6.47
C2 A1BB1 R . -2.01 -11.36 -2.35
C29 A1BB1 R . -6.83 -14.29 -4.84
C3 A1BB1 R . -2.94 -11.88 -4.57
C30 A1BB1 R . -7.80 -15.16 -4.12
C31 A1BB1 R . -5.28 -12.70 -5.26
C4 A1BB1 R . -3.77 -12.92 -5.34
C5 A1BB1 R . -3.43 -12.85 -6.82
C6 A1BB1 R . -2.08 -13.26 -7.35
C7 A1BB1 R . -1.80 -12.96 -8.68
C8 A1BB1 R . -0.59 -13.36 -9.24
C9 A1BB1 R . 0.34 -14.03 -8.47
N1 A1BB1 R . -2.84 -12.14 -3.27
N2 A1BB1 R . -6.80 -14.24 -6.18
N3 A1BB1 R . -5.93 -13.53 -4.25
O1 A1BB1 R . -3.49 -13.27 -2.73
O2 A1BB1 R . -2.37 -10.91 -5.09
O3 A1BB1 R . -3.55 -19.23 -8.11
O4 A1BB1 R . -4.82 -13.16 -8.81
O5 A1BB1 R . -7.83 -10.04 -10.77
O6 A1BB1 R . -8.18 -11.47 -6.13
O7 A1BB1 R . -5.57 -11.36 -5.06
H15 A1BB1 R . -3.98 -17.91 -5.86
H16 A1BB1 R . -3.40 -21.02 -7.28
H18 A1BB1 R . -4.43 -20.06 -6.54
H17 A1BB1 R . -2.87 -19.84 -6.35
H19 A1BB1 R . -3.69 -17.43 -9.85
H20 A1BB1 R . -4.19 -15.16 -9.61
H21 A1BB1 R . -5.84 -11.61 -10.69
H22 A1BB1 R . -9.28 -8.96 -11.55
H23 A1BB1 R . -9.09 -8.74 -10.00
H24 A1BB1 R . -9.80 -10.06 -10.52
H25 A1BB1 R . -8.84 -10.14 -8.39
H28 A1BB1 R . -9.69 -10.96 -4.98
H27 A1BB1 R . -10.12 -11.30 -6.47
H26 A1BB1 R . -9.39 -9.92 -6.15
H1 A1BB1 R . -3.09 -15.18 -2.38
H3 A1BB1 R . -1.88 -14.22 -2.07
H2 A1BB1 R . -2.24 -14.57 -3.57
H12 A1BB1 R . 0.70 -14.81 -6.65
H13 A1BB1 R . -1.34 -14.21 -5.71
H14 A1BB1 R . -4.47 -15.65 -5.59
H5 A1BB1 R . -2.12 -11.72 -1.44
H6 A1BB1 R . -2.30 -10.44 -2.36
H4 A1BB1 R . -1.08 -11.43 -2.62
H32 A1BB1 R . -8.00 -15.93 -4.68
H31 A1BB1 R . -8.61 -14.66 -3.96
H30 A1BB1 R . -7.42 -15.44 -3.28
H7 A1BB1 R . -3.55 -13.81 -4.99
H8 A1BB1 R . -3.48 -11.89 -6.98
H9 A1BB1 R . -2.43 -12.47 -9.20
H10 A1BB1 R . -0.41 -13.18 -10.15
H11 A1BB1 R . 1.18 -14.27 -8.85
H29 A1BB1 R . -7.27 -14.74 -6.71
H33 A1BB1 R . -5.35 -11.17 -4.26
C15 A1BB1 S . -25.55 -45.47 -14.42
C16 A1BB1 S . -25.87 -46.63 -15.14
C17 A1BB1 S . -25.17 -48.24 -16.74
C18 A1BB1 S . -27.05 -47.31 -14.86
C19 A1BB1 S . -27.93 -46.80 -13.90
C20 A1BB1 S . -29.25 -43.00 -11.67
C21 A1BB1 S . -29.22 -41.68 -11.28
C22 A1BB1 S . -30.41 -40.97 -11.29
C23 A1BB1 S . -31.43 -38.78 -11.26
C24 A1BB1 S . -31.61 -41.59 -11.66
C25 A1BB1 S . -31.61 -42.92 -12.04
C26 A1BB1 S . -33.98 -43.01 -12.23
C27 A1BB1 S . -30.41 -43.65 -12.05
C28 A1BB1 S . -30.11 -45.07 -12.47
C1 A1BB1 S . -30.20 -50.61 -11.41
C10 A1BB1 S . -24.98 -45.71 -9.47
C11 A1BB1 S . -26.29 -45.40 -9.82
C12 A1BB1 S . -28.54 -45.13 -12.09
C13 A1BB1 S . -27.61 -45.65 -13.18
C14 A1BB1 S . -26.43 -44.99 -13.48
C2 A1BB1 S . -31.13 -49.73 -8.72
C29 A1BB1 S . -31.36 -46.44 -13.84
C3 A1BB1 S . -30.06 -47.73 -9.70
C30 A1BB1 S . -32.19 -46.85 -15.05
C31 A1BB1 S . -30.76 -46.25 -11.66
C4 A1BB1 S . -29.61 -47.04 -10.99
C5 A1BB1 S . -28.55 -45.98 -10.75
C6 A1BB1 S . -27.16 -46.38 -10.31
C7 A1BB1 S . -26.67 -47.68 -10.39
C8 A1BB1 S . -25.38 -47.99 -10.00
C9 A1BB1 S . -24.53 -46.99 -9.53
N1 A1BB1 S . -30.66 -48.91 -9.84
N2 A1BB1 S . -30.55 -45.41 -13.85
N3 A1BB1 S . -31.43 -47.07 -12.73
O1 A1BB1 S . -30.91 -49.40 -11.14
O2 A1BB1 S . -29.87 -47.25 -8.58
O3 A1BB1 S . -24.96 -47.00 -16.08
O4 A1BB1 S . -28.13 -43.78 -11.78
O5 A1BB1 S . -30.37 -39.67 -10.89
O6 A1BB1 S . -32.71 -43.63 -12.44
O7 A1BB1 S . -31.69 -45.94 -10.68
H15 A1BB1 S . -24.74 -45.02 -14.59
H16 A1BB1 S . -26.00 -48.20 -17.24
H18 A1BB1 S . -25.21 -48.96 -16.10
H17 A1BB1 S . -24.43 -48.41 -17.36
H19 A1BB1 S . -27.27 -48.10 -15.32
H20 A1BB1 S . -28.75 -47.25 -13.74
H21 A1BB1 S . -28.41 -41.27 -11.01
H22 A1BB1 S . -32.26 -39.06 -10.84
H23 A1BB1 S . -31.53 -38.77 -12.23
H24 A1BB1 S . -31.21 -37.88 -10.96
H25 A1BB1 S . -32.42 -41.09 -11.64
H28 A1BB1 S . -34.11 -42.83 -11.28
H27 A1BB1 S . -34.03 -42.19 -12.73
H26 A1BB1 S . -34.69 -43.61 -12.54
H1 A1BB1 S . -30.37 -50.88 -12.34
H3 A1BB1 S . -29.25 -50.46 -11.30
H2 A1BB1 S . -30.50 -51.31 -10.82
H12 A1BB1 S . -24.41 -45.02 -9.17
H13 A1BB1 S . -26.59 -44.51 -9.75
H14 A1BB1 S . -26.22 -44.18 -13.03
H5 A1BB1 S . -31.59 -50.52 -9.06
H6 A1BB1 S . -30.37 -50.01 -8.19
H4 A1BB1 S . -31.74 -49.21 -8.17
H32 A1BB1 S . -33.01 -47.27 -14.75
H31 A1BB1 S . -31.68 -47.47 -15.59
H30 A1BB1 S . -32.40 -46.06 -15.57
H7 A1BB1 S . -29.24 -47.72 -11.59
H8 A1BB1 S . -28.94 -45.50 -9.99
H9 A1BB1 S . -27.25 -48.36 -10.70
H10 A1BB1 S . -25.08 -48.88 -10.04
H11 A1BB1 S . -23.66 -47.21 -9.26
H29 A1BB1 S . -30.29 -44.98 -14.57
H33 A1BB1 S . -31.30 -45.45 -10.11
C15 A1BB1 T . 13.61 9.80 9.94
C16 A1BB1 T . 14.51 9.90 8.89
C17 A1BB1 T . 16.80 10.25 8.18
C18 A1BB1 T . 14.07 9.76 7.58
C19 A1BB1 T . 12.72 9.57 7.33
C20 A1BB1 T . 8.52 10.12 9.16
C21 A1BB1 T . 7.60 10.39 10.15
C22 A1BB1 T . 6.50 11.14 9.77
C23 A1BB1 T . 4.61 12.40 10.58
C24 A1BB1 T . 6.32 11.61 8.48
C25 A1BB1 T . 7.27 11.34 7.50
C26 A1BB1 T . 6.29 12.61 5.76
C27 A1BB1 T . 8.38 10.57 7.86
C28 A1BB1 T . 9.61 10.18 7.07
C1 A1BB1 T . 12.26 6.99 3.63
C10 A1BB1 T . 12.56 5.06 8.38
C11 A1BB1 T . 11.87 6.03 7.67
C12 A1BB1 T . 10.34 9.24 8.11
C13 A1BB1 T . 11.81 9.52 8.37
C14 A1BB1 T . 12.26 9.61 9.68
C2 A1BB1 T . 9.50 5.52 3.17
C29 A1BB1 T . 10.49 11.26 5.26
C3 A1BB1 T . 9.56 6.77 5.29
C30 A1BB1 T . 11.10 12.37 4.47
C31 A1BB1 T . 9.46 9.32 5.77
C4 A1BB1 T . 10.16 7.97 6.06
C5 A1BB1 T . 10.03 7.81 7.56
C6 A1BB1 T . 10.82 6.73 8.25
C7 A1BB1 T . 10.49 6.45 9.58
C8 A1BB1 T . 11.18 5.48 10.28
C9 A1BB1 T . 12.21 4.79 9.68
N1 A1BB1 T . 10.00 6.59 4.04
N2 A1BB1 T . 10.28 11.37 6.59
N3 A1BB1 T . 10.12 10.11 4.75
O1 A1BB1 T . 10.91 7.47 3.46
O2 A1BB1 T . 8.72 6.04 5.80
O3 A1BB1 T . 15.83 10.09 9.21
O4 A1BB1 T . 9.67 9.42 9.38
O5 A1BB1 T . 5.57 11.37 10.76
O6 A1BB1 T . 7.29 11.71 6.19
O7 A1BB1 T . 8.12 9.16 5.48
H15 A1BB1 T . 13.92 9.86 10.83
H16 A1BB1 T . 17.67 10.37 8.57
H18 A1BB1 T . 16.57 11.02 7.64
H17 A1BB1 T . 16.80 9.45 7.61
H19 A1BB1 T . 14.68 9.79 6.88
H20 A1BB1 T . 12.42 9.47 6.42
H21 A1BB1 T . 7.71 10.08 11.03
H22 A1BB1 T . 5.06 13.24 10.41
H23 A1BB1 T . 4.04 12.18 9.82
H24 A1BB1 T . 4.06 12.47 11.38
H25 A1BB1 T . 5.55 12.12 8.25
H28 A1BB1 T . 6.37 13.45 6.26
H27 A1BB1 T . 6.42 12.80 4.81
H26 A1BB1 T . 5.42 12.23 5.90
H1 A1BB1 T . 12.45 6.90 4.58
H3 A1BB1 T . 12.36 6.14 3.20
H2 A1BB1 T . 12.89 7.63 3.24
H12 A1BB1 T . 13.27 4.60 7.97
H13 A1BB1 T . 12.12 6.23 6.78
H14 A1BB1 T . 11.65 9.55 10.40
H5 A1BB1 T . 9.83 4.66 3.49
H6 A1BB1 T . 8.53 5.51 3.17
H4 A1BB1 T . 9.82 5.67 2.26
H32 A1BB1 T . 10.87 13.21 4.87
H31 A1BB1 T . 12.06 12.26 4.45
H30 A1BB1 T . 10.75 12.35 3.56
H7 A1BB1 T . 11.11 8.02 5.80
H8 A1BB1 T . 9.07 7.60 7.69
H9 A1BB1 T . 9.79 6.92 9.99
H10 A1BB1 T . 10.94 5.29 11.17
H11 A1BB1 T . 12.68 4.12 10.16
H29 A1BB1 T . 10.52 12.05 7.09
H33 A1BB1 T . 8.05 8.83 4.70
#